data_7FHK
#
_entry.id   7FHK
#
_cell.length_a   1.00
_cell.length_b   1.00
_cell.length_c   1.00
_cell.angle_alpha   90.00
_cell.angle_beta   90.00
_cell.angle_gamma   90.00
#
_symmetry.space_group_name_H-M   'P 1'
#
loop_
_entity.id
_entity.type
_entity.pdbx_description
1 polymer 'Two pore calcium channel protein 1,GFP'
2 polymer AtTPC1-Cter
3 non-polymer 'CALCIUM ION'
#
loop_
_entity_poly.entity_id
_entity_poly.type
_entity_poly.pdbx_seq_one_letter_code
_entity_poly.pdbx_strand_id
1 'polypeptide(L)'
;MEDPLIGRDSLGGGGTDRVRRSEAITHGTPFQKAAALVDLAEDGIGLPVEILDQSSFGESARYYFIFTRLDLIWSLNYFA
LLFLNFFEQPLWCEKNPKPSCKDRDYYYLGELPYLTNAESIIYEVITLAILLVHTFFPISYEGSRIFWTSRLNLVKVACV
VILFVDVLVDFLYLSPLAFDFLPFRIAPYVRVIIFILSIRELRDTLVLLSGMLGTYLNILALWMLFLLFASWIAFVMFED
TQQGLTVFTSYGATLYQMFILFTTSNNPDVWIPAYKSSRWSSVFFVLYVLIGVYFVTNLILAVVYDSFKEQLAKQVSGMD
QMKRRMLEKAFGLIDSDKNGEIDKNQCIKLFEQLTNYRTLPKISKEEFGLIFDELDDTRDFKINKDEFADLCQAIALRFQ
KEEVPSLFEHFPQIYHSALSQQLRAFVRSPNFGYAISFILIINFIAVVVETTLDIEESSAQKPWQVAEFVFGWIYVLEMA
LKIYTYGFENYWREGANRFDFLVTWVIVIGETATFITPDENTFFSNGEWIRYLLLARMLRLIRLLMNVQRYRAFIATFIT
LIPSLMPYLGTIFCVLCIYCSIGVQVFGGLVNAGNKKLFETELAEDDYLLFNFNDYPNGMVTLFNLLVMGNWQVWMESYK
DLTGTWWSITYFVSFYVITILLLLNLVVAFVLEAFFTELDLEEEEKCQGQDSQEKRNRRRSAGSKSRSQRVDTLLHHMLG
DELSKPECSTSDTSTAGLVPRGSAAAAVSKGEELFTGVVPILVELDGDVNGHKFSVSGEGEGDATYGKLTLKFICTTGKL
PVPWPTLVTTLTYGVQCFSRYPDHMKQHDFFKSAMPEGYVQERTIFFKDDGNYKTRAEVKFEGDTLVNRIELKGIDFKED
GNILGHKLEYNYNSHNVYIMADKQKNGIKVNFKIRHNIEDGSVQLADHYQQNTPIGDGPVLLPDNHYLSTQSKLSKDPNE
KRDHMVLLEFVTAAGITLGMDELYKSGLRSHHHHHHHH
;
A,C
2 'polypeptide(L)' (UNK)(UNK)(UNK)(UNK)(UNK)(UNK)(UNK)(UNK)(UNK)(UNK)(UNK)(UNK) B,D
#
# COMPACT_ATOMS: atom_id res chain seq x y z
N ARG A 18 11.80 41.66 25.06
CA ARG A 18 12.89 42.29 24.34
C ARG A 18 14.23 41.75 24.83
N VAL A 19 14.20 40.53 25.35
CA VAL A 19 15.39 39.86 25.88
C VAL A 19 15.57 38.54 25.15
N ARG A 20 16.78 38.28 24.66
CA ARG A 20 17.03 37.07 23.90
C ARG A 20 16.92 35.84 24.79
N ARG A 21 16.43 34.74 24.21
CA ARG A 21 16.09 33.56 24.99
C ARG A 21 17.32 32.93 25.63
N SER A 22 18.40 32.79 24.87
CA SER A 22 19.62 32.18 25.42
C SER A 22 20.19 33.04 26.54
N GLU A 23 20.23 34.35 26.35
CA GLU A 23 20.68 35.24 27.42
C GLU A 23 19.76 35.16 28.62
N ALA A 24 18.45 35.02 28.38
CA ALA A 24 17.50 34.90 29.47
C ALA A 24 17.76 33.65 30.31
N ILE A 25 18.08 32.54 29.65
CA ILE A 25 18.38 31.31 30.40
C ILE A 25 19.68 31.47 31.16
N THR A 26 20.73 31.96 30.50
CA THR A 26 22.04 32.00 31.14
C THR A 26 22.09 33.07 32.23
N HIS A 27 21.34 34.16 32.08
CA HIS A 27 21.31 35.24 33.06
C HIS A 27 19.88 35.77 33.18
N GLY A 28 19.46 36.00 34.41
CA GLY A 28 18.17 36.64 34.63
C GLY A 28 17.52 36.13 35.90
N THR A 29 16.39 36.74 36.23
CA THR A 29 15.59 36.38 37.39
C THR A 29 14.89 35.05 37.13
N PRO A 30 14.42 34.38 38.19
CA PRO A 30 13.74 33.09 37.99
C PRO A 30 12.56 33.17 37.04
N PHE A 31 11.85 34.30 37.01
CA PHE A 31 10.77 34.45 36.04
C PHE A 31 11.27 34.38 34.62
N GLN A 32 12.41 35.04 34.34
CA GLN A 32 12.99 34.99 33.01
C GLN A 32 13.36 33.57 32.62
N LYS A 33 14.00 32.84 33.54
CA LYS A 33 14.41 31.47 33.26
C LYS A 33 13.20 30.58 33.02
N ALA A 34 12.16 30.74 33.83
CA ALA A 34 10.95 29.93 33.63
C ALA A 34 10.30 30.22 32.29
N ALA A 35 10.20 31.50 31.92
CA ALA A 35 9.60 31.84 30.64
C ALA A 35 10.41 31.28 29.48
N ALA A 36 11.74 31.38 29.56
CA ALA A 36 12.56 30.87 28.48
C ALA A 36 12.50 29.34 28.42
N LEU A 37 12.39 28.68 29.57
CA LEU A 37 12.29 27.23 29.58
C LEU A 37 10.98 26.76 28.95
N VAL A 38 9.86 27.43 29.28
CA VAL A 38 8.60 27.04 28.66
C VAL A 38 8.62 27.36 27.17
N ASP A 39 9.30 28.44 26.79
CA ASP A 39 9.44 28.75 25.36
C ASP A 39 10.20 27.66 24.63
N LEU A 40 11.32 27.21 25.21
CA LEU A 40 12.07 26.10 24.61
C LEU A 40 11.23 24.83 24.53
N ALA A 41 10.49 24.53 25.61
CA ALA A 41 9.68 23.32 25.62
C ALA A 41 8.63 23.36 24.52
N GLU A 42 7.97 24.50 24.34
CA GLU A 42 6.96 24.59 23.29
C GLU A 42 7.59 24.59 21.91
N ASP A 43 8.78 25.17 21.78
CA ASP A 43 9.45 25.21 20.48
C ASP A 43 9.89 23.81 20.04
N GLY A 44 10.01 22.89 20.99
CA GLY A 44 10.42 21.53 20.71
C GLY A 44 11.87 21.23 21.00
N ILE A 45 12.71 22.25 21.14
CA ILE A 45 14.12 22.01 21.47
C ILE A 45 14.24 21.51 22.90
N GLY A 46 14.95 20.40 23.06
CA GLY A 46 15.09 19.79 24.37
C GLY A 46 16.48 19.90 24.95
N LEU A 47 16.59 20.54 26.10
CA LEU A 47 17.89 20.66 26.75
C LEU A 47 18.35 19.29 27.27
N PRO A 48 19.66 19.09 27.40
CA PRO A 48 20.16 17.84 27.99
C PRO A 48 19.64 17.67 29.41
N VAL A 49 19.38 16.41 29.77
CA VAL A 49 18.78 16.10 31.08
C VAL A 49 19.71 16.52 32.21
N GLU A 50 21.02 16.33 32.02
CA GLU A 50 21.97 16.63 33.08
C GLU A 50 21.95 18.11 33.43
N ILE A 51 21.83 18.97 32.42
CA ILE A 51 21.75 20.41 32.68
C ILE A 51 20.52 20.74 33.52
N LEU A 52 19.41 20.05 33.26
CA LEU A 52 18.21 20.26 34.08
C LEU A 52 18.42 19.77 35.50
N ASP A 53 19.12 18.64 35.67
CA ASP A 53 19.27 18.06 37.00
C ASP A 53 20.04 18.97 37.94
N GLN A 54 21.11 19.60 37.45
CA GLN A 54 21.97 20.40 38.31
C GLN A 54 21.29 21.71 38.72
N SER A 55 21.87 22.38 39.71
CA SER A 55 21.26 23.58 40.26
C SER A 55 21.70 24.83 39.50
N SER A 56 20.72 25.50 38.89
CA SER A 56 20.83 26.84 38.31
C SER A 56 21.63 26.86 37.01
N PHE A 57 22.32 25.76 36.69
CA PHE A 57 22.84 25.46 35.35
C PHE A 57 23.30 26.69 34.58
N GLY A 58 24.17 27.50 35.19
CA GLY A 58 24.62 28.71 34.52
C GLY A 58 25.72 28.52 33.49
N GLU A 59 26.90 28.10 33.95
CA GLU A 59 28.04 27.95 33.05
C GLU A 59 27.80 26.86 32.03
N SER A 60 27.17 25.76 32.45
CA SER A 60 26.89 24.67 31.53
C SER A 60 25.95 25.12 30.42
N ALA A 61 24.91 25.89 30.77
CA ALA A 61 24.00 26.38 29.76
C ALA A 61 24.70 27.38 28.83
N ARG A 62 25.59 28.20 29.38
CA ARG A 62 26.36 29.12 28.53
C ARG A 62 27.17 28.34 27.51
N TYR A 63 27.87 27.29 27.97
CA TYR A 63 28.66 26.48 27.05
C TYR A 63 27.77 25.76 26.03
N TYR A 64 26.62 25.24 26.48
CA TYR A 64 25.74 24.54 25.56
C TYR A 64 25.20 25.48 24.48
N PHE A 65 24.88 26.71 24.86
CA PHE A 65 24.39 27.67 23.86
C PHE A 65 25.49 28.09 22.90
N ILE A 66 26.70 28.38 23.40
CA ILE A 66 27.77 28.76 22.50
C ILE A 66 28.14 27.59 21.59
N PHE A 67 27.87 26.37 22.04
CA PHE A 67 28.08 25.21 21.18
C PHE A 67 27.01 25.11 20.11
N THR A 68 25.73 25.13 20.52
CA THR A 68 24.65 24.91 19.57
C THR A 68 24.50 26.08 18.61
N ARG A 69 25.15 27.21 18.90
CA ARG A 69 25.13 28.32 17.96
C ARG A 69 25.82 27.96 16.64
N LEU A 70 26.78 27.04 16.70
CA LEU A 70 27.56 26.66 15.54
C LEU A 70 27.09 25.37 14.88
N ASP A 71 25.79 25.10 14.89
CA ASP A 71 25.27 23.84 14.36
C ASP A 71 25.54 23.71 12.86
N LEU A 72 25.56 24.84 12.15
CA LEU A 72 25.78 24.80 10.70
C LEU A 72 27.14 24.22 10.36
N ILE A 73 28.17 24.61 11.10
CA ILE A 73 29.53 24.11 10.83
C ILE A 73 29.58 22.60 11.03
N TRP A 74 28.99 22.10 12.12
CA TRP A 74 29.00 20.67 12.36
C TRP A 74 28.24 19.92 11.27
N SER A 75 27.10 20.46 10.85
CA SER A 75 26.34 19.79 9.79
C SER A 75 27.11 19.76 8.48
N LEU A 76 27.78 20.87 8.13
CA LEU A 76 28.56 20.89 6.90
C LEU A 76 29.74 19.93 6.98
N ASN A 77 30.38 19.85 8.14
CA ASN A 77 31.46 18.88 8.31
C ASN A 77 30.94 17.46 8.14
N TYR A 78 29.78 17.16 8.71
CA TYR A 78 29.20 15.83 8.57
C TYR A 78 28.91 15.49 7.12
N PHE A 79 28.32 16.44 6.39
CA PHE A 79 27.99 16.17 4.99
C PHE A 79 29.25 16.03 4.14
N ALA A 80 30.28 16.83 4.42
CA ALA A 80 31.54 16.69 3.70
C ALA A 80 32.17 15.33 3.96
N LEU A 81 32.15 14.88 5.22
CA LEU A 81 32.70 13.58 5.55
C LEU A 81 31.93 12.47 4.85
N LEU A 82 30.60 12.59 4.79
CA LEU A 82 29.81 11.57 4.11
C LEU A 82 30.11 11.54 2.61
N PHE A 83 30.20 12.71 1.98
CA PHE A 83 30.41 12.77 0.54
C PHE A 83 31.87 12.60 0.13
N LEU A 84 32.79 12.47 1.09
CA LEU A 84 34.16 12.10 0.73
C LEU A 84 34.20 10.78 -0.04
N ASN A 85 33.28 9.86 0.24
CA ASN A 85 33.34 8.53 -0.35
C ASN A 85 33.31 8.58 -1.88
N PHE A 86 32.60 9.56 -2.44
CA PHE A 86 32.44 9.61 -3.90
C PHE A 86 33.79 9.83 -4.59
N PHE A 87 34.62 10.70 -4.02
CA PHE A 87 35.84 11.10 -4.71
C PHE A 87 37.02 10.18 -4.37
N GLU A 88 36.82 9.26 -3.43
CA GLU A 88 37.91 8.42 -3.00
C GLU A 88 38.20 7.32 -4.01
N GLN A 89 39.47 7.07 -4.26
CA GLN A 89 39.88 6.11 -5.29
C GLN A 89 39.51 4.69 -4.87
N PRO A 90 38.96 3.89 -5.78
CA PRO A 90 38.60 2.52 -5.43
C PRO A 90 39.81 1.67 -5.10
N LEU A 91 39.59 0.68 -4.23
CA LEU A 91 40.69 -0.16 -3.77
C LEU A 91 41.27 -1.01 -4.90
N TRP A 92 40.41 -1.57 -5.75
CA TRP A 92 40.88 -2.49 -6.78
C TRP A 92 41.83 -1.79 -7.75
N CYS A 93 41.74 -0.46 -7.84
CA CYS A 93 42.67 0.27 -8.69
C CYS A 93 44.06 0.34 -8.06
N GLU A 94 44.12 0.30 -6.73
CA GLU A 94 45.42 0.32 -6.06
C GLU A 94 46.24 -0.92 -6.40
N LYS A 95 45.60 -2.08 -6.46
CA LYS A 95 46.24 -3.25 -7.03
C LYS A 95 46.57 -2.97 -8.49
N ASN A 96 47.71 -3.48 -8.93
CA ASN A 96 48.18 -3.15 -10.27
C ASN A 96 47.27 -3.79 -11.32
N PRO A 97 46.61 -3.00 -12.16
CA PRO A 97 45.83 -3.58 -13.25
C PRO A 97 46.64 -3.67 -14.53
N LYS A 98 46.25 -4.57 -15.44
CA LYS A 98 47.00 -4.69 -16.69
C LYS A 98 46.95 -3.41 -17.52
N PRO A 99 45.79 -2.80 -17.80
CA PRO A 99 45.81 -1.42 -18.31
C PRO A 99 45.66 -0.42 -17.18
N SER A 100 46.27 0.75 -17.33
CA SER A 100 46.23 1.76 -16.26
C SER A 100 44.82 2.28 -16.07
N CYS A 101 44.51 2.69 -14.83
CA CYS A 101 43.20 3.23 -14.54
C CYS A 101 42.94 4.53 -15.27
N LYS A 102 44.01 5.22 -15.70
CA LYS A 102 43.82 6.49 -16.42
C LYS A 102 43.05 6.29 -17.71
N ASP A 103 43.06 5.08 -18.27
CA ASP A 103 42.24 4.75 -19.42
C ASP A 103 40.81 4.60 -18.91
N ARG A 104 40.10 5.72 -18.86
CA ARG A 104 38.82 5.76 -18.16
C ARG A 104 37.74 5.03 -18.95
N ASP A 105 37.88 4.95 -20.28
CA ASP A 105 36.85 4.32 -21.09
C ASP A 105 36.88 2.81 -20.98
N TYR A 106 38.04 2.24 -20.65
CA TYR A 106 38.19 0.80 -20.66
C TYR A 106 37.30 0.13 -19.61
N TYR A 107 37.21 0.72 -18.42
CA TYR A 107 36.52 0.09 -17.30
C TYR A 107 35.09 0.58 -17.14
N TYR A 108 34.57 1.36 -18.08
CA TYR A 108 33.17 1.81 -18.05
C TYR A 108 32.86 2.59 -16.76
N LEU A 109 33.55 3.72 -16.57
CA LEU A 109 33.39 4.53 -15.37
C LEU A 109 33.80 5.95 -15.70
N GLY A 110 33.54 6.87 -14.77
CA GLY A 110 34.09 8.20 -14.91
C GLY A 110 33.15 9.27 -14.39
N GLU A 111 33.41 10.50 -14.86
CA GLU A 111 32.65 11.71 -14.60
C GLU A 111 32.82 12.25 -13.18
N LEU A 112 33.79 11.75 -12.43
CA LEU A 112 34.16 12.36 -11.16
C LEU A 112 35.66 12.25 -11.00
N PRO A 113 36.30 13.25 -10.39
CA PRO A 113 37.76 13.20 -10.24
C PRO A 113 38.17 12.40 -9.03
N TYR A 114 39.07 11.42 -9.21
CA TYR A 114 39.49 10.60 -8.09
C TYR A 114 40.54 11.34 -7.27
N LEU A 115 40.31 11.38 -5.97
CA LEU A 115 41.13 12.19 -5.09
C LEU A 115 42.48 11.52 -4.87
N THR A 116 43.54 12.27 -5.14
CA THR A 116 44.90 11.73 -5.02
C THR A 116 45.27 11.55 -3.56
N ASN A 117 46.48 11.04 -3.33
CA ASN A 117 46.91 10.71 -1.98
C ASN A 117 47.04 11.95 -1.10
N ALA A 118 47.76 12.96 -1.57
CA ALA A 118 47.97 14.15 -0.77
C ALA A 118 46.65 14.89 -0.51
N GLU A 119 45.83 15.04 -1.54
CA GLU A 119 44.52 15.68 -1.36
C GLU A 119 43.66 14.90 -0.39
N SER A 120 43.67 13.57 -0.50
CA SER A 120 42.87 12.74 0.40
C SER A 120 43.33 12.90 1.83
N ILE A 121 44.65 12.91 2.07
CA ILE A 121 45.14 13.00 3.44
C ILE A 121 44.83 14.37 4.03
N ILE A 122 44.94 15.43 3.21
CA ILE A 122 44.61 16.76 3.71
C ILE A 122 43.13 16.85 4.07
N TYR A 123 42.26 16.36 3.19
CA TYR A 123 40.83 16.42 3.42
C TYR A 123 40.45 15.62 4.65
N GLU A 124 41.01 14.42 4.79
CA GLU A 124 40.73 13.57 5.94
C GLU A 124 41.21 14.22 7.23
N VAL A 125 42.39 14.84 7.21
CA VAL A 125 42.91 15.45 8.43
C VAL A 125 42.01 16.60 8.87
N ILE A 126 41.60 17.45 7.93
CA ILE A 126 40.74 18.59 8.30
C ILE A 126 39.41 18.09 8.86
N THR A 127 38.78 17.16 8.14
CA THR A 127 37.49 16.66 8.60
C THR A 127 37.60 15.96 9.95
N LEU A 128 38.68 15.20 10.15
CA LEU A 128 38.89 14.52 11.41
C LEU A 128 39.08 15.50 12.55
N ALA A 129 39.82 16.58 12.31
CA ALA A 129 40.02 17.58 13.36
C ALA A 129 38.68 18.20 13.77
N ILE A 130 37.87 18.61 12.79
CA ILE A 130 36.58 19.20 13.14
C ILE A 130 35.69 18.19 13.85
N LEU A 131 35.68 16.95 13.37
CA LEU A 131 34.87 15.91 14.00
C LEU A 131 35.31 15.67 15.44
N LEU A 132 36.62 15.59 15.68
CA LEU A 132 37.12 15.33 17.02
C LEU A 132 36.75 16.46 17.97
N VAL A 133 36.93 17.70 17.55
CA VAL A 133 36.60 18.81 18.45
C VAL A 133 35.10 18.83 18.72
N HIS A 134 34.28 18.51 17.71
CA HIS A 134 32.84 18.44 17.94
C HIS A 134 32.49 17.37 18.96
N THR A 135 33.07 16.17 18.82
CA THR A 135 32.68 15.06 19.67
C THR A 135 33.20 15.23 21.09
N PHE A 136 34.29 15.99 21.26
CA PHE A 136 34.84 16.14 22.60
C PHE A 136 34.48 17.50 23.21
N PHE A 137 33.72 18.32 22.49
CA PHE A 137 33.18 19.53 23.10
C PHE A 137 32.20 19.27 24.25
N PRO A 138 31.20 18.38 24.13
CA PRO A 138 30.14 18.38 25.15
C PRO A 138 30.54 17.75 26.47
N ILE A 139 31.82 17.37 26.63
CA ILE A 139 32.27 16.93 27.95
C ILE A 139 32.35 18.13 28.89
N SER A 140 32.38 19.34 28.32
CA SER A 140 32.56 20.53 29.14
C SER A 140 31.37 20.76 30.07
N TYR A 141 30.14 20.66 29.55
CA TYR A 141 28.98 20.96 30.38
C TYR A 141 28.37 19.71 30.98
N GLU A 142 28.42 18.59 30.25
CA GLU A 142 27.78 17.37 30.75
C GLU A 142 28.51 16.80 31.95
N GLY A 143 29.83 16.94 31.99
CA GLY A 143 30.62 16.44 33.10
C GLY A 143 31.30 15.13 32.75
N SER A 144 32.29 14.79 33.58
CA SER A 144 33.12 13.62 33.31
C SER A 144 32.33 12.32 33.43
N ARG A 145 31.61 12.15 34.54
CA ARG A 145 30.95 10.88 34.80
C ARG A 145 29.75 10.65 33.88
N ILE A 146 28.95 11.71 33.66
CA ILE A 146 27.76 11.56 32.83
C ILE A 146 28.14 11.27 31.38
N PHE A 147 29.17 11.95 30.87
CA PHE A 147 29.52 11.82 29.46
C PHE A 147 29.98 10.41 29.12
N TRP A 148 30.85 9.82 29.94
CA TRP A 148 31.46 8.54 29.59
C TRP A 148 30.50 7.39 29.80
N THR A 149 29.48 7.57 30.64
CA THR A 149 28.57 6.47 30.95
C THR A 149 27.61 6.20 29.79
N SER A 150 27.23 7.23 29.05
CA SER A 150 26.26 7.07 27.97
C SER A 150 26.82 6.22 26.84
N ARG A 151 25.98 5.35 26.30
CA ARG A 151 26.41 4.48 25.21
C ARG A 151 26.73 5.27 23.94
N LEU A 152 25.92 6.30 23.65
CA LEU A 152 26.09 7.05 22.42
C LEU A 152 27.45 7.72 22.34
N ASN A 153 27.88 8.35 23.44
CA ASN A 153 29.19 8.99 23.45
C ASN A 153 30.29 7.97 23.23
N LEU A 154 30.15 6.80 23.84
CA LEU A 154 31.18 5.76 23.69
C LEU A 154 31.25 5.26 22.26
N VAL A 155 30.11 5.04 21.61
CA VAL A 155 30.16 4.54 20.24
C VAL A 155 30.67 5.62 19.29
N LYS A 156 30.33 6.88 19.55
CA LYS A 156 30.87 7.97 18.74
C LYS A 156 32.39 8.07 18.91
N VAL A 157 32.88 7.92 20.14
CA VAL A 157 34.31 7.95 20.39
C VAL A 157 35.00 6.77 19.70
N ALA A 158 34.35 5.61 19.71
CA ALA A 158 34.91 4.45 19.03
C ALA A 158 35.04 4.71 17.53
N CYS A 159 34.00 5.27 16.92
CA CYS A 159 34.07 5.60 15.50
C CYS A 159 35.18 6.61 15.23
N VAL A 160 35.30 7.62 16.10
CA VAL A 160 36.32 8.65 15.91
C VAL A 160 37.72 8.05 16.01
N VAL A 161 37.96 7.18 17.00
CA VAL A 161 39.30 6.63 17.17
C VAL A 161 39.63 5.68 16.04
N ILE A 162 38.64 4.91 15.54
CA ILE A 162 38.89 4.07 14.37
C ILE A 162 39.29 4.93 13.18
N LEU A 163 38.55 6.03 12.95
CA LEU A 163 38.89 6.90 11.82
C LEU A 163 40.28 7.49 11.99
N PHE A 164 40.63 7.91 13.21
CA PHE A 164 41.93 8.51 13.45
C PHE A 164 43.06 7.52 13.23
N VAL A 165 42.91 6.29 13.74
CA VAL A 165 43.97 5.30 13.56
C VAL A 165 44.10 4.92 12.09
N ASP A 166 42.98 4.89 11.36
CA ASP A 166 43.05 4.63 9.92
C ASP A 166 43.81 5.74 9.21
N VAL A 167 43.52 7.00 9.55
CA VAL A 167 44.24 8.11 8.94
C VAL A 167 45.73 8.03 9.25
N LEU A 168 46.07 7.68 10.49
CA LEU A 168 47.47 7.60 10.89
C LEU A 168 48.19 6.49 10.12
N VAL A 169 47.58 5.31 9.99
CA VAL A 169 48.24 4.22 9.29
C VAL A 169 48.33 4.52 7.80
N ASP A 170 47.33 5.24 7.26
CA ASP A 170 47.43 5.71 5.87
C ASP A 170 48.60 6.66 5.70
N PHE A 171 48.78 7.58 6.65
CA PHE A 171 49.89 8.52 6.56
C PHE A 171 51.24 7.80 6.66
N LEU A 172 51.33 6.81 7.56
CA LEU A 172 52.56 6.05 7.67
C LEU A 172 52.82 5.22 6.41
N TYR A 173 51.76 4.72 5.78
CA TYR A 173 51.90 3.91 4.58
C TYR A 173 52.52 4.71 3.44
N LEU A 174 52.11 5.96 3.27
CA LEU A 174 52.61 6.80 2.19
C LEU A 174 53.96 7.39 2.54
N PHE A 181 49.96 -4.41 4.99
CA PHE A 181 49.01 -4.98 4.05
C PHE A 181 47.58 -4.89 4.59
N LEU A 182 46.61 -4.76 3.70
CA LEU A 182 45.21 -4.72 4.08
C LEU A 182 44.38 -5.49 3.06
N PRO A 183 43.54 -6.43 3.50
CA PRO A 183 42.62 -7.07 2.54
C PRO A 183 41.51 -6.14 2.10
N PHE A 184 41.02 -5.31 3.00
CA PHE A 184 39.95 -4.35 2.71
C PHE A 184 40.08 -3.18 3.65
N ARG A 185 39.48 -2.06 3.26
CA ARG A 185 39.53 -0.83 4.04
C ARG A 185 38.22 -0.68 4.81
N ILE A 186 38.33 -0.20 6.05
CA ILE A 186 37.15 -0.10 6.92
C ILE A 186 36.64 1.32 7.06
N ALA A 187 37.32 2.30 6.47
CA ALA A 187 36.88 3.69 6.60
C ALA A 187 35.48 3.94 6.03
N PRO A 188 35.13 3.54 4.80
CA PRO A 188 33.83 3.96 4.25
C PRO A 188 32.64 3.53 5.08
N TYR A 189 32.72 2.38 5.76
CA TYR A 189 31.62 1.96 6.61
C TYR A 189 31.53 2.83 7.86
N VAL A 190 32.67 3.21 8.41
CA VAL A 190 32.67 3.94 9.69
C VAL A 190 32.09 5.33 9.52
N ARG A 191 32.52 6.06 8.49
CA ARG A 191 32.10 7.45 8.35
C ARG A 191 30.61 7.55 8.00
N VAL A 192 30.06 6.49 7.42
CA VAL A 192 28.61 6.45 7.23
C VAL A 192 27.90 6.26 8.56
N ILE A 193 28.41 5.36 9.41
CA ILE A 193 27.81 5.12 10.71
C ILE A 193 27.87 6.37 11.57
N ILE A 194 29.01 7.06 11.57
CA ILE A 194 29.13 8.27 12.38
C ILE A 194 28.20 9.36 11.84
N PHE A 195 27.78 9.24 10.58
CA PHE A 195 26.81 10.17 10.04
C PHE A 195 25.40 9.82 10.48
N ILE A 196 25.13 8.52 10.72
CA ILE A 196 23.81 8.10 11.15
C ILE A 196 23.47 8.71 12.51
N LEU A 197 24.35 8.54 13.48
CA LEU A 197 24.08 8.95 14.84
C LEU A 197 24.52 10.38 15.13
N SER A 198 25.01 11.10 14.13
CA SER A 198 25.29 12.53 14.30
C SER A 198 24.01 13.35 14.24
N ILE A 199 23.06 12.95 13.40
CA ILE A 199 21.82 13.68 13.20
C ILE A 199 20.74 13.07 14.07
N ARG A 200 19.99 13.92 14.78
CA ARG A 200 18.99 13.43 15.71
C ARG A 200 17.88 12.67 15.00
N GLU A 201 17.46 13.15 13.83
CA GLU A 201 16.36 12.51 13.11
C GLU A 201 16.71 11.09 12.71
N LEU A 202 17.95 10.87 12.25
CA LEU A 202 18.34 9.54 11.82
C LEU A 202 18.47 8.58 13.00
N ARG A 203 18.86 9.10 14.17
CA ARG A 203 18.89 8.26 15.37
C ARG A 203 17.50 7.74 15.71
N ASP A 204 16.49 8.59 15.62
CA ASP A 204 15.13 8.19 15.96
C ASP A 204 14.62 7.10 15.03
N THR A 205 14.96 7.20 13.74
CA THR A 205 14.49 6.21 12.78
C THR A 205 15.05 4.82 13.08
N LEU A 206 16.34 4.74 13.45
CA LEU A 206 16.94 3.46 13.77
C LEU A 206 16.28 2.84 15.00
N VAL A 207 15.89 3.67 15.97
CA VAL A 207 15.17 3.16 17.13
C VAL A 207 13.86 2.51 16.71
N LEU A 208 13.18 3.09 15.72
CA LEU A 208 11.97 2.50 15.20
C LEU A 208 12.24 1.15 14.55
N LEU A 209 13.32 1.04 13.78
CA LEU A 209 13.60 -0.20 13.07
C LEU A 209 13.95 -1.32 14.02
N SER A 210 14.59 -0.99 15.14
CA SER A 210 14.93 -2.01 16.12
C SER A 210 13.67 -2.68 16.68
N GLY A 211 12.64 -1.89 16.97
CA GLY A 211 11.38 -2.47 17.41
C GLY A 211 10.67 -3.24 16.32
N MET A 212 10.78 -2.75 15.07
CA MET A 212 10.02 -3.35 13.98
C MET A 212 10.63 -4.66 13.50
N LEU A 213 11.91 -4.90 13.80
CA LEU A 213 12.58 -6.07 13.27
C LEU A 213 12.05 -7.36 13.89
N GLY A 214 11.61 -7.29 15.15
CA GLY A 214 11.12 -8.49 15.80
C GLY A 214 9.89 -9.06 15.11
N THR A 215 8.92 -8.20 14.79
CA THR A 215 7.72 -8.65 14.12
C THR A 215 8.00 -9.00 12.66
N TYR A 216 8.88 -8.24 12.02
CA TYR A 216 9.17 -8.45 10.61
C TYR A 216 9.81 -9.81 10.36
N LEU A 217 10.63 -10.28 11.29
CA LEU A 217 11.31 -11.55 11.10
C LEU A 217 10.33 -12.72 11.12
N ASN A 218 9.25 -12.61 11.91
CA ASN A 218 8.26 -13.68 11.96
C ASN A 218 7.62 -13.91 10.59
N ILE A 219 7.29 -12.81 9.89
CA ILE A 219 6.63 -12.94 8.60
C ILE A 219 7.56 -13.53 7.57
N LEU A 220 8.85 -13.16 7.62
CA LEU A 220 9.82 -13.70 6.67
C LEU A 220 9.89 -15.22 6.75
N ALA A 221 9.67 -15.78 7.94
CA ALA A 221 9.63 -17.24 8.07
C ALA A 221 8.47 -17.82 7.27
N LEU A 222 7.30 -17.17 7.34
CA LEU A 222 6.14 -17.65 6.58
C LEU A 222 6.34 -17.41 5.09
N TRP A 223 6.85 -16.24 4.71
CA TRP A 223 7.08 -15.96 3.30
C TRP A 223 8.09 -16.93 2.69
N MET A 224 9.18 -17.21 3.41
CA MET A 224 10.16 -18.15 2.90
C MET A 224 9.57 -19.57 2.84
N LEU A 225 8.73 -19.92 3.81
CA LEU A 225 8.09 -21.23 3.78
C LEU A 225 7.16 -21.36 2.58
N PHE A 226 6.43 -20.28 2.25
CA PHE A 226 5.57 -20.30 1.07
C PHE A 226 6.38 -20.46 -0.21
N LEU A 227 7.56 -19.86 -0.27
CA LEU A 227 8.41 -19.99 -1.45
C LEU A 227 8.91 -21.42 -1.61
N LEU A 228 9.33 -22.05 -0.50
CA LEU A 228 9.83 -23.42 -0.57
C LEU A 228 8.74 -24.39 -1.01
N PHE A 229 7.52 -24.21 -0.51
CA PHE A 229 6.44 -25.10 -0.87
C PHE A 229 6.04 -24.91 -2.33
N ALA A 230 5.88 -23.67 -2.77
CA ALA A 230 5.45 -23.42 -4.14
C ALA A 230 6.50 -23.86 -5.14
N SER A 231 7.79 -23.70 -4.80
CA SER A 231 8.85 -24.14 -5.69
C SER A 231 8.85 -25.66 -5.84
N TRP A 232 8.59 -26.37 -4.74
CA TRP A 232 8.59 -27.83 -4.79
C TRP A 232 7.47 -28.35 -5.69
N ILE A 233 6.29 -27.72 -5.62
CA ILE A 233 5.20 -28.13 -6.51
C ILE A 233 5.57 -27.89 -7.96
N ALA A 234 6.14 -26.72 -8.26
CA ALA A 234 6.50 -26.40 -9.64
C ALA A 234 7.58 -27.33 -10.15
N PHE A 235 8.54 -27.70 -9.30
CA PHE A 235 9.62 -28.59 -9.72
C PHE A 235 9.08 -29.98 -10.05
N VAL A 236 8.18 -30.50 -9.22
CA VAL A 236 7.71 -31.87 -9.42
C VAL A 236 6.66 -31.92 -10.53
N MET A 237 5.93 -30.82 -10.73
CA MET A 237 4.92 -30.80 -11.79
C MET A 237 5.56 -30.84 -13.16
N PHE A 238 6.65 -30.09 -13.37
CA PHE A 238 7.28 -29.98 -14.67
C PHE A 238 8.56 -30.79 -14.77
N GLU A 239 8.63 -31.94 -14.09
CA GLU A 239 9.86 -32.73 -14.13
C GLU A 239 10.16 -33.23 -15.54
N ASP A 240 9.19 -33.87 -16.18
CA ASP A 240 9.40 -34.41 -17.51
C ASP A 240 8.98 -33.45 -18.62
N THR A 241 8.35 -32.33 -18.27
CA THR A 241 7.92 -31.37 -19.26
C THR A 241 9.13 -30.73 -19.93
N GLN A 242 8.94 -30.32 -21.19
CA GLN A 242 10.01 -29.66 -21.92
C GLN A 242 10.47 -28.38 -21.20
N GLN A 243 9.55 -27.75 -20.46
CA GLN A 243 9.91 -26.56 -19.70
C GLN A 243 10.76 -26.90 -18.49
N GLY A 244 10.67 -28.14 -18.01
CA GLY A 244 11.54 -28.56 -16.91
C GLY A 244 12.99 -28.65 -17.33
N LEU A 245 13.25 -29.06 -18.57
CA LEU A 245 14.63 -29.15 -19.05
C LEU A 245 15.26 -27.77 -19.17
N THR A 246 14.47 -26.76 -19.53
CA THR A 246 15.04 -25.47 -19.89
C THR A 246 15.40 -24.65 -18.64
N VAL A 247 14.47 -24.52 -17.69
CA VAL A 247 14.71 -23.63 -16.56
C VAL A 247 14.68 -24.37 -15.22
N PHE A 248 13.63 -25.14 -14.96
CA PHE A 248 13.54 -25.88 -13.70
C PHE A 248 14.34 -27.18 -13.79
N THR A 249 15.65 -27.02 -13.98
CA THR A 249 16.52 -28.18 -14.15
C THR A 249 16.79 -28.88 -12.83
N SER A 250 16.79 -28.12 -11.73
CA SER A 250 17.06 -28.67 -10.41
C SER A 250 16.23 -27.90 -9.39
N TYR A 251 16.15 -28.45 -8.17
CA TYR A 251 15.41 -27.75 -7.12
C TYR A 251 16.07 -26.43 -6.76
N GLY A 252 17.40 -26.39 -6.77
CA GLY A 252 18.08 -25.14 -6.53
C GLY A 252 17.76 -24.10 -7.58
N ALA A 253 17.61 -24.53 -8.83
CA ALA A 253 17.30 -23.59 -9.91
C ALA A 253 15.86 -23.14 -9.85
N THR A 254 14.93 -24.05 -9.57
CA THR A 254 13.52 -23.68 -9.58
C THR A 254 13.16 -22.78 -8.42
N LEU A 255 13.84 -22.95 -7.28
CA LEU A 255 13.64 -22.02 -6.17
C LEU A 255 14.16 -20.64 -6.52
N TYR A 256 15.25 -20.58 -7.28
CA TYR A 256 15.81 -19.30 -7.71
C TYR A 256 14.87 -18.59 -8.67
N GLN A 257 14.23 -19.33 -9.57
CA GLN A 257 13.34 -18.72 -10.54
C GLN A 257 12.02 -18.29 -9.91
N MET A 258 11.47 -19.12 -9.02
CA MET A 258 10.20 -18.77 -8.40
C MET A 258 10.33 -17.55 -7.50
N PHE A 259 11.49 -17.38 -6.86
CA PHE A 259 11.71 -16.18 -6.05
C PHE A 259 11.66 -14.93 -6.90
N ILE A 260 12.29 -14.96 -8.07
CA ILE A 260 12.27 -13.80 -8.96
C ILE A 260 10.86 -13.54 -9.45
N LEU A 261 10.12 -14.60 -9.79
CA LEU A 261 8.75 -14.45 -10.26
C LEU A 261 7.86 -13.85 -9.18
N PHE A 262 8.24 -14.01 -7.91
CA PHE A 262 7.46 -13.42 -6.83
C PHE A 262 7.40 -11.91 -6.96
N THR A 263 8.52 -11.30 -7.37
CA THR A 263 8.52 -9.86 -7.63
C THR A 263 7.91 -9.52 -8.98
N THR A 264 7.60 -10.54 -9.78
CA THR A 264 7.03 -10.39 -11.12
C THR A 264 7.92 -9.57 -12.04
N SER A 265 9.23 -9.58 -11.80
CA SER A 265 10.14 -8.82 -12.65
C SER A 265 10.23 -9.46 -14.03
N ASN A 266 10.12 -10.78 -14.10
CA ASN A 266 10.04 -11.50 -15.37
C ASN A 266 8.84 -12.44 -15.33
N ASN A 267 7.66 -11.90 -15.63
CA ASN A 267 6.47 -12.75 -15.59
C ASN A 267 6.37 -13.66 -16.81
N PRO A 268 6.32 -13.16 -18.05
CA PRO A 268 6.13 -14.10 -19.16
C PRO A 268 7.39 -14.88 -19.49
N ASP A 269 8.57 -14.37 -19.12
CA ASP A 269 9.82 -15.00 -19.56
C ASP A 269 10.01 -16.37 -18.91
N VAL A 270 9.69 -16.52 -17.63
CA VAL A 270 10.07 -17.73 -16.91
C VAL A 270 9.26 -18.93 -17.39
N TRP A 271 7.95 -18.75 -17.60
CA TRP A 271 7.08 -19.88 -17.88
C TRP A 271 6.60 -19.93 -19.32
N ILE A 272 7.29 -19.29 -20.25
CA ILE A 272 6.86 -19.33 -21.65
C ILE A 272 7.16 -20.66 -22.31
N PRO A 273 8.25 -21.39 -22.01
CA PRO A 273 8.37 -22.73 -22.61
C PRO A 273 7.25 -23.67 -22.20
N ALA A 274 6.69 -23.48 -21.00
CA ALA A 274 5.56 -24.30 -20.58
C ALA A 274 4.29 -23.92 -21.34
N TYR A 275 4.09 -22.63 -21.57
CA TYR A 275 2.90 -22.17 -22.28
C TYR A 275 2.92 -22.65 -23.74
N LYS A 276 4.12 -22.73 -24.33
CA LYS A 276 4.23 -23.23 -25.69
C LYS A 276 3.84 -24.70 -25.77
N SER A 277 4.25 -25.50 -24.78
CA SER A 277 3.95 -26.92 -24.80
C SER A 277 2.46 -27.19 -24.57
N SER A 278 1.88 -26.56 -23.55
CA SER A 278 0.47 -26.75 -23.24
C SER A 278 -0.08 -25.48 -22.61
N ARG A 279 -1.19 -24.99 -23.16
CA ARG A 279 -1.76 -23.73 -22.68
C ARG A 279 -2.25 -23.86 -21.24
N TRP A 280 -2.67 -25.07 -20.86
CA TRP A 280 -3.20 -25.27 -19.51
C TRP A 280 -2.16 -25.02 -18.43
N SER A 281 -0.88 -25.00 -18.79
CA SER A 281 0.15 -24.72 -17.79
C SER A 281 0.05 -23.31 -17.25
N SER A 282 -0.62 -22.42 -17.97
CA SER A 282 -0.73 -21.04 -17.51
C SER A 282 -1.55 -20.93 -16.23
N VAL A 283 -2.45 -21.88 -15.99
CA VAL A 283 -3.34 -21.78 -14.83
C VAL A 283 -2.54 -21.84 -13.54
N PHE A 284 -1.53 -22.69 -13.47
CA PHE A 284 -0.71 -22.76 -12.27
C PHE A 284 0.06 -21.46 -12.06
N PHE A 285 0.62 -20.89 -13.13
CA PHE A 285 1.43 -19.69 -12.99
C PHE A 285 0.55 -18.47 -12.74
N VAL A 286 -0.67 -18.48 -13.28
CA VAL A 286 -1.65 -17.45 -12.92
C VAL A 286 -2.00 -17.54 -11.45
N LEU A 287 -2.22 -18.76 -10.95
CA LEU A 287 -2.60 -18.94 -9.56
C LEU A 287 -1.48 -18.50 -8.62
N TYR A 288 -0.24 -18.88 -8.92
CA TYR A 288 0.86 -18.57 -8.02
C TYR A 288 1.12 -17.07 -7.96
N VAL A 289 1.10 -16.41 -9.11
CA VAL A 289 1.31 -14.96 -9.13
C VAL A 289 0.18 -14.24 -8.42
N LEU A 290 -1.06 -14.68 -8.65
CA LEU A 290 -2.22 -14.04 -8.02
C LEU A 290 -2.15 -14.14 -6.51
N ILE A 291 -1.94 -15.34 -5.98
CA ILE A 291 -1.90 -15.52 -4.53
C ILE A 291 -0.62 -14.91 -3.96
N GLY A 292 0.48 -15.00 -4.70
CA GLY A 292 1.75 -14.48 -4.20
C GLY A 292 1.77 -12.97 -4.10
N VAL A 293 1.19 -12.28 -5.08
CA VAL A 293 1.33 -10.83 -5.17
C VAL A 293 0.19 -10.13 -4.45
N TYR A 294 -1.03 -10.61 -4.65
CA TYR A 294 -2.19 -9.87 -4.13
C TYR A 294 -2.45 -10.21 -2.67
N PHE A 295 -2.16 -11.44 -2.26
CA PHE A 295 -2.39 -11.85 -0.87
C PHE A 295 -1.16 -11.71 0.00
N VAL A 296 -0.07 -12.40 -0.34
CA VAL A 296 1.08 -12.46 0.55
C VAL A 296 1.79 -11.10 0.61
N THR A 297 2.01 -10.49 -0.55
CA THR A 297 2.76 -9.23 -0.59
C THR A 297 2.01 -8.12 0.14
N ASN A 298 0.69 -8.05 -0.03
CA ASN A 298 -0.09 -7.02 0.65
C ASN A 298 -0.13 -7.27 2.15
N LEU A 299 -0.18 -8.54 2.56
CA LEU A 299 -0.17 -8.86 3.98
C LEU A 299 1.13 -8.41 4.64
N ILE A 300 2.23 -8.48 3.89
CA ILE A 300 3.50 -7.99 4.42
C ILE A 300 3.44 -6.48 4.63
N LEU A 301 2.81 -5.75 3.69
CA LEU A 301 2.63 -4.32 3.87
C LEU A 301 1.75 -4.03 5.08
N ALA A 302 0.71 -4.84 5.29
CA ALA A 302 -0.15 -4.65 6.46
C ALA A 302 0.62 -4.87 7.75
N VAL A 303 1.47 -5.90 7.78
CA VAL A 303 2.27 -6.17 8.98
C VAL A 303 3.24 -5.03 9.25
N VAL A 304 3.92 -4.56 8.20
CA VAL A 304 4.88 -3.47 8.37
C VAL A 304 4.17 -2.19 8.76
N TYR A 305 2.97 -1.96 8.21
CA TYR A 305 2.20 -0.78 8.58
C TYR A 305 1.87 -0.77 10.06
N ASP A 306 1.43 -1.91 10.60
CA ASP A 306 1.07 -1.99 12.00
C ASP A 306 2.28 -1.75 12.90
N SER A 307 3.38 -2.47 12.65
CA SER A 307 4.56 -2.32 13.47
C SER A 307 5.06 -0.88 13.46
N PHE A 308 5.02 -0.23 12.30
CA PHE A 308 5.39 1.18 12.24
C PHE A 308 4.44 2.03 13.07
N LYS A 309 3.15 1.75 12.99
CA LYS A 309 2.18 2.57 13.72
C LYS A 309 2.34 2.43 15.22
N GLU A 310 2.59 1.21 15.70
CA GLU A 310 2.77 1.02 17.14
C GLU A 310 4.04 1.68 17.64
N GLN A 311 5.13 1.57 16.87
CA GLN A 311 6.40 2.15 17.30
C GLN A 311 6.37 3.67 17.21
N LEU A 312 5.63 4.22 16.26
CA LEU A 312 5.53 5.67 16.16
C LEU A 312 4.86 6.27 17.38
N ALA A 313 3.81 5.62 17.89
CA ALA A 313 3.19 6.07 19.13
C ALA A 313 4.15 5.97 20.30
N LYS A 314 5.02 4.95 20.29
CA LYS A 314 6.04 4.83 21.32
C LYS A 314 6.99 6.02 21.29
N GLN A 315 7.33 6.49 20.09
CA GLN A 315 8.25 7.62 19.98
C GLN A 315 7.57 8.93 20.36
N VAL A 316 6.33 9.13 19.93
CA VAL A 316 5.63 10.38 20.23
C VAL A 316 5.36 10.49 21.72
N SER A 317 4.90 9.41 22.35
CA SER A 317 4.63 9.45 23.79
C SER A 317 5.90 9.72 24.57
N GLY A 318 7.03 9.16 24.14
CA GLY A 318 8.29 9.46 24.79
C GLY A 318 8.69 10.92 24.61
N MET A 319 8.44 11.48 23.43
CA MET A 319 8.79 12.88 23.19
C MET A 319 7.95 13.81 24.06
N ASP A 320 6.64 13.54 24.17
CA ASP A 320 5.78 14.38 25.00
C ASP A 320 6.17 14.27 26.47
N GLN A 321 6.60 13.09 26.90
CA GLN A 321 7.03 12.92 28.28
C GLN A 321 8.24 13.79 28.60
N MET A 322 9.19 13.88 27.66
CA MET A 322 10.34 14.75 27.87
C MET A 322 9.92 16.21 27.96
N LYS A 323 8.97 16.64 27.12
CA LYS A 323 8.49 18.00 27.18
C LYS A 323 7.82 18.28 28.52
N ARG A 324 7.04 17.33 29.02
CA ARG A 324 6.36 17.51 30.30
C ARG A 324 7.37 17.64 31.44
N ARG A 325 8.46 16.87 31.38
CA ARG A 325 9.42 16.87 32.48
C ARG A 325 10.10 18.21 32.63
N MET A 326 10.50 18.84 31.52
CA MET A 326 11.19 20.12 31.62
C MET A 326 10.23 21.24 31.97
N LEU A 327 8.96 21.11 31.55
CA LEU A 327 7.97 22.11 31.93
C LEU A 327 7.73 22.11 33.42
N GLU A 328 7.62 20.93 34.03
CA GLU A 328 7.44 20.87 35.47
C GLU A 328 8.70 21.27 36.22
N LYS A 329 9.86 21.17 35.55
CA LYS A 329 11.09 21.71 36.13
C LYS A 329 11.03 23.22 36.23
N ALA A 330 10.45 23.88 35.23
CA ALA A 330 10.27 25.32 35.30
C ALA A 330 9.37 25.71 36.47
N PHE A 331 8.30 24.95 36.69
CA PHE A 331 7.44 25.20 37.85
C PHE A 331 8.21 24.99 39.15
N GLY A 332 9.07 23.99 39.19
CA GLY A 332 9.93 23.81 40.36
C GLY A 332 10.90 24.96 40.55
N LEU A 333 11.35 25.54 39.44
CA LEU A 333 12.31 26.64 39.52
C LEU A 333 11.67 27.90 40.12
N ILE A 334 10.48 28.27 39.66
CA ILE A 334 9.81 29.46 40.17
C ILE A 334 9.38 29.23 41.62
N ASP A 335 8.97 28.00 41.94
CA ASP A 335 8.56 27.66 43.30
C ASP A 335 9.81 27.57 44.17
N SER A 336 10.26 28.72 44.67
CA SER A 336 11.42 28.74 45.56
C SER A 336 11.08 28.06 46.88
N ASP A 337 9.81 28.14 47.31
CA ASP A 337 9.39 27.45 48.52
C ASP A 337 9.47 25.94 48.34
N LYS A 338 9.49 25.48 47.09
CA LYS A 338 9.55 24.06 46.71
C LYS A 338 8.54 23.21 47.49
N ASN A 339 7.42 23.82 47.86
CA ASN A 339 6.32 23.11 48.51
C ASN A 339 5.16 22.85 47.55
N GLY A 340 5.37 23.01 46.26
CA GLY A 340 4.29 22.84 45.29
C GLY A 340 3.22 23.90 45.38
N GLU A 341 3.60 25.15 45.60
CA GLU A 341 2.65 26.24 45.81
C GLU A 341 2.96 27.37 44.84
N ILE A 342 1.93 27.83 44.14
CA ILE A 342 2.02 28.99 43.25
C ILE A 342 0.86 29.92 43.57
N ASP A 343 1.16 31.20 43.77
CA ASP A 343 0.18 32.20 44.15
C ASP A 343 -0.22 33.04 42.95
N LYS A 344 -1.35 33.73 43.07
CA LYS A 344 -1.82 34.57 41.97
C LYS A 344 -0.85 35.70 41.67
N ASN A 345 -0.36 36.38 42.70
CA ASN A 345 0.59 37.47 42.49
C ASN A 345 1.88 36.96 41.89
N GLN A 346 2.20 35.68 42.11
CA GLN A 346 3.34 35.07 41.42
C GLN A 346 2.99 34.74 39.98
N CYS A 347 1.74 34.33 39.73
CA CYS A 347 1.34 33.93 38.39
C CYS A 347 1.35 35.12 37.43
N ILE A 348 0.88 36.28 37.90
CA ILE A 348 0.78 37.44 37.01
C ILE A 348 2.16 37.89 36.54
N LYS A 349 3.16 37.78 37.41
CA LYS A 349 4.52 38.13 37.02
C LYS A 349 5.02 37.22 35.91
N LEU A 350 4.78 35.92 36.03
CA LEU A 350 5.15 34.98 34.97
C LEU A 350 4.37 35.28 33.70
N PHE A 351 3.09 35.61 33.83
CA PHE A 351 2.27 35.90 32.65
C PHE A 351 2.81 37.10 31.90
N GLU A 352 3.28 38.12 32.63
CA GLU A 352 3.88 39.28 31.98
C GLU A 352 5.12 38.90 31.19
N GLN A 353 5.83 37.86 31.62
CA GLN A 353 7.03 37.44 30.91
C GLN A 353 6.69 36.76 29.60
N LEU A 354 5.71 35.86 29.60
CA LEU A 354 5.35 35.18 28.36
C LEU A 354 4.73 36.12 27.36
N THR A 355 3.88 37.05 27.81
CA THR A 355 3.32 38.02 26.87
C THR A 355 4.39 38.91 26.26
N ASN A 356 5.55 39.01 26.91
CA ASN A 356 6.69 39.65 26.27
C ASN A 356 7.27 38.77 25.18
N TYR A 357 7.17 37.44 25.35
CA TYR A 357 7.72 36.52 24.35
C TYR A 357 6.67 36.11 23.32
N ARG A 358 5.43 35.91 23.76
CA ARG A 358 4.35 35.48 22.88
C ARG A 358 3.24 36.51 22.89
N THR A 359 2.52 36.61 21.78
CA THR A 359 1.43 37.58 21.69
C THR A 359 0.27 37.15 22.59
N LEU A 360 -0.22 38.09 23.40
CA LEU A 360 -1.28 37.82 24.36
C LEU A 360 -2.12 39.07 24.51
N PRO A 361 -3.40 38.92 24.87
CA PRO A 361 -4.22 40.11 25.13
C PRO A 361 -3.69 40.92 26.29
N LYS A 362 -3.81 42.23 26.18
CA LYS A 362 -3.35 43.11 27.24
C LYS A 362 -4.20 42.91 28.49
N ILE A 363 -3.54 42.89 29.66
CA ILE A 363 -4.19 42.63 30.93
C ILE A 363 -4.08 43.87 31.80
N SER A 364 -5.20 44.29 32.38
CA SER A 364 -5.20 45.41 33.31
C SER A 364 -4.80 44.94 34.70
N LYS A 365 -4.19 45.86 35.47
CA LYS A 365 -3.76 45.51 36.82
C LYS A 365 -4.95 45.14 37.69
N GLU A 366 -6.05 45.89 37.58
CA GLU A 366 -7.24 45.56 38.36
C GLU A 366 -7.95 44.34 37.80
N GLU A 367 -7.71 44.02 36.52
CA GLU A 367 -8.51 42.99 35.87
C GLU A 367 -8.21 41.60 36.41
N PHE A 368 -6.92 41.25 36.54
CA PHE A 368 -6.59 39.89 36.99
C PHE A 368 -7.07 39.66 38.42
N GLY A 369 -7.23 40.74 39.19
CA GLY A 369 -7.91 40.61 40.47
C GLY A 369 -9.37 40.25 40.30
N LEU A 370 -10.04 40.86 39.32
CA LEU A 370 -11.42 40.51 39.02
C LEU A 370 -11.52 39.09 38.44
N ILE A 371 -10.47 38.65 37.76
CA ILE A 371 -10.47 37.31 37.18
C ILE A 371 -10.56 36.25 38.27
N PHE A 372 -9.80 36.44 39.36
CA PHE A 372 -9.72 35.41 40.39
C PHE A 372 -11.04 35.26 41.14
N ASP A 373 -11.64 36.37 41.58
CA ASP A 373 -12.82 36.28 42.43
C ASP A 373 -14.00 35.66 41.69
N GLU A 374 -14.21 36.04 40.43
CA GLU A 374 -15.31 35.46 39.67
C GLU A 374 -15.05 34.00 39.35
N LEU A 375 -13.77 33.61 39.24
CA LEU A 375 -13.43 32.24 38.92
C LEU A 375 -13.87 31.29 40.03
N ASP A 376 -13.49 31.57 41.28
CA ASP A 376 -13.85 30.75 42.41
C ASP A 376 -14.03 31.64 43.63
N ASP A 377 -14.82 31.16 44.58
CA ASP A 377 -14.99 31.82 45.86
C ASP A 377 -13.90 31.47 46.86
N THR A 378 -13.02 30.54 46.51
CA THR A 378 -11.93 30.16 47.40
C THR A 378 -10.96 31.31 47.57
N ARG A 379 -10.36 31.40 48.76
CA ARG A 379 -9.42 32.45 49.09
C ARG A 379 -8.01 31.88 49.10
N ASP A 380 -7.08 32.60 48.48
CA ASP A 380 -5.68 32.18 48.36
C ASP A 380 -5.59 30.80 47.70
N PHE A 381 -6.25 30.66 46.55
CA PHE A 381 -6.24 29.39 45.83
C PHE A 381 -4.84 29.11 45.28
N LYS A 382 -4.43 27.84 45.39
CA LYS A 382 -3.10 27.41 44.99
C LYS A 382 -3.15 26.78 43.61
N ILE A 383 -2.29 27.27 42.71
CA ILE A 383 -2.14 26.64 41.41
C ILE A 383 -1.14 25.51 41.52
N ASN A 384 -1.62 24.28 41.46
CA ASN A 384 -0.74 23.15 41.75
C ASN A 384 0.18 22.84 40.58
N LYS A 385 1.06 21.87 40.80
CA LYS A 385 2.11 21.58 39.82
C LYS A 385 1.55 21.11 38.49
N ASP A 386 0.54 20.23 38.53
CA ASP A 386 0.08 19.60 37.30
C ASP A 386 -0.73 20.55 36.44
N GLU A 387 -1.61 21.35 37.06
CA GLU A 387 -2.49 22.20 36.26
C GLU A 387 -1.72 23.36 35.64
N PHE A 388 -0.49 23.59 36.09
CA PHE A 388 0.36 24.58 35.42
C PHE A 388 0.84 24.05 34.08
N ALA A 389 1.07 22.73 33.98
CA ALA A 389 1.59 22.16 32.74
C ALA A 389 0.55 22.23 31.63
N ASP A 390 -0.60 21.57 31.82
CA ASP A 390 -1.59 21.49 30.76
C ASP A 390 -2.09 22.87 30.34
N LEU A 391 -2.07 23.82 31.28
CA LEU A 391 -2.45 25.19 30.93
C LEU A 391 -1.40 25.83 30.02
N CYS A 392 -0.13 25.42 30.16
CA CYS A 392 0.92 25.99 29.34
C CYS A 392 0.81 25.54 27.89
N GLN A 393 0.33 24.32 27.65
CA GLN A 393 0.03 23.92 26.27
C GLN A 393 -1.19 24.65 25.76
N ALA A 394 -2.18 24.91 26.62
CA ALA A 394 -3.38 25.59 26.19
C ALA A 394 -3.08 26.98 25.64
N ILE A 395 -2.20 27.72 26.32
CA ILE A 395 -1.80 29.03 25.83
C ILE A 395 -0.95 28.89 24.57
N ALA A 396 -0.20 27.78 24.47
CA ALA A 396 0.77 27.64 23.38
C ALA A 396 0.09 27.40 22.04
N LEU A 397 -0.90 26.50 22.00
CA LEU A 397 -1.52 26.15 20.73
C LEU A 397 -2.49 27.22 20.25
N ARG A 398 -3.16 27.90 21.19
CA ARG A 398 -4.15 28.89 20.79
C ARG A 398 -3.48 30.19 20.32
N PHE A 399 -2.35 30.54 20.90
CA PHE A 399 -1.68 31.81 20.63
C PHE A 399 -0.46 31.57 19.74
N GLN A 400 -0.35 32.36 18.68
CA GLN A 400 0.76 32.24 17.76
C GLN A 400 2.03 32.80 18.38
N LYS A 401 3.17 32.33 17.87
CA LYS A 401 4.46 32.82 18.33
C LYS A 401 4.67 34.27 17.90
N GLU A 402 5.34 35.03 18.77
CA GLU A 402 5.68 36.43 18.50
C GLU A 402 7.10 36.49 17.97
N GLU A 403 7.28 37.17 16.85
CA GLU A 403 8.57 37.18 16.18
C GLU A 403 9.63 37.90 17.00
N VAL A 404 10.87 37.49 16.83
CA VAL A 404 12.01 38.21 17.40
C VAL A 404 11.98 39.63 16.89
N PRO A 405 12.23 40.65 17.73
CA PRO A 405 12.10 42.04 17.25
C PRO A 405 12.90 42.33 15.99
N SER A 406 14.22 42.16 16.03
CA SER A 406 15.06 42.38 14.86
C SER A 406 16.51 42.05 15.22
N LEU A 407 17.33 41.96 14.18
CA LEU A 407 18.78 41.87 14.31
C LEU A 407 19.46 43.12 13.80
N PHE A 408 18.79 43.87 12.92
CA PHE A 408 19.32 45.10 12.35
C PHE A 408 18.84 46.34 13.12
N GLU A 409 18.04 46.15 14.16
CA GLU A 409 17.47 47.26 14.91
C GLU A 409 18.47 47.90 15.87
N HIS A 410 19.77 47.65 15.69
CA HIS A 410 20.77 48.31 16.51
C HIS A 410 20.84 49.80 16.19
N PHE A 411 20.24 50.20 15.08
CA PHE A 411 20.10 51.61 14.74
C PHE A 411 18.62 51.94 14.66
N PRO A 412 17.96 52.29 15.77
CA PRO A 412 16.50 52.48 15.73
C PRO A 412 16.07 53.63 14.83
N GLN A 413 16.89 54.66 14.69
CA GLN A 413 16.49 55.82 13.88
C GLN A 413 16.27 55.42 12.43
N ILE A 414 17.14 54.57 11.88
CA ILE A 414 16.91 54.04 10.54
C ILE A 414 15.74 53.06 10.55
N TYR A 415 15.64 52.27 11.63
CA TYR A 415 14.55 51.31 11.74
C TYR A 415 13.19 51.99 11.77
N HIS A 416 13.07 53.10 12.50
CA HIS A 416 11.82 53.82 12.64
C HIS A 416 11.72 55.04 11.74
N SER A 417 12.57 55.16 10.73
CA SER A 417 12.52 56.31 9.84
C SER A 417 11.17 56.39 9.14
N ALA A 418 10.83 57.60 8.68
CA ALA A 418 9.52 57.82 8.07
C ALA A 418 9.33 56.97 6.82
N LEU A 419 10.36 56.92 5.96
CA LEU A 419 10.25 56.10 4.75
C LEU A 419 10.23 54.62 5.10
N SER A 420 11.04 54.19 6.07
CA SER A 420 11.12 52.78 6.40
C SER A 420 9.78 52.25 6.93
N GLN A 421 9.13 53.03 7.80
CA GLN A 421 7.84 52.60 8.34
C GLN A 421 6.81 52.44 7.24
N GLN A 422 6.77 53.37 6.29
CA GLN A 422 5.86 53.24 5.16
C GLN A 422 6.18 52.01 4.34
N LEU A 423 7.47 51.75 4.12
CA LEU A 423 7.87 50.54 3.39
C LEU A 423 7.50 49.28 4.16
N ARG A 424 7.76 49.27 5.47
CA ARG A 424 7.47 48.08 6.26
C ARG A 424 5.98 47.80 6.29
N ALA A 425 5.15 48.84 6.35
CA ALA A 425 3.70 48.64 6.33
C ALA A 425 3.26 48.01 5.01
N PHE A 426 3.86 48.44 3.89
CA PHE A 426 3.44 47.93 2.59
C PHE A 426 3.76 46.46 2.43
N VAL A 427 4.98 46.05 2.81
CA VAL A 427 5.40 44.67 2.58
C VAL A 427 4.61 43.72 3.48
N ARG A 428 4.29 44.14 4.71
CA ARG A 428 3.50 43.29 5.60
C ARG A 428 2.08 43.15 5.07
N SER A 429 1.56 44.17 4.40
CA SER A 429 0.21 44.12 3.88
C SER A 429 0.09 43.05 2.80
N PRO A 430 -1.07 42.40 2.68
CA PRO A 430 -1.23 41.38 1.63
C PRO A 430 -1.12 41.93 0.22
N ASN A 431 -1.25 43.25 0.05
CA ASN A 431 -1.14 43.84 -1.28
C ASN A 431 0.22 43.52 -1.91
N PHE A 432 1.29 43.55 -1.10
CA PHE A 432 2.60 43.18 -1.62
C PHE A 432 2.64 41.72 -2.03
N GLY A 433 1.97 40.85 -1.27
CA GLY A 433 1.97 39.44 -1.60
C GLY A 433 1.36 39.15 -2.95
N TYR A 434 0.28 39.86 -3.30
CA TYR A 434 -0.35 39.68 -4.60
C TYR A 434 0.60 40.05 -5.74
N ALA A 435 1.38 41.11 -5.54
CA ALA A 435 2.30 41.55 -6.59
C ALA A 435 3.33 40.48 -6.91
N ILE A 436 3.85 39.79 -5.89
CA ILE A 436 4.81 38.72 -6.13
C ILE A 436 4.18 37.61 -6.95
N SER A 437 2.95 37.22 -6.60
CA SER A 437 2.25 36.20 -7.38
C SER A 437 1.99 36.68 -8.80
N PHE A 438 1.64 37.96 -8.96
CA PHE A 438 1.46 38.52 -10.29
C PHE A 438 2.77 38.52 -11.06
N ILE A 439 3.87 38.88 -10.40
CA ILE A 439 5.18 38.80 -11.04
C ILE A 439 5.52 37.35 -11.37
N LEU A 440 5.15 36.43 -10.47
CA LEU A 440 5.45 35.02 -10.68
C LEU A 440 4.77 34.49 -11.95
N ILE A 441 3.54 34.96 -12.23
CA ILE A 441 2.85 34.53 -13.44
C ILE A 441 3.55 35.09 -14.68
N ILE A 442 3.88 36.38 -14.67
CA ILE A 442 4.50 37.00 -15.84
C ILE A 442 5.82 36.35 -16.17
N ASN A 443 6.54 35.89 -15.14
CA ASN A 443 7.78 35.15 -15.38
C ASN A 443 7.51 33.87 -16.14
N PHE A 444 6.45 33.16 -15.77
CA PHE A 444 6.16 31.87 -16.41
C PHE A 444 5.88 32.04 -17.89
N ILE A 445 5.16 33.09 -18.27
CA ILE A 445 4.88 33.32 -19.68
C ILE A 445 6.17 33.65 -20.43
N ALA A 446 7.08 34.37 -19.78
CA ALA A 446 8.36 34.68 -20.42
C ALA A 446 9.20 33.42 -20.63
N VAL A 447 9.13 32.47 -19.69
CA VAL A 447 9.90 31.25 -19.82
C VAL A 447 9.36 30.38 -20.93
N VAL A 448 8.04 30.20 -20.99
CA VAL A 448 7.45 29.32 -21.99
C VAL A 448 7.65 29.90 -23.40
N VAL A 449 7.58 31.22 -23.52
CA VAL A 449 7.84 31.86 -24.81
C VAL A 449 9.30 31.67 -25.21
N GLU A 450 10.22 31.86 -24.26
CA GLU A 450 11.63 31.72 -24.56
C GLU A 450 11.99 30.30 -24.96
N THR A 451 11.46 29.31 -24.24
CA THR A 451 11.77 27.92 -24.53
C THR A 451 11.23 27.52 -25.90
N THR A 452 10.02 27.97 -26.24
CA THR A 452 9.43 27.61 -27.53
C THR A 452 10.29 28.10 -28.69
N LEU A 453 10.90 29.28 -28.55
CA LEU A 453 11.79 29.78 -29.58
C LEU A 453 12.99 28.86 -29.77
N ASP A 454 13.53 28.33 -28.67
CA ASP A 454 14.63 27.38 -28.78
C ASP A 454 14.21 26.12 -29.52
N ILE A 455 12.98 25.67 -29.32
CA ILE A 455 12.48 24.49 -30.02
C ILE A 455 12.49 24.73 -31.53
N GLU A 456 12.08 25.91 -31.94
CA GLU A 456 12.03 26.26 -33.37
C GLU A 456 13.36 26.81 -33.88
N GLU A 457 14.39 26.87 -33.03
CA GLU A 457 15.71 27.38 -33.41
C GLU A 457 15.62 28.81 -33.97
N SER A 458 14.75 29.61 -33.37
CA SER A 458 14.63 31.00 -33.80
C SER A 458 15.88 31.78 -33.41
N SER A 459 16.23 32.75 -34.25
CA SER A 459 17.38 33.62 -34.01
C SER A 459 17.06 34.74 -33.03
N ALA A 460 15.80 34.93 -32.68
CA ALA A 460 15.38 35.96 -31.73
C ALA A 460 15.31 35.43 -30.30
N GLN A 461 16.04 34.37 -29.98
CA GLN A 461 16.02 33.85 -28.62
C GLN A 461 16.76 34.76 -27.65
N LYS A 462 17.84 35.39 -28.10
CA LYS A 462 18.62 36.23 -27.20
C LYS A 462 17.82 37.38 -26.59
N PRO A 463 17.01 38.15 -27.33
CA PRO A 463 16.24 39.22 -26.67
C PRO A 463 15.32 38.71 -25.57
N TRP A 464 14.73 37.53 -25.74
CA TRP A 464 13.91 36.97 -24.68
C TRP A 464 14.77 36.42 -23.55
N GLN A 465 16.01 36.01 -23.87
CA GLN A 465 16.87 35.43 -22.84
C GLN A 465 17.36 36.48 -21.87
N VAL A 466 17.74 37.66 -22.36
CA VAL A 466 18.21 38.72 -21.47
C VAL A 466 17.07 39.23 -20.61
N ALA A 467 15.86 39.33 -21.18
CA ALA A 467 14.70 39.71 -20.39
C ALA A 467 14.35 38.65 -19.38
N GLU A 468 14.83 37.42 -19.59
CA GLU A 468 14.61 36.37 -18.61
C GLU A 468 15.57 36.52 -17.44
N PHE A 469 16.74 37.09 -17.68
CA PHE A 469 17.68 37.36 -16.59
C PHE A 469 17.15 38.41 -15.63
N VAL A 470 16.54 39.47 -16.15
CA VAL A 470 16.16 40.59 -15.29
C VAL A 470 15.11 40.15 -14.28
N PHE A 471 14.35 39.09 -14.61
CA PHE A 471 13.45 38.52 -13.61
C PHE A 471 14.23 37.95 -12.43
N GLY A 472 15.47 37.52 -12.67
CA GLY A 472 16.30 37.06 -11.57
C GLY A 472 16.68 38.16 -10.61
N TRP A 473 17.01 39.34 -11.14
CA TRP A 473 17.42 40.44 -10.27
C TRP A 473 16.25 40.95 -9.44
N ILE A 474 15.04 40.86 -9.97
CA ILE A 474 13.85 41.20 -9.19
C ILE A 474 13.74 40.27 -7.98
N TYR A 475 13.98 38.98 -8.19
CA TYR A 475 13.80 38.00 -7.14
C TYR A 475 14.79 38.24 -6.00
N VAL A 476 16.01 38.64 -6.33
CA VAL A 476 16.97 39.03 -5.30
C VAL A 476 16.50 40.29 -4.59
N LEU A 477 15.95 41.25 -5.36
CA LEU A 477 15.50 42.50 -4.76
C LEU A 477 14.42 42.26 -3.73
N GLU A 478 13.43 41.43 -4.05
CA GLU A 478 12.36 41.16 -3.10
C GLU A 478 12.86 40.32 -1.92
N MET A 479 13.84 39.44 -2.18
CA MET A 479 14.41 38.66 -1.09
C MET A 479 15.10 39.56 -0.07
N ALA A 480 15.88 40.53 -0.55
CA ALA A 480 16.50 41.49 0.36
C ALA A 480 15.45 42.39 1.00
N LEU A 481 14.41 42.74 0.25
CA LEU A 481 13.34 43.57 0.80
C LEU A 481 12.58 42.84 1.89
N LYS A 482 12.31 41.55 1.69
CA LYS A 482 11.54 40.79 2.68
C LYS A 482 12.37 40.50 3.92
N ILE A 483 13.64 40.12 3.74
CA ILE A 483 14.48 39.78 4.88
C ILE A 483 14.74 41.01 5.73
N TYR A 484 14.64 42.20 5.14
CA TYR A 484 14.92 43.42 5.87
C TYR A 484 13.80 43.76 6.85
N THR A 485 12.54 43.60 6.41
CA THR A 485 11.42 44.00 7.26
C THR A 485 11.15 42.97 8.35
N TYR A 486 11.37 41.69 8.06
CA TYR A 486 11.03 40.64 9.01
C TYR A 486 12.17 40.33 9.96
N GLY A 487 13.40 40.45 9.48
CA GLY A 487 14.55 39.98 10.23
C GLY A 487 14.93 38.57 9.86
N PHE A 488 16.24 38.29 9.90
CA PHE A 488 16.75 37.02 9.41
C PHE A 488 16.19 35.84 10.20
N GLU A 489 16.13 35.97 11.53
CA GLU A 489 15.61 34.88 12.35
C GLU A 489 14.14 34.63 12.05
N ASN A 490 13.36 35.70 11.88
CA ASN A 490 11.95 35.53 11.56
C ASN A 490 11.76 35.11 10.11
N TYR A 491 12.64 35.57 9.22
CA TYR A 491 12.61 35.12 7.83
C TYR A 491 12.91 33.64 7.73
N TRP A 492 13.90 33.17 8.49
CA TRP A 492 14.35 31.79 8.37
C TRP A 492 13.35 30.82 8.99
N ARG A 493 12.45 31.33 9.85
CA ARG A 493 11.55 30.46 10.59
C ARG A 493 10.60 29.72 9.66
N GLU A 494 10.07 30.41 8.65
CA GLU A 494 9.13 29.78 7.74
C GLU A 494 9.84 28.80 6.81
N GLY A 495 9.25 27.62 6.64
CA GLY A 495 9.85 26.63 5.78
C GLY A 495 9.87 27.05 4.32
N ALA A 496 8.78 27.68 3.86
CA ALA A 496 8.71 28.12 2.47
C ALA A 496 9.75 29.19 2.18
N ASN A 497 10.01 30.08 3.14
CA ASN A 497 11.01 31.12 2.94
C ASN A 497 12.41 30.54 2.80
N ARG A 498 12.67 29.42 3.48
CA ARG A 498 13.98 28.79 3.36
C ARG A 498 14.24 28.30 1.95
N PHE A 499 13.23 27.73 1.30
CA PHE A 499 13.41 27.23 -0.06
C PHE A 499 13.71 28.37 -1.02
N ASP A 500 13.01 29.49 -0.89
CA ASP A 500 13.24 30.61 -1.80
C ASP A 500 14.60 31.24 -1.56
N PHE A 501 15.07 31.24 -0.31
CA PHE A 501 16.36 31.83 0.01
C PHE A 501 17.50 31.09 -0.70
N LEU A 502 17.45 29.76 -0.70
CA LEU A 502 18.49 28.99 -1.37
C LEU A 502 18.44 29.18 -2.89
N VAL A 503 17.23 29.21 -3.45
CA VAL A 503 17.09 29.31 -4.90
C VAL A 503 17.61 30.64 -5.41
N THR A 504 17.28 31.73 -4.72
CA THR A 504 17.68 33.04 -5.21
C THR A 504 19.17 33.28 -5.07
N TRP A 505 19.84 32.56 -4.16
CA TRP A 505 21.26 32.78 -3.96
C TRP A 505 22.09 32.14 -5.08
N VAL A 506 21.69 30.95 -5.55
CA VAL A 506 22.41 30.35 -6.66
C VAL A 506 22.15 31.13 -7.94
N ILE A 507 21.03 31.85 -8.00
CA ILE A 507 20.74 32.69 -9.15
C ILE A 507 21.77 33.82 -9.26
N VAL A 508 22.00 34.55 -8.17
CA VAL A 508 22.95 35.65 -8.20
C VAL A 508 24.38 35.11 -8.29
N ILE A 509 24.66 33.99 -7.63
CA ILE A 509 26.00 33.38 -7.75
C ILE A 509 26.24 32.94 -9.18
N GLY A 510 25.27 32.29 -9.80
CA GLY A 510 25.42 31.89 -11.18
C GLY A 510 25.46 33.06 -12.14
N GLU A 511 24.61 34.07 -11.90
CA GLU A 511 24.54 35.20 -12.81
C GLU A 511 25.84 35.99 -12.81
N THR A 512 26.43 36.22 -11.62
CA THR A 512 27.66 37.00 -11.56
C THR A 512 28.83 36.24 -12.16
N ALA A 513 28.71 34.91 -12.25
CA ALA A 513 29.77 34.12 -12.89
C ALA A 513 29.82 34.40 -14.39
N THR A 514 28.66 34.48 -15.05
CA THR A 514 28.64 34.72 -16.49
C THR A 514 29.07 36.15 -16.80
N PHE A 515 28.63 37.11 -16.01
CA PHE A 515 28.95 38.51 -16.29
C PHE A 515 30.45 38.78 -16.18
N ILE A 516 31.10 38.24 -15.14
CA ILE A 516 32.50 38.57 -14.89
C ILE A 516 33.38 37.98 -15.98
N THR A 517 33.04 36.79 -16.49
CA THR A 517 33.86 36.11 -17.48
C THR A 517 33.19 36.16 -18.84
N PRO A 518 33.65 37.02 -19.75
CA PRO A 518 33.11 37.04 -21.12
C PRO A 518 33.82 36.04 -22.04
N ASP A 519 33.71 34.76 -21.69
CA ASP A 519 34.38 33.70 -22.43
C ASP A 519 33.38 32.58 -22.73
N GLU A 520 33.84 31.62 -23.53
CA GLU A 520 33.00 30.51 -23.98
C GLU A 520 33.11 29.35 -22.98
N ASN A 521 32.48 29.55 -21.82
CA ASN A 521 32.46 28.52 -20.80
C ASN A 521 31.58 27.35 -21.22
N THR A 522 31.82 26.19 -20.61
CA THR A 522 31.09 24.98 -20.98
C THR A 522 29.61 25.07 -20.62
N PHE A 523 29.30 25.56 -19.41
CA PHE A 523 27.94 25.50 -18.87
C PHE A 523 27.30 26.87 -18.76
N PHE A 524 28.03 27.86 -18.26
CA PHE A 524 27.42 29.15 -17.92
C PHE A 524 27.15 29.99 -19.17
N SER A 525 27.98 29.83 -20.20
CA SER A 525 27.86 30.70 -21.37
C SER A 525 26.55 30.46 -22.11
N ASN A 526 26.01 29.24 -22.03
CA ASN A 526 24.76 28.95 -22.73
C ASN A 526 23.62 29.80 -22.20
N GLY A 527 23.52 29.95 -20.88
CA GLY A 527 22.45 30.71 -20.27
C GLY A 527 21.15 29.97 -20.12
N GLU A 528 21.08 28.71 -20.58
CA GLU A 528 19.85 27.94 -20.45
C GLU A 528 19.63 27.47 -19.02
N TRP A 529 20.63 27.62 -18.16
CA TRP A 529 20.50 27.13 -16.78
C TRP A 529 19.47 27.92 -15.99
N ILE A 530 19.31 29.20 -16.29
CA ILE A 530 18.50 30.07 -15.44
C ILE A 530 17.03 29.67 -15.47
N ARG A 531 16.57 29.11 -16.60
CA ARG A 531 15.15 28.78 -16.70
C ARG A 531 14.75 27.70 -15.70
N TYR A 532 15.64 26.75 -15.43
CA TYR A 532 15.32 25.70 -14.48
C TYR A 532 15.26 26.24 -13.05
N LEU A 533 16.13 27.20 -12.73
CA LEU A 533 16.01 27.88 -11.43
C LEU A 533 14.73 28.69 -11.36
N LEU A 534 14.39 29.40 -12.44
CA LEU A 534 13.16 30.19 -12.45
C LEU A 534 11.93 29.30 -12.32
N LEU A 535 11.93 28.15 -12.99
CA LEU A 535 10.82 27.21 -12.84
C LEU A 535 10.72 26.70 -11.41
N ALA A 536 11.86 26.48 -10.75
CA ALA A 536 11.83 26.11 -9.35
C ALA A 536 11.28 27.24 -8.49
N ARG A 537 11.58 28.49 -8.87
CA ARG A 537 11.09 29.63 -8.10
C ARG A 537 9.57 29.73 -8.15
N MET A 538 8.97 29.47 -9.31
CA MET A 538 7.52 29.57 -9.42
C MET A 538 6.82 28.28 -9.02
N LEU A 539 7.48 27.38 -8.30
CA LEU A 539 6.76 26.25 -7.70
C LEU A 539 5.83 26.72 -6.59
N ARG A 540 6.00 27.95 -6.14
CA ARG A 540 5.10 28.50 -5.12
C ARG A 540 3.66 28.61 -5.63
N LEU A 541 3.47 28.59 -6.95
CA LEU A 541 2.13 28.73 -7.50
C LEU A 541 1.25 27.54 -7.15
N ILE A 542 1.84 26.34 -7.08
CA ILE A 542 1.04 25.15 -6.80
C ILE A 542 0.43 25.24 -5.41
N ARG A 543 0.98 26.10 -4.55
CA ARG A 543 0.39 26.31 -3.23
C ARG A 543 -0.96 27.01 -3.32
N LEU A 544 -1.23 27.73 -4.40
CA LEU A 544 -2.53 28.36 -4.58
C LEU A 544 -3.64 27.35 -4.82
N LEU A 545 -3.29 26.14 -5.28
CA LEU A 545 -4.32 25.12 -5.51
C LEU A 545 -4.90 24.61 -4.20
N MET A 546 -4.28 24.96 -3.07
CA MET A 546 -4.87 24.60 -1.79
C MET A 546 -6.17 25.36 -1.54
N ASN A 547 -6.40 26.45 -2.27
CA ASN A 547 -7.63 27.21 -2.10
C ASN A 547 -8.85 26.39 -2.48
N VAL A 548 -8.80 25.69 -3.61
CA VAL A 548 -9.95 24.92 -4.06
C VAL A 548 -10.15 23.70 -3.18
N GLN A 549 -11.41 23.34 -2.96
CA GLN A 549 -11.72 22.30 -1.98
C GLN A 549 -11.33 20.92 -2.47
N ARG A 550 -11.39 20.70 -3.78
CA ARG A 550 -11.15 19.36 -4.32
C ARG A 550 -9.72 18.89 -4.06
N TYR A 551 -8.75 19.78 -4.24
CA TYR A 551 -7.34 19.40 -4.15
C TYR A 551 -6.68 19.84 -2.85
N ARG A 552 -7.46 20.25 -1.85
CA ARG A 552 -6.87 20.69 -0.59
C ARG A 552 -6.14 19.56 0.12
N ALA A 553 -6.72 18.36 0.14
CA ALA A 553 -6.12 17.26 0.86
C ALA A 553 -4.85 16.76 0.19
N PHE A 554 -4.85 16.69 -1.15
CA PHE A 554 -3.69 16.18 -1.86
C PHE A 554 -2.49 17.10 -1.71
N ILE A 555 -2.69 18.40 -1.98
CA ILE A 555 -1.57 19.33 -1.98
C ILE A 555 -1.02 19.51 -0.58
N ALA A 556 -1.89 19.68 0.42
CA ALA A 556 -1.42 19.92 1.77
C ALA A 556 -0.62 18.75 2.31
N THR A 557 -1.06 17.52 2.01
CA THR A 557 -0.29 16.35 2.42
C THR A 557 1.06 16.30 1.71
N PHE A 558 1.07 16.60 0.41
CA PHE A 558 2.31 16.56 -0.35
C PHE A 558 3.33 17.55 0.18
N ILE A 559 2.89 18.76 0.50
CA ILE A 559 3.81 19.78 1.01
C ILE A 559 4.37 19.37 2.35
N THR A 560 3.51 18.82 3.22
CA THR A 560 3.97 18.35 4.53
C THR A 560 4.93 17.17 4.39
N LEU A 561 4.82 16.43 3.29
CA LEU A 561 5.62 15.22 3.13
C LEU A 561 7.08 15.54 2.87
N ILE A 562 7.37 16.68 2.23
CA ILE A 562 8.75 16.99 1.84
C ILE A 562 9.68 17.08 3.04
N PRO A 563 9.38 17.83 4.10
CA PRO A 563 10.28 17.79 5.26
C PRO A 563 10.08 16.57 6.13
N SER A 564 8.85 16.08 6.25
CA SER A 564 8.55 15.00 7.18
C SER A 564 9.22 13.69 6.75
N LEU A 565 9.25 13.41 5.46
CA LEU A 565 9.77 12.15 4.94
C LEU A 565 11.27 12.17 4.73
N MET A 566 11.94 13.28 5.01
CA MET A 566 13.40 13.33 4.83
C MET A 566 14.15 12.34 5.71
N PRO A 567 13.89 12.19 7.01
CA PRO A 567 14.63 11.20 7.79
C PRO A 567 14.47 9.77 7.31
N TYR A 568 13.28 9.41 6.81
CA TYR A 568 13.07 8.05 6.33
C TYR A 568 13.75 7.83 4.98
N LEU A 569 13.67 8.83 4.09
CA LEU A 569 14.42 8.75 2.85
C LEU A 569 15.92 8.81 3.10
N GLY A 570 16.33 9.57 4.11
CA GLY A 570 17.75 9.63 4.46
C GLY A 570 18.27 8.31 4.97
N THR A 571 17.44 7.55 5.68
CA THR A 571 17.86 6.23 6.15
C THR A 571 18.10 5.29 4.98
N ILE A 572 17.23 5.32 3.97
CA ILE A 572 17.42 4.47 2.80
C ILE A 572 18.70 4.84 2.07
N PHE A 573 18.97 6.14 1.94
CA PHE A 573 20.17 6.58 1.24
C PHE A 573 21.43 6.07 1.93
N CYS A 574 21.42 6.06 3.26
CA CYS A 574 22.61 5.60 3.99
C CYS A 574 22.78 4.09 3.88
N VAL A 575 21.67 3.36 3.75
CA VAL A 575 21.76 1.92 3.52
C VAL A 575 22.39 1.66 2.16
N LEU A 576 22.08 2.49 1.17
CA LEU A 576 22.71 2.36 -0.13
C LEU A 576 24.21 2.56 -0.04
N CYS A 577 24.65 3.51 0.78
CA CYS A 577 26.08 3.79 0.90
C CYS A 577 26.83 2.59 1.45
N ILE A 578 26.20 1.82 2.34
CA ILE A 578 26.85 0.65 2.91
C ILE A 578 26.97 -0.45 1.86
N TYR A 579 25.90 -0.71 1.10
CA TYR A 579 25.98 -1.71 0.04
C TYR A 579 26.89 -1.27 -1.08
N CYS A 580 26.92 0.03 -1.39
CA CYS A 580 27.81 0.52 -2.43
C CYS A 580 29.27 0.25 -2.06
N SER A 581 29.62 0.44 -0.79
CA SER A 581 30.97 0.15 -0.35
C SER A 581 31.27 -1.35 -0.41
N ILE A 582 30.28 -2.17 -0.05
CA ILE A 582 30.46 -3.62 -0.13
C ILE A 582 30.60 -4.05 -1.59
N GLY A 583 29.75 -3.52 -2.46
CA GLY A 583 29.77 -3.93 -3.85
C GLY A 583 31.07 -3.57 -4.55
N VAL A 584 31.57 -2.37 -4.32
CA VAL A 584 32.83 -1.95 -4.91
C VAL A 584 33.97 -2.82 -4.39
N GLN A 585 33.91 -3.19 -3.12
CA GLN A 585 34.95 -4.03 -2.53
C GLN A 585 34.96 -5.42 -3.16
N VAL A 586 33.79 -5.98 -3.42
CA VAL A 586 33.71 -7.35 -3.92
C VAL A 586 33.78 -7.37 -5.45
N PHE A 587 32.95 -6.56 -6.11
CA PHE A 587 32.82 -6.57 -7.56
C PHE A 587 33.62 -5.48 -8.24
N GLY A 588 34.80 -5.14 -7.70
CA GLY A 588 35.48 -3.94 -8.15
C GLY A 588 35.92 -3.98 -9.60
N GLY A 589 36.61 -5.03 -10.00
CA GLY A 589 37.19 -5.08 -11.32
C GLY A 589 36.58 -6.07 -12.29
N LEU A 590 35.39 -6.61 -11.99
CA LEU A 590 34.85 -7.70 -12.79
C LEU A 590 34.47 -7.22 -14.20
N VAL A 591 33.93 -6.01 -14.32
CA VAL A 591 33.47 -5.50 -15.60
C VAL A 591 34.65 -4.85 -16.31
N ASN A 592 35.00 -5.37 -17.48
CA ASN A 592 36.12 -4.87 -18.27
C ASN A 592 35.72 -4.85 -19.74
N ALA A 593 36.42 -4.02 -20.51
CA ALA A 593 36.22 -4.03 -21.95
C ALA A 593 36.74 -5.33 -22.56
N GLY A 594 37.83 -5.86 -22.01
CA GLY A 594 38.45 -7.08 -22.50
C GLY A 594 37.99 -8.36 -21.85
N ASN A 595 36.98 -8.31 -20.99
CA ASN A 595 36.52 -9.52 -20.32
C ASN A 595 35.66 -10.34 -21.28
N LYS A 596 36.08 -11.58 -21.53
CA LYS A 596 35.40 -12.41 -22.52
C LYS A 596 34.04 -12.88 -22.02
N LYS A 597 33.94 -13.24 -20.74
CA LYS A 597 32.69 -13.76 -20.22
C LYS A 597 31.62 -12.68 -20.16
N LEU A 598 32.02 -11.42 -20.12
CA LEU A 598 31.06 -10.33 -19.94
C LEU A 598 30.11 -10.22 -21.13
N PHE A 599 30.66 -10.32 -22.35
CA PHE A 599 29.84 -10.06 -23.53
C PHE A 599 28.77 -11.13 -23.72
N GLU A 600 28.97 -12.31 -23.13
CA GLU A 600 27.95 -13.35 -23.22
C GLU A 600 26.82 -13.10 -22.22
N THR A 601 27.07 -12.27 -21.21
CA THR A 601 26.09 -12.04 -20.17
C THR A 601 24.96 -11.14 -20.67
N GLU A 602 23.97 -10.94 -19.80
CA GLU A 602 22.79 -10.17 -20.19
C GLU A 602 23.08 -8.67 -20.17
N LEU A 603 24.11 -8.24 -19.45
CA LEU A 603 24.44 -6.82 -19.39
C LEU A 603 24.81 -6.29 -20.77
N ALA A 604 25.61 -7.03 -21.51
CA ALA A 604 26.03 -6.58 -22.84
C ALA A 604 24.85 -6.54 -23.81
N GLU A 605 23.96 -7.54 -23.72
CA GLU A 605 22.84 -7.61 -24.66
C GLU A 605 21.93 -6.40 -24.52
N ASP A 606 21.66 -5.97 -23.29
CA ASP A 606 20.83 -4.80 -23.04
C ASP A 606 21.64 -3.51 -22.96
N ASP A 607 22.97 -3.60 -23.12
CA ASP A 607 23.85 -2.45 -23.04
C ASP A 607 23.66 -1.74 -21.69
N TYR A 608 24.04 -2.43 -20.61
CA TYR A 608 23.96 -1.90 -19.26
C TYR A 608 25.33 -1.70 -18.63
N LEU A 609 26.39 -1.71 -19.45
CA LEU A 609 27.74 -1.75 -18.91
C LEU A 609 28.05 -0.52 -18.08
N LEU A 610 27.39 0.61 -18.35
CA LEU A 610 27.65 1.82 -17.60
C LEU A 610 27.10 1.75 -16.18
N PHE A 611 26.30 0.74 -15.86
CA PHE A 611 25.77 0.57 -14.52
C PHE A 611 26.53 -0.48 -13.71
N ASN A 612 27.84 -0.57 -13.90
CA ASN A 612 28.64 -1.55 -13.18
C ASN A 612 28.92 -1.09 -11.75
N PHE A 613 29.72 -1.87 -11.06
CA PHE A 613 30.13 -1.58 -9.68
C PHE A 613 31.58 -1.16 -9.58
N ASN A 614 32.18 -0.65 -10.65
CA ASN A 614 33.63 -0.42 -10.66
C ASN A 614 34.03 0.64 -9.65
N ASP A 615 33.28 1.72 -9.54
CA ASP A 615 33.62 2.79 -8.62
C ASP A 615 32.38 3.25 -7.86
N TYR A 616 32.62 4.09 -6.85
CA TYR A 616 31.55 4.48 -5.94
C TYR A 616 30.42 5.23 -6.62
N PRO A 617 30.64 6.25 -7.46
CA PRO A 617 29.50 6.92 -8.10
C PRO A 617 28.65 6.00 -8.96
N ASN A 618 29.28 5.05 -9.66
CA ASN A 618 28.51 4.10 -10.46
C ASN A 618 27.72 3.16 -9.57
N GLY A 619 28.29 2.77 -8.43
CA GLY A 619 27.60 1.87 -7.54
C GLY A 619 26.31 2.46 -6.99
N MET A 620 26.31 3.77 -6.72
CA MET A 620 25.11 4.40 -6.20
C MET A 620 23.99 4.41 -7.24
N VAL A 621 24.33 4.65 -8.50
CA VAL A 621 23.31 4.68 -9.54
C VAL A 621 22.73 3.30 -9.78
N THR A 622 23.59 2.28 -9.87
CA THR A 622 23.09 0.93 -10.15
C THR A 622 22.29 0.39 -8.97
N LEU A 623 22.64 0.80 -7.75
CA LEU A 623 21.83 0.41 -6.60
C LEU A 623 20.45 1.05 -6.66
N PHE A 624 20.37 2.27 -7.16
CA PHE A 624 19.08 2.92 -7.32
C PHE A 624 18.20 2.17 -8.31
N ASN A 625 18.80 1.65 -9.38
CA ASN A 625 18.04 0.88 -10.36
C ASN A 625 17.49 -0.39 -9.74
N LEU A 626 18.24 -1.01 -8.84
CA LEU A 626 17.72 -2.15 -8.09
C LEU A 626 16.61 -1.72 -7.14
N LEU A 627 16.64 -0.46 -6.69
CA LEU A 627 15.66 0.02 -5.74
C LEU A 627 14.27 0.11 -6.37
N VAL A 628 14.19 0.51 -7.64
CA VAL A 628 12.89 0.64 -8.30
C VAL A 628 12.37 -0.68 -8.83
N MET A 629 13.13 -1.76 -8.70
CA MET A 629 12.70 -3.09 -9.14
C MET A 629 12.38 -3.12 -10.64
N GLY A 630 13.13 -2.35 -11.42
CA GLY A 630 12.95 -2.36 -12.85
C GLY A 630 14.04 -3.11 -13.57
N ASN A 631 13.73 -4.30 -14.07
CA ASN A 631 14.71 -5.18 -14.69
C ASN A 631 15.88 -5.44 -13.74
N TRP A 632 15.55 -5.72 -12.48
CA TRP A 632 16.57 -5.85 -11.46
C TRP A 632 17.28 -7.19 -11.52
N GLN A 633 16.72 -8.17 -12.22
CA GLN A 633 17.32 -9.50 -12.22
C GLN A 633 18.47 -9.60 -13.20
N VAL A 634 18.61 -8.62 -14.10
CA VAL A 634 19.71 -8.67 -15.06
C VAL A 634 21.03 -8.49 -14.36
N TRP A 635 21.06 -7.73 -13.26
CA TRP A 635 22.30 -7.52 -12.53
C TRP A 635 22.69 -8.75 -11.73
N MET A 636 21.71 -9.42 -11.10
CA MET A 636 22.02 -10.65 -10.38
C MET A 636 22.56 -11.72 -11.32
N GLU A 637 21.82 -12.00 -12.39
CA GLU A 637 22.18 -13.11 -13.26
C GLU A 637 23.53 -12.85 -13.94
N SER A 638 23.78 -11.60 -14.33
CA SER A 638 25.04 -11.28 -14.98
C SER A 638 26.22 -11.42 -14.03
N TYR A 639 26.09 -10.92 -12.81
CA TYR A 639 27.23 -10.96 -11.89
C TYR A 639 27.44 -12.36 -11.34
N LYS A 640 26.38 -13.17 -11.29
CA LYS A 640 26.55 -14.57 -10.90
C LYS A 640 27.41 -15.31 -11.90
N ASP A 641 27.18 -15.09 -13.20
CA ASP A 641 28.04 -15.68 -14.23
C ASP A 641 29.44 -15.08 -14.18
N LEU A 642 29.53 -13.76 -13.95
CA LEU A 642 30.82 -13.09 -13.99
C LEU A 642 31.72 -13.52 -12.83
N THR A 643 31.16 -13.60 -11.62
CA THR A 643 31.95 -14.03 -10.47
C THR A 643 32.20 -15.53 -10.49
N GLY A 644 31.20 -16.31 -10.88
CA GLY A 644 31.33 -17.74 -10.96
C GLY A 644 30.89 -18.51 -9.73
N THR A 645 30.37 -17.82 -8.71
CA THR A 645 29.90 -18.48 -7.51
C THR A 645 28.44 -18.12 -7.25
N TRP A 646 27.68 -19.10 -6.78
CA TRP A 646 26.29 -18.86 -6.45
C TRP A 646 26.13 -18.01 -5.19
N TRP A 647 27.21 -17.76 -4.46
CA TRP A 647 27.13 -16.91 -3.28
C TRP A 647 26.92 -15.44 -3.64
N SER A 648 27.11 -15.08 -4.91
CA SER A 648 26.97 -13.68 -5.31
C SER A 648 25.52 -13.22 -5.20
N ILE A 649 24.57 -14.13 -5.35
CA ILE A 649 23.16 -13.75 -5.27
C ILE A 649 22.80 -13.35 -3.85
N THR A 650 23.64 -13.70 -2.88
CA THR A 650 23.38 -13.30 -1.50
C THR A 650 23.36 -11.79 -1.37
N TYR A 651 24.25 -11.11 -2.07
CA TYR A 651 24.31 -9.66 -1.99
C TYR A 651 23.03 -9.02 -2.52
N PHE A 652 22.47 -9.60 -3.59
CA PHE A 652 21.30 -8.99 -4.22
C PHE A 652 20.01 -9.41 -3.52
N VAL A 653 19.93 -10.67 -3.08
CA VAL A 653 18.74 -11.12 -2.36
C VAL A 653 18.62 -10.39 -1.02
N SER A 654 19.73 -10.25 -0.31
CA SER A 654 19.70 -9.54 0.97
C SER A 654 19.28 -8.09 0.79
N PHE A 655 19.73 -7.46 -0.29
CA PHE A 655 19.33 -6.08 -0.56
C PHE A 655 17.83 -5.97 -0.75
N TYR A 656 17.24 -6.89 -1.52
CA TYR A 656 15.81 -6.84 -1.77
C TYR A 656 15.01 -7.06 -0.49
N VAL A 657 15.45 -8.02 0.34
CA VAL A 657 14.69 -8.34 1.55
C VAL A 657 14.71 -7.18 2.53
N ILE A 658 15.90 -6.62 2.78
CA ILE A 658 16.03 -5.56 3.77
C ILE A 658 15.39 -4.26 3.27
N THR A 659 15.63 -3.91 2.02
CA THR A 659 15.24 -2.59 1.54
C THR A 659 13.83 -2.57 0.97
N ILE A 660 13.56 -3.44 0.00
CA ILE A 660 12.29 -3.36 -0.73
C ILE A 660 11.14 -3.81 0.15
N LEU A 661 11.32 -4.91 0.88
CA LEU A 661 10.22 -5.45 1.68
C LEU A 661 9.98 -4.63 2.93
N LEU A 662 11.05 -4.12 3.55
CA LEU A 662 10.92 -3.44 4.83
C LEU A 662 10.94 -1.92 4.71
N LEU A 663 11.99 -1.35 4.12
CA LEU A 663 12.14 0.10 4.14
C LEU A 663 11.11 0.77 3.23
N LEU A 664 10.95 0.27 2.01
CA LEU A 664 10.02 0.89 1.07
C LEU A 664 8.58 0.73 1.53
N ASN A 665 8.25 -0.41 2.15
CA ASN A 665 6.92 -0.57 2.72
C ASN A 665 6.69 0.36 3.89
N LEU A 666 7.78 0.70 4.61
CA LEU A 666 7.66 1.65 5.70
C LEU A 666 7.32 3.04 5.17
N VAL A 667 7.91 3.43 4.04
CA VAL A 667 7.59 4.71 3.43
C VAL A 667 6.13 4.73 2.96
N VAL A 668 5.68 3.64 2.35
CA VAL A 668 4.28 3.53 1.94
C VAL A 668 3.38 3.59 3.16
N ALA A 669 3.82 2.99 4.26
CA ALA A 669 3.07 3.09 5.51
C ALA A 669 3.00 4.53 6.00
N PHE A 670 4.12 5.27 5.86
CA PHE A 670 4.16 6.63 6.37
C PHE A 670 3.27 7.56 5.56
N VAL A 671 3.26 7.41 4.24
CA VAL A 671 2.47 8.30 3.39
C VAL A 671 0.98 8.13 3.69
N LEU A 672 0.53 6.88 3.84
CA LEU A 672 -0.85 6.64 4.22
C LEU A 672 -1.16 7.27 5.56
N GLU A 673 -0.28 7.07 6.55
CA GLU A 673 -0.52 7.62 7.88
C GLU A 673 -0.54 9.15 7.85
N ALA A 674 0.37 9.76 7.10
CA ALA A 674 0.41 11.22 7.03
C ALA A 674 -0.86 11.77 6.39
N PHE A 675 -1.42 11.05 5.43
CA PHE A 675 -2.58 11.56 4.71
C PHE A 675 -3.82 11.55 5.59
N PHE A 676 -4.01 10.50 6.39
CA PHE A 676 -5.21 10.44 7.23
C PHE A 676 -5.20 11.54 8.29
N THR A 677 -4.04 11.80 8.90
CA THR A 677 -3.96 12.87 9.88
C THR A 677 -4.19 14.22 9.23
N GLU A 678 -4.13 14.27 7.90
CA GLU A 678 -4.41 15.53 7.20
C GLU A 678 -5.91 15.68 6.98
N LEU A 679 -6.59 14.60 6.60
CA LEU A 679 -8.03 14.67 6.34
C LEU A 679 -8.80 15.05 7.59
N ASP A 680 -8.61 14.31 8.70
CA ASP A 680 -9.39 14.58 9.90
C ASP A 680 -9.02 15.94 10.48
N LEU A 681 -7.81 16.43 10.17
CA LEU A 681 -7.48 17.81 10.49
C LEU A 681 -8.41 18.77 9.78
N GLU A 682 -8.63 18.56 8.47
CA GLU A 682 -9.49 19.47 7.70
C GLU A 682 -10.91 19.46 8.22
N GLU A 683 -11.40 18.28 8.60
CA GLU A 683 -12.73 18.18 9.20
C GLU A 683 -12.79 18.97 10.49
N GLU A 684 -11.67 19.06 11.20
CA GLU A 684 -11.69 19.59 12.56
C GLU A 684 -12.00 21.08 12.58
N GLU A 685 -11.50 21.86 11.60
CA GLU A 685 -11.80 23.29 11.61
C GLU A 685 -13.26 23.55 11.32
N LYS A 686 -13.86 22.73 10.46
CA LYS A 686 -15.25 22.89 10.05
C LYS A 686 -16.17 23.01 11.25
N UNK B 1 -10.61 33.64 27.17
CA UNK B 1 -10.37 32.29 27.67
C UNK B 1 -11.09 32.06 28.99
N UNK B 2 -12.23 32.75 29.17
CA UNK B 2 -13.00 32.58 30.39
C UNK B 2 -13.49 31.15 30.56
N UNK B 3 -13.96 30.54 29.47
CA UNK B 3 -14.39 29.15 29.53
C UNK B 3 -13.22 28.22 29.82
N UNK B 4 -12.07 28.47 29.19
CA UNK B 4 -10.90 27.64 29.43
C UNK B 4 -10.40 27.79 30.87
N UNK B 5 -10.39 29.02 31.39
CA UNK B 5 -10.00 29.23 32.78
C UNK B 5 -10.97 28.56 33.74
N UNK B 6 -12.26 28.63 33.44
CA UNK B 6 -13.25 27.94 34.27
C UNK B 6 -13.05 26.43 34.23
N UNK B 7 -12.72 25.88 33.07
CA UNK B 7 -12.44 24.46 32.96
C UNK B 7 -11.19 24.09 33.77
N UNK B 8 -10.16 24.94 33.71
CA UNK B 8 -8.95 24.69 34.49
C UNK B 8 -9.25 24.71 35.99
N UNK B 9 -10.07 25.67 36.42
CA UNK B 9 -10.46 25.73 37.83
C UNK B 9 -11.27 24.50 38.24
N UNK B 10 -12.17 24.07 37.37
CA UNK B 10 -12.97 22.88 37.67
C UNK B 10 -12.09 21.64 37.78
N UNK B 11 -11.09 21.53 36.91
CA UNK B 11 -10.16 20.40 37.00
C UNK B 11 -9.41 20.41 38.32
N UNK B 12 -9.33 21.56 38.97
CA UNK B 12 -8.69 21.67 40.27
C UNK B 12 -9.68 21.36 41.39
N ARG C 18 -38.03 -28.31 15.86
CA ARG C 18 -38.09 -29.46 14.98
C ARG C 18 -38.98 -29.16 13.78
N VAL C 19 -39.04 -27.89 13.41
CA VAL C 19 -39.84 -27.42 12.28
C VAL C 19 -38.93 -26.63 11.35
N ARG C 20 -39.01 -26.94 10.05
CA ARG C 20 -38.17 -26.26 9.08
C ARG C 20 -38.53 -24.79 8.98
N ARG C 21 -37.51 -23.96 8.73
CA ARG C 21 -37.70 -22.51 8.76
C ARG C 21 -38.64 -22.04 7.64
N SER C 22 -38.46 -22.56 6.43
CA SER C 22 -39.32 -22.15 5.32
C SER C 22 -40.76 -22.55 5.58
N GLU C 23 -40.98 -23.77 6.06
CA GLU C 23 -42.33 -24.22 6.40
C GLU C 23 -42.90 -23.37 7.53
N ALA C 24 -42.06 -22.99 8.48
CA ALA C 24 -42.52 -22.16 9.59
C ALA C 24 -43.00 -20.80 9.09
N ILE C 25 -42.28 -20.21 8.14
CA ILE C 25 -42.71 -18.92 7.60
C ILE C 25 -44.00 -19.08 6.80
N THR C 26 -44.05 -20.08 5.92
CA THR C 26 -45.22 -20.20 5.05
C THR C 26 -46.46 -20.67 5.81
N HIS C 27 -46.27 -21.47 6.87
CA HIS C 27 -47.38 -21.96 7.67
C HIS C 27 -46.98 -21.98 9.14
N GLY C 28 -47.89 -21.54 9.99
CA GLY C 28 -47.66 -21.63 11.43
C GLY C 28 -48.29 -20.46 12.15
N THR C 29 -48.21 -20.54 13.48
CA THR C 29 -48.72 -19.51 14.35
C THR C 29 -47.82 -18.28 14.30
N PRO C 30 -48.32 -17.11 14.74
CA PRO C 30 -47.48 -15.91 14.69
C PRO C 30 -46.16 -16.04 15.43
N PHE C 31 -46.12 -16.83 16.50
CA PHE C 31 -44.86 -17.07 17.19
C PHE C 31 -43.85 -17.74 16.26
N GLN C 32 -44.32 -18.74 15.49
CA GLN C 32 -43.44 -19.42 14.54
C GLN C 32 -42.90 -18.43 13.51
N LYS C 33 -43.78 -17.59 12.98
CA LYS C 33 -43.35 -16.64 11.96
C LYS C 33 -42.35 -15.64 12.51
N ALA C 34 -42.58 -15.13 13.72
CA ALA C 34 -41.63 -14.20 14.32
C ALA C 34 -40.28 -14.87 14.57
N ALA C 35 -40.30 -16.10 15.08
CA ALA C 35 -39.05 -16.81 15.32
C ALA C 35 -38.29 -17.03 14.02
N ALA C 36 -38.99 -17.42 12.96
CA ALA C 36 -38.31 -17.67 11.69
C ALA C 36 -37.83 -16.38 11.05
N LEU C 37 -38.53 -15.27 11.30
CA LEU C 37 -38.07 -13.99 10.76
C LEU C 37 -36.79 -13.53 11.44
N VAL C 38 -36.73 -13.63 12.77
CA VAL C 38 -35.47 -13.29 13.45
C VAL C 38 -34.39 -14.29 13.07
N ASP C 39 -34.78 -15.53 12.78
CA ASP C 39 -33.85 -16.53 12.27
C ASP C 39 -33.20 -16.08 10.96
N LEU C 40 -34.02 -15.69 9.99
CA LEU C 40 -33.51 -15.20 8.72
C LEU C 40 -32.65 -13.97 8.91
N ALA C 41 -33.06 -13.08 9.83
CA ALA C 41 -32.26 -11.90 10.11
C ALA C 41 -30.85 -12.28 10.56
N GLU C 42 -30.76 -13.14 11.56
CA GLU C 42 -29.45 -13.44 12.14
C GLU C 42 -28.62 -14.29 11.20
N ASP C 43 -29.27 -15.07 10.33
CA ASP C 43 -28.55 -15.80 9.31
C ASP C 43 -27.99 -14.86 8.25
N GLY C 44 -28.60 -13.68 8.10
CA GLY C 44 -28.15 -12.70 7.14
C GLY C 44 -28.99 -12.64 5.88
N ILE C 45 -29.82 -13.64 5.61
CA ILE C 45 -30.65 -13.62 4.42
C ILE C 45 -31.77 -12.61 4.57
N GLY C 46 -31.94 -11.78 3.53
CA GLY C 46 -32.95 -10.73 3.59
C GLY C 46 -34.09 -10.95 2.61
N LEU C 47 -35.30 -11.04 3.14
CA LEU C 47 -36.46 -11.22 2.29
C LEU C 47 -36.73 -9.96 1.47
N PRO C 48 -37.41 -10.08 0.33
CA PRO C 48 -37.78 -8.89 -0.43
C PRO C 48 -38.72 -7.99 0.38
N VAL C 49 -38.56 -6.69 0.17
CA VAL C 49 -39.31 -5.71 0.96
C VAL C 49 -40.81 -5.84 0.70
N GLU C 50 -41.19 -6.10 -0.55
CA GLU C 50 -42.61 -6.16 -0.88
C GLU C 50 -43.30 -7.29 -0.13
N ILE C 51 -42.63 -8.43 0.02
CA ILE C 51 -43.20 -9.54 0.78
C ILE C 51 -43.45 -9.12 2.22
N LEU C 52 -42.54 -8.35 2.80
CA LEU C 52 -42.74 -7.86 4.16
C LEU C 52 -43.91 -6.89 4.22
N ASP C 53 -44.06 -6.02 3.21
CA ASP C 53 -45.08 -4.99 3.27
C ASP C 53 -46.48 -5.57 3.30
N GLN C 54 -46.73 -6.61 2.51
CA GLN C 54 -48.07 -7.16 2.40
C GLN C 54 -48.46 -7.93 3.66
N SER C 55 -49.76 -8.24 3.78
CA SER C 55 -50.28 -8.87 4.98
C SER C 55 -50.18 -10.38 4.91
N SER C 56 -49.39 -10.95 5.83
CA SER C 56 -49.32 -12.39 6.12
C SER C 56 -48.59 -13.20 5.04
N PHE C 57 -48.33 -12.56 3.89
CA PHE C 57 -47.36 -13.02 2.89
C PHE C 57 -47.26 -14.55 2.79
N GLY C 58 -48.40 -15.22 2.60
CA GLY C 58 -48.38 -16.67 2.51
C GLY C 58 -47.95 -17.24 1.18
N GLU C 59 -48.77 -17.02 0.15
CA GLU C 59 -48.49 -17.59 -1.16
C GLU C 59 -47.22 -17.02 -1.76
N SER C 60 -46.99 -15.72 -1.57
CA SER C 60 -45.78 -15.10 -2.09
C SER C 60 -44.53 -15.70 -1.45
N ALA C 61 -44.56 -15.92 -0.13
CA ALA C 61 -43.42 -16.54 0.52
C ALA C 61 -43.23 -17.98 0.07
N ARG C 62 -44.33 -18.71 -0.15
CA ARG C 62 -44.22 -20.06 -0.69
C ARG C 62 -43.51 -20.06 -2.03
N TYR C 63 -43.92 -19.15 -2.92
CA TYR C 63 -43.29 -19.06 -4.23
C TYR C 63 -41.83 -18.63 -4.12
N TYR C 64 -41.53 -17.68 -3.23
CA TYR C 64 -40.16 -17.22 -3.07
C TYR C 64 -39.27 -18.34 -2.57
N PHE C 65 -39.77 -19.16 -1.64
CA PHE C 65 -38.97 -20.28 -1.13
C PHE C 65 -38.77 -21.35 -2.19
N ILE C 66 -39.83 -21.71 -2.91
CA ILE C 66 -39.67 -22.73 -3.96
C ILE C 66 -38.74 -22.22 -5.06
N PHE C 67 -38.67 -20.89 -5.21
CA PHE C 67 -37.72 -20.32 -6.15
C PHE C 67 -36.29 -20.40 -5.63
N THR C 68 -36.06 -19.90 -4.41
CA THR C 68 -34.70 -19.81 -3.89
C THR C 68 -34.13 -21.19 -3.57
N ARG C 69 -34.98 -22.22 -3.55
CA ARG C 69 -34.48 -23.57 -3.34
C ARG C 69 -33.60 -24.00 -4.51
N LEU C 70 -33.82 -23.43 -5.70
CA LEU C 70 -33.09 -23.82 -6.90
C LEU C 70 -31.96 -22.87 -7.25
N ASP C 71 -31.32 -22.26 -6.26
CA ASP C 71 -30.29 -21.26 -6.54
C ASP C 71 -29.10 -21.86 -7.28
N LEU C 72 -28.82 -23.15 -7.05
CA LEU C 72 -27.69 -23.79 -7.70
C LEU C 72 -27.87 -23.84 -9.21
N ILE C 73 -29.09 -24.12 -9.68
CA ILE C 73 -29.32 -24.19 -11.12
C ILE C 73 -29.12 -22.84 -11.76
N TRP C 74 -29.62 -21.77 -11.13
CA TRP C 74 -29.42 -20.44 -11.68
C TRP C 74 -27.95 -20.06 -11.71
N SER C 75 -27.21 -20.38 -10.64
CA SER C 75 -25.79 -20.06 -10.63
C SER C 75 -25.03 -20.82 -11.72
N LEU C 76 -25.35 -22.10 -11.91
CA LEU C 76 -24.68 -22.87 -12.96
C LEU C 76 -25.03 -22.33 -14.34
N ASN C 77 -26.28 -21.93 -14.55
CA ASN C 77 -26.66 -21.32 -15.82
C ASN C 77 -25.87 -20.05 -16.05
N TYR C 78 -25.74 -19.21 -15.02
CA TYR C 78 -24.98 -17.97 -15.16
C TYR C 78 -23.52 -18.24 -15.51
N PHE C 79 -22.90 -19.20 -14.83
CA PHE C 79 -21.50 -19.48 -15.11
C PHE C 79 -21.32 -20.07 -16.50
N ALA C 80 -22.25 -20.92 -16.94
CA ALA C 80 -22.17 -21.46 -18.29
C ALA C 80 -22.32 -20.35 -19.33
N LEU C 81 -23.24 -19.42 -19.10
CA LEU C 81 -23.41 -18.30 -20.02
C LEU C 81 -22.16 -17.44 -20.08
N LEU C 82 -21.53 -17.20 -18.93
CA LEU C 82 -20.32 -16.40 -18.92
C LEU C 82 -19.18 -17.10 -19.64
N PHE C 83 -19.01 -18.41 -19.40
CA PHE C 83 -17.90 -19.14 -20.00
C PHE C 83 -18.17 -19.57 -21.45
N LEU C 84 -19.36 -19.29 -21.98
CA LEU C 84 -19.57 -19.51 -23.41
C LEU C 84 -18.57 -18.73 -24.25
N ASN C 85 -18.13 -17.56 -23.77
CA ASN C 85 -17.29 -16.69 -24.58
C ASN C 85 -15.99 -17.37 -24.99
N PHE C 86 -15.48 -18.28 -24.17
CA PHE C 86 -14.22 -18.94 -24.49
C PHE C 86 -14.32 -19.74 -25.78
N PHE C 87 -15.44 -20.47 -25.95
CA PHE C 87 -15.52 -21.44 -27.04
C PHE C 87 -16.09 -20.81 -28.31
N GLU C 88 -16.53 -19.56 -28.23
CA GLU C 88 -17.17 -18.94 -29.37
C GLU C 88 -16.14 -18.50 -30.42
N GLN C 89 -16.44 -18.76 -31.68
CA GLN C 89 -15.50 -18.49 -32.76
C GLN C 89 -15.30 -16.98 -32.93
N PRO C 90 -14.07 -16.51 -33.10
CA PRO C 90 -13.85 -15.07 -33.25
C PRO C 90 -14.45 -14.55 -34.55
N LEU C 91 -14.80 -13.26 -34.52
CA LEU C 91 -15.46 -12.65 -35.67
C LEU C 91 -14.54 -12.59 -36.89
N TRP C 92 -13.27 -12.23 -36.69
CA TRP C 92 -12.39 -12.02 -37.83
C TRP C 92 -12.18 -13.31 -38.61
N CYS C 93 -12.43 -14.46 -37.97
CA CYS C 93 -12.32 -15.73 -38.69
C CYS C 93 -13.49 -15.93 -39.63
N GLU C 94 -14.66 -15.39 -39.29
CA GLU C 94 -15.82 -15.50 -40.16
C GLU C 94 -15.57 -14.79 -41.49
N LYS C 95 -14.97 -13.61 -41.44
CA LYS C 95 -14.48 -12.98 -42.66
C LYS C 95 -13.39 -13.86 -43.27
N ASN C 96 -13.37 -13.93 -44.59
CA ASN C 96 -12.51 -14.90 -45.25
C ASN C 96 -11.04 -14.54 -45.05
N PRO C 97 -10.25 -15.41 -44.41
CA PRO C 97 -8.81 -15.18 -44.35
C PRO C 97 -8.09 -15.90 -45.47
N LYS C 98 -6.92 -15.41 -45.89
CA LYS C 98 -6.23 -16.05 -46.99
C LYS C 98 -5.78 -17.48 -46.66
N PRO C 99 -5.29 -17.83 -45.44
CA PRO C 99 -5.23 -19.23 -45.07
C PRO C 99 -6.45 -19.61 -44.24
N SER C 100 -6.93 -20.84 -44.36
CA SER C 100 -8.07 -21.25 -43.55
C SER C 100 -7.68 -21.31 -42.07
N CYS C 101 -8.66 -21.05 -41.21
CA CYS C 101 -8.37 -21.03 -39.77
C CYS C 101 -8.00 -22.41 -39.24
N LYS C 102 -8.31 -23.47 -39.99
CA LYS C 102 -7.96 -24.81 -39.53
C LYS C 102 -6.46 -24.98 -39.36
N ASP C 103 -5.67 -24.17 -40.07
CA ASP C 103 -4.23 -24.11 -39.87
C ASP C 103 -3.99 -23.36 -38.57
N ARG C 104 -4.03 -24.08 -37.46
CA ARG C 104 -4.05 -23.43 -36.15
C ARG C 104 -2.70 -22.82 -35.81
N ASP C 105 -1.62 -23.38 -36.36
CA ASP C 105 -0.29 -22.90 -36.01
C ASP C 105 0.02 -21.56 -36.64
N TYR C 106 -0.64 -21.25 -37.77
CA TYR C 106 -0.30 -20.05 -38.53
C TYR C 106 -0.58 -18.78 -37.74
N TYR C 107 -1.70 -18.75 -37.02
CA TYR C 107 -2.14 -17.55 -36.33
C TYR C 107 -1.75 -17.52 -34.86
N TYR C 108 -0.93 -18.46 -34.40
CA TYR C 108 -0.43 -18.48 -33.03
C TYR C 108 -1.57 -18.50 -32.01
N LEU C 109 -2.39 -19.54 -32.07
CA LEU C 109 -3.53 -19.70 -31.17
C LEU C 109 -3.83 -21.18 -31.03
N GLY C 110 -4.76 -21.50 -30.13
CA GLY C 110 -5.26 -22.86 -30.08
C GLY C 110 -5.58 -23.30 -28.66
N GLU C 111 -5.67 -24.62 -28.50
CA GLU C 111 -5.87 -25.35 -27.25
C GLU C 111 -7.29 -25.22 -26.71
N LEU C 112 -8.24 -24.75 -27.51
CA LEU C 112 -9.65 -24.80 -27.15
C LEU C 112 -10.46 -25.04 -28.42
N PRO C 113 -11.54 -25.80 -28.32
CA PRO C 113 -12.34 -26.10 -29.51
C PRO C 113 -13.37 -25.01 -29.79
N TYR C 114 -13.40 -24.50 -31.02
CA TYR C 114 -14.35 -23.46 -31.36
C TYR C 114 -15.70 -24.07 -31.73
N LEU C 115 -16.75 -23.54 -31.12
CA LEU C 115 -18.08 -24.08 -31.33
C LEU C 115 -18.55 -23.79 -32.75
N THR C 116 -19.07 -24.83 -33.41
CA THR C 116 -19.67 -24.66 -34.72
C THR C 116 -21.00 -23.92 -34.58
N ASN C 117 -21.63 -23.66 -35.74
CA ASN C 117 -22.87 -22.89 -35.74
C ASN C 117 -23.99 -23.63 -35.02
N ALA C 118 -24.16 -24.91 -35.31
CA ALA C 118 -25.25 -25.67 -34.71
C ALA C 118 -25.06 -25.83 -33.20
N GLU C 119 -23.83 -26.18 -32.78
CA GLU C 119 -23.56 -26.30 -31.35
C GLU C 119 -23.78 -24.99 -30.64
N SER C 120 -23.32 -23.89 -31.24
CA SER C 120 -23.48 -22.58 -30.63
C SER C 120 -24.96 -22.23 -30.49
N ILE C 121 -25.75 -22.50 -31.53
CA ILE C 121 -27.16 -22.12 -31.47
C ILE C 121 -27.90 -22.96 -30.44
N ILE C 122 -27.56 -24.25 -30.33
CA ILE C 122 -28.20 -25.09 -29.31
C ILE C 122 -27.85 -24.60 -27.92
N TYR C 123 -26.56 -24.33 -27.68
CA TYR C 123 -26.12 -23.89 -26.36
C TYR C 123 -26.77 -22.57 -25.99
N GLU C 124 -26.81 -21.63 -26.94
CA GLU C 124 -27.42 -20.33 -26.69
C GLU C 124 -28.91 -20.46 -26.41
N VAL C 125 -29.61 -21.32 -27.16
CA VAL C 125 -31.05 -21.48 -26.94
C VAL C 125 -31.32 -22.03 -25.54
N ILE C 126 -30.57 -23.06 -25.14
CA ILE C 126 -30.81 -23.64 -23.81
C ILE C 126 -30.54 -22.61 -22.71
N THR C 127 -29.39 -21.94 -22.80
CA THR C 127 -29.05 -20.96 -21.78
C THR C 127 -30.06 -19.81 -21.75
N LEU C 128 -30.52 -19.37 -22.93
CA LEU C 128 -31.50 -18.30 -23.00
C LEU C 128 -32.82 -18.71 -22.38
N ALA C 129 -33.24 -19.96 -22.61
CA ALA C 129 -34.49 -20.42 -22.02
C ALA C 129 -34.41 -20.41 -20.49
N ILE C 130 -33.31 -20.94 -19.95
CA ILE C 130 -33.17 -20.95 -18.48
C ILE C 130 -33.11 -19.53 -17.95
N LEU C 131 -32.38 -18.66 -18.64
CA LEU C 131 -32.27 -17.27 -18.21
C LEU C 131 -33.62 -16.57 -18.23
N LEU C 132 -34.42 -16.82 -19.28
CA LEU C 132 -35.75 -16.22 -19.38
C LEU C 132 -36.64 -16.67 -18.23
N VAL C 133 -36.69 -17.97 -17.95
CA VAL C 133 -37.57 -18.44 -16.89
C VAL C 133 -37.11 -17.89 -15.54
N HIS C 134 -35.79 -17.82 -15.32
CA HIS C 134 -35.30 -17.24 -14.08
C HIS C 134 -35.70 -15.77 -13.95
N THR C 135 -35.54 -15.00 -15.02
CA THR C 135 -35.78 -13.56 -14.95
C THR C 135 -37.26 -13.25 -14.78
N PHE C 136 -38.12 -14.09 -15.35
CA PHE C 136 -39.55 -13.78 -15.29
C PHE C 136 -40.26 -14.58 -14.20
N PHE C 137 -39.52 -15.39 -13.44
CA PHE C 137 -40.12 -16.02 -12.28
C PHE C 137 -40.57 -15.05 -11.19
N PRO C 138 -39.77 -14.06 -10.75
CA PRO C 138 -40.16 -13.33 -9.54
C PRO C 138 -41.26 -12.31 -9.75
N ILE C 139 -41.88 -12.27 -10.93
CA ILE C 139 -43.08 -11.45 -11.09
C ILE C 139 -44.24 -12.09 -10.34
N SER C 140 -44.13 -13.38 -10.02
CA SER C 140 -45.22 -14.10 -9.38
C SER C 140 -45.52 -13.56 -7.99
N TYR C 141 -44.48 -13.36 -7.17
CA TYR C 141 -44.72 -12.96 -5.79
C TYR C 141 -44.58 -11.46 -5.60
N GLU C 142 -43.68 -10.81 -6.34
CA GLU C 142 -43.50 -9.37 -6.20
C GLU C 142 -44.73 -8.61 -6.69
N GLY C 143 -45.38 -9.11 -7.73
CA GLY C 143 -46.55 -8.45 -8.28
C GLY C 143 -46.20 -7.64 -9.52
N SER C 144 -47.24 -7.35 -10.31
CA SER C 144 -47.04 -6.69 -11.60
C SER C 144 -46.52 -5.27 -11.42
N ARG C 145 -47.08 -4.52 -10.47
CA ARG C 145 -46.74 -3.11 -10.37
C ARG C 145 -45.35 -2.92 -9.75
N ILE C 146 -45.02 -3.68 -8.72
CA ILE C 146 -43.73 -3.51 -8.06
C ILE C 146 -42.59 -3.96 -8.96
N PHE C 147 -42.81 -5.07 -9.70
CA PHE C 147 -41.72 -5.65 -10.49
C PHE C 147 -41.25 -4.71 -11.59
N TRP C 148 -42.19 -4.09 -12.32
CA TRP C 148 -41.80 -3.31 -13.49
C TRP C 148 -41.23 -1.96 -13.11
N THR C 149 -41.49 -1.50 -11.89
CA THR C 149 -41.04 -0.17 -11.49
C THR C 149 -39.54 -0.16 -11.19
N SER C 150 -39.01 -1.26 -10.65
CA SER C 150 -37.62 -1.31 -10.24
C SER C 150 -36.69 -1.22 -11.44
N ARG C 151 -35.60 -0.46 -11.28
CA ARG C 151 -34.64 -0.29 -12.36
C ARG C 151 -33.94 -1.60 -12.69
N LEU C 152 -33.60 -2.40 -11.67
CA LEU C 152 -32.84 -3.62 -11.89
C LEU C 152 -33.59 -4.60 -12.78
N ASN C 153 -34.89 -4.79 -12.52
CA ASN C 153 -35.66 -5.70 -13.35
C ASN C 153 -35.71 -5.21 -14.79
N LEU C 154 -35.85 -3.90 -14.98
CA LEU C 154 -35.91 -3.35 -16.33
C LEU C 154 -34.59 -3.55 -17.07
N VAL C 155 -33.46 -3.31 -16.42
CA VAL C 155 -32.18 -3.47 -17.10
C VAL C 155 -31.92 -4.94 -17.39
N LYS C 156 -32.30 -5.83 -16.48
CA LYS C 156 -32.15 -7.26 -16.74
C LYS C 156 -33.02 -7.70 -17.90
N VAL C 157 -34.25 -7.18 -17.98
CA VAL C 157 -35.13 -7.51 -19.10
C VAL C 157 -34.56 -6.97 -20.41
N ALA C 158 -33.95 -5.79 -20.36
CA ALA C 158 -33.31 -5.25 -21.56
C ALA C 158 -32.17 -6.14 -22.03
N CYS C 159 -31.34 -6.59 -21.09
CA CYS C 159 -30.26 -7.51 -21.45
C CYS C 159 -30.82 -8.80 -22.04
N VAL C 160 -31.87 -9.33 -21.44
CA VAL C 160 -32.45 -10.59 -21.91
C VAL C 160 -33.02 -10.43 -23.31
N VAL C 161 -33.75 -9.34 -23.56
CA VAL C 161 -34.35 -9.16 -24.88
C VAL C 161 -33.28 -8.91 -25.94
N ILE C 162 -32.19 -8.22 -25.57
CA ILE C 162 -31.09 -8.05 -26.50
C ILE C 162 -30.49 -9.41 -26.86
N LEU C 163 -30.27 -10.26 -25.85
CA LEU C 163 -29.74 -11.59 -26.12
C LEU C 163 -30.69 -12.38 -27.00
N PHE C 164 -31.99 -12.30 -26.73
CA PHE C 164 -32.96 -13.07 -27.50
C PHE C 164 -33.01 -12.61 -28.95
N VAL C 165 -33.01 -11.30 -29.19
CA VAL C 165 -33.05 -10.82 -30.57
C VAL C 165 -31.76 -11.18 -31.29
N ASP C 166 -30.63 -11.16 -30.59
CA ASP C 166 -29.38 -11.59 -31.20
C ASP C 166 -29.44 -13.06 -31.60
N VAL C 167 -29.98 -13.91 -30.72
CA VAL C 167 -30.09 -15.33 -31.05
C VAL C 167 -31.02 -15.52 -32.24
N LEU C 168 -32.13 -14.77 -32.28
CA LEU C 168 -33.07 -14.91 -33.38
C LEU C 168 -32.44 -14.49 -34.72
N VAL C 169 -31.71 -13.37 -34.72
CA VAL C 169 -31.11 -12.93 -35.99
C VAL C 169 -29.98 -13.85 -36.40
N ASP C 170 -29.28 -14.43 -35.42
CA ASP C 170 -28.28 -15.46 -35.74
C ASP C 170 -28.95 -16.67 -36.39
N PHE C 171 -30.09 -17.11 -35.84
CA PHE C 171 -30.78 -18.25 -36.41
C PHE C 171 -31.29 -17.97 -37.81
N LEU C 172 -31.81 -16.76 -38.03
CA LEU C 172 -32.27 -16.38 -39.37
C LEU C 172 -31.10 -16.26 -40.33
N TYR C 173 -29.92 -15.90 -39.82
CA TYR C 173 -28.75 -15.72 -40.67
C TYR C 173 -28.34 -17.04 -41.32
N LEU C 174 -28.39 -18.13 -40.58
CA LEU C 174 -28.01 -19.43 -41.12
C LEU C 174 -29.15 -20.03 -41.95
N PHE C 181 -25.93 -7.80 -42.51
CA PHE C 181 -24.54 -7.45 -42.24
C PHE C 181 -24.38 -6.90 -40.82
N LEU C 182 -23.24 -7.20 -40.21
CA LEU C 182 -22.93 -6.68 -38.89
C LEU C 182 -21.48 -6.22 -38.83
N PRO C 183 -21.21 -5.01 -38.38
CA PRO C 183 -19.80 -4.60 -38.18
C PRO C 183 -19.17 -5.28 -36.98
N PHE C 184 -19.94 -5.48 -35.92
CA PHE C 184 -19.46 -6.12 -34.70
C PHE C 184 -20.63 -6.76 -33.99
N ARG C 185 -20.32 -7.70 -33.10
CA ARG C 185 -21.33 -8.43 -32.35
C ARG C 185 -21.40 -7.88 -30.93
N ILE C 186 -22.61 -7.87 -30.36
CA ILE C 186 -22.83 -7.24 -29.06
C ILE C 186 -23.14 -8.26 -27.96
N ALA C 187 -23.18 -9.54 -28.29
CA ALA C 187 -23.52 -10.54 -27.28
C ALA C 187 -22.56 -10.61 -26.10
N PRO C 188 -21.23 -10.66 -26.29
CA PRO C 188 -20.35 -10.85 -25.11
C PRO C 188 -20.51 -9.78 -24.05
N TYR C 189 -20.62 -8.51 -24.46
CA TYR C 189 -20.74 -7.44 -23.48
C TYR C 189 -22.02 -7.58 -22.68
N VAL C 190 -23.14 -7.87 -23.35
CA VAL C 190 -24.41 -7.92 -22.65
C VAL C 190 -24.49 -9.14 -21.74
N ARG C 191 -23.89 -10.27 -22.15
CA ARG C 191 -23.91 -11.43 -21.27
C ARG C 191 -23.01 -11.24 -20.06
N VAL C 192 -21.87 -10.56 -20.25
CA VAL C 192 -21.05 -10.22 -19.09
C VAL C 192 -21.81 -9.29 -18.15
N ILE C 193 -22.54 -8.32 -18.71
CA ILE C 193 -23.31 -7.40 -17.87
C ILE C 193 -24.38 -8.13 -17.09
N ILE C 194 -25.08 -9.07 -17.74
CA ILE C 194 -26.14 -9.78 -17.03
C ILE C 194 -25.55 -10.72 -15.99
N PHE C 195 -24.35 -11.25 -16.24
CA PHE C 195 -23.67 -12.00 -15.20
C PHE C 195 -23.32 -11.11 -14.01
N ILE C 196 -22.92 -9.86 -14.29
CA ILE C 196 -22.67 -8.91 -13.21
C ILE C 196 -23.93 -8.69 -12.38
N LEU C 197 -25.04 -8.39 -13.05
CA LEU C 197 -26.29 -8.13 -12.33
C LEU C 197 -26.89 -9.38 -11.69
N SER C 198 -26.38 -10.56 -12.04
CA SER C 198 -26.92 -11.79 -11.46
C SER C 198 -26.55 -11.93 -9.98
N ILE C 199 -25.32 -11.58 -9.61
CA ILE C 199 -24.79 -11.87 -8.28
C ILE C 199 -24.81 -10.60 -7.45
N ARG C 200 -25.22 -10.73 -6.18
CA ARG C 200 -25.41 -9.57 -5.33
C ARG C 200 -24.10 -8.87 -4.99
N GLU C 201 -23.04 -9.65 -4.75
CA GLU C 201 -21.76 -9.06 -4.36
C GLU C 201 -21.21 -8.17 -5.45
N LEU C 202 -21.36 -8.58 -6.71
CA LEU C 202 -20.90 -7.77 -7.82
C LEU C 202 -21.66 -6.46 -7.90
N ARG C 203 -22.97 -6.50 -7.63
CA ARG C 203 -23.76 -5.26 -7.59
C ARG C 203 -23.26 -4.33 -6.49
N ASP C 204 -22.96 -4.89 -5.31
CA ASP C 204 -22.44 -4.05 -4.23
C ASP C 204 -21.10 -3.44 -4.61
N THR C 205 -20.24 -4.23 -5.27
CA THR C 205 -18.95 -3.71 -5.69
C THR C 205 -19.11 -2.57 -6.70
N LEU C 206 -20.06 -2.71 -7.63
CA LEU C 206 -20.31 -1.62 -8.57
C LEU C 206 -20.80 -0.38 -7.85
N VAL C 207 -21.65 -0.56 -6.84
CA VAL C 207 -22.10 0.61 -6.06
C VAL C 207 -20.92 1.30 -5.41
N LEU C 208 -19.99 0.53 -4.83
CA LEU C 208 -18.80 1.12 -4.23
C LEU C 208 -17.97 1.88 -5.26
N LEU C 209 -17.79 1.28 -6.44
CA LEU C 209 -16.98 1.95 -7.47
C LEU C 209 -17.65 3.26 -7.91
N SER C 210 -18.97 3.24 -8.11
CA SER C 210 -19.67 4.47 -8.47
C SER C 210 -19.53 5.52 -7.39
N GLY C 211 -19.43 5.08 -6.13
CA GLY C 211 -19.14 6.03 -5.06
C GLY C 211 -17.75 6.62 -5.17
N MET C 212 -16.78 5.81 -5.59
CA MET C 212 -15.38 6.25 -5.51
C MET C 212 -14.94 7.03 -6.75
N LEU C 213 -15.73 6.97 -7.82
CA LEU C 213 -15.28 7.49 -9.12
C LEU C 213 -14.94 8.97 -9.08
N GLY C 214 -15.74 9.79 -8.39
CA GLY C 214 -15.50 11.24 -8.44
C GLY C 214 -14.16 11.64 -7.86
N THR C 215 -13.85 11.11 -6.67
CA THR C 215 -12.56 11.41 -6.04
C THR C 215 -11.43 10.82 -6.87
N TYR C 216 -11.63 9.63 -7.43
CA TYR C 216 -10.59 9.05 -8.29
C TYR C 216 -10.33 9.95 -9.49
N LEU C 217 -11.39 10.55 -10.06
CA LEU C 217 -11.21 11.43 -11.20
C LEU C 217 -10.45 12.70 -10.82
N ASN C 218 -10.75 13.27 -9.66
CA ASN C 218 -9.99 14.43 -9.22
C ASN C 218 -8.50 14.10 -9.12
N ILE C 219 -8.17 12.97 -8.50
CA ILE C 219 -6.77 12.60 -8.36
C ILE C 219 -6.15 12.34 -9.73
N LEU C 220 -6.93 11.77 -10.65
CA LEU C 220 -6.42 11.55 -12.00
C LEU C 220 -6.09 12.86 -12.69
N ALA C 221 -6.92 13.88 -12.51
CA ALA C 221 -6.63 15.18 -13.09
C ALA C 221 -5.33 15.74 -12.56
N LEU C 222 -5.12 15.66 -11.24
CA LEU C 222 -3.86 16.15 -10.68
C LEU C 222 -2.66 15.37 -11.22
N TRP C 223 -2.78 14.05 -11.31
CA TRP C 223 -1.70 13.22 -11.81
C TRP C 223 -1.36 13.54 -13.25
N MET C 224 -2.39 13.76 -14.09
CA MET C 224 -2.15 14.10 -15.48
C MET C 224 -1.46 15.46 -15.60
N LEU C 225 -1.85 16.42 -14.75
CA LEU C 225 -1.17 17.71 -14.75
C LEU C 225 0.31 17.55 -14.41
N PHE C 226 0.60 16.73 -13.39
CA PHE C 226 1.98 16.49 -13.01
C PHE C 226 2.78 15.86 -14.15
N LEU C 227 2.18 14.88 -14.83
CA LEU C 227 2.87 14.26 -15.96
C LEU C 227 3.15 15.27 -17.07
N LEU C 228 2.17 16.12 -17.38
CA LEU C 228 2.38 17.11 -18.45
C LEU C 228 3.52 18.05 -18.10
N PHE C 229 3.55 18.52 -16.85
CA PHE C 229 4.61 19.43 -16.45
C PHE C 229 5.98 18.76 -16.51
N ALA C 230 6.08 17.54 -15.97
CA ALA C 230 7.36 16.85 -15.97
C ALA C 230 7.83 16.53 -17.39
N SER C 231 6.89 16.14 -18.26
CA SER C 231 7.25 15.86 -19.65
C SER C 231 7.74 17.11 -20.36
N TRP C 232 7.10 18.26 -20.09
CA TRP C 232 7.57 19.50 -20.71
C TRP C 232 8.99 19.84 -20.24
N ILE C 233 9.24 19.68 -18.94
CA ILE C 233 10.60 19.95 -18.43
C ILE C 233 11.60 19.03 -19.08
N ALA C 234 11.29 17.73 -19.16
CA ALA C 234 12.24 16.78 -19.73
C ALA C 234 12.46 17.04 -21.22
N PHE C 235 11.43 17.48 -21.93
CA PHE C 235 11.58 17.77 -23.35
C PHE C 235 12.44 18.99 -23.57
N VAL C 236 12.21 20.05 -22.79
CA VAL C 236 12.98 21.28 -23.00
C VAL C 236 14.41 21.11 -22.51
N MET C 237 14.63 20.20 -21.56
CA MET C 237 15.97 20.02 -21.02
C MET C 237 16.90 19.37 -22.03
N PHE C 238 16.43 18.36 -22.75
CA PHE C 238 17.25 17.58 -23.66
C PHE C 238 16.98 17.93 -25.12
N GLU C 239 16.70 19.19 -25.43
CA GLU C 239 16.35 19.56 -26.79
C GLU C 239 17.51 19.32 -27.76
N ASP C 240 18.72 19.69 -27.35
CA ASP C 240 19.90 19.53 -28.21
C ASP C 240 20.71 18.29 -27.88
N THR C 241 20.44 17.63 -26.76
CA THR C 241 21.20 16.47 -26.36
C THR C 241 20.95 15.32 -27.34
N GLN C 242 21.96 14.45 -27.47
CA GLN C 242 21.82 13.28 -28.34
C GLN C 242 20.66 12.40 -27.88
N GLN C 243 20.43 12.33 -26.57
CA GLN C 243 19.27 11.59 -26.06
C GLN C 243 17.97 12.26 -26.47
N GLY C 244 18.01 13.56 -26.75
CA GLY C 244 16.83 14.21 -27.31
C GLY C 244 16.53 13.74 -28.71
N LEU C 245 17.56 13.55 -29.53
CA LEU C 245 17.35 13.03 -30.87
C LEU C 245 16.93 11.57 -30.83
N THR C 246 17.46 10.80 -29.88
CA THR C 246 17.22 9.37 -29.88
C THR C 246 15.78 9.03 -29.49
N VAL C 247 15.26 9.61 -28.40
CA VAL C 247 13.94 9.21 -27.92
C VAL C 247 12.99 10.40 -27.80
N PHE C 248 13.37 11.45 -27.07
CA PHE C 248 12.50 12.61 -26.90
C PHE C 248 12.52 13.48 -28.14
N THR C 249 12.04 12.91 -29.25
CA THR C 249 12.09 13.62 -30.53
C THR C 249 11.01 14.68 -30.63
N SER C 250 9.88 14.48 -29.97
CA SER C 250 8.78 15.43 -30.00
C SER C 250 8.10 15.44 -28.64
N TYR C 251 7.20 16.40 -28.45
CA TYR C 251 6.51 16.49 -27.16
C TYR C 251 5.61 15.29 -26.93
N GLY C 252 4.93 14.82 -27.97
CA GLY C 252 4.12 13.62 -27.82
C GLY C 252 4.96 12.41 -27.42
N ALA C 253 6.09 12.22 -28.10
CA ALA C 253 6.96 11.09 -27.79
C ALA C 253 7.51 11.18 -26.37
N THR C 254 7.92 12.38 -25.95
CA THR C 254 8.48 12.50 -24.61
C THR C 254 7.41 12.33 -23.55
N LEU C 255 6.18 12.80 -23.80
CA LEU C 255 5.10 12.55 -22.87
C LEU C 255 4.81 11.05 -22.74
N TYR C 256 4.80 10.35 -23.87
CA TYR C 256 4.55 8.91 -23.85
C TYR C 256 5.65 8.18 -23.07
N GLN C 257 6.91 8.54 -23.33
CA GLN C 257 8.02 7.90 -22.62
C GLN C 257 7.99 8.22 -21.13
N MET C 258 7.67 9.46 -20.78
CA MET C 258 7.60 9.83 -19.37
C MET C 258 6.50 9.09 -18.64
N PHE C 259 5.36 8.88 -19.32
CA PHE C 259 4.30 8.09 -18.71
C PHE C 259 4.76 6.66 -18.47
N ILE C 260 5.37 6.03 -19.49
CA ILE C 260 5.84 4.66 -19.32
C ILE C 260 6.87 4.59 -18.20
N LEU C 261 7.74 5.60 -18.10
CA LEU C 261 8.72 5.64 -17.03
C LEU C 261 8.06 5.82 -15.67
N PHE C 262 6.95 6.57 -15.62
CA PHE C 262 6.18 6.69 -14.39
C PHE C 262 5.70 5.31 -13.95
N THR C 263 5.29 4.47 -14.90
CA THR C 263 4.98 3.09 -14.54
C THR C 263 6.23 2.31 -14.15
N THR C 264 7.42 2.84 -14.47
CA THR C 264 8.71 2.23 -14.14
C THR C 264 8.89 0.86 -14.77
N SER C 265 8.16 0.58 -15.85
CA SER C 265 8.34 -0.70 -16.53
C SER C 265 9.70 -0.77 -17.22
N ASN C 266 10.18 0.36 -17.73
CA ASN C 266 11.50 0.44 -18.36
C ASN C 266 12.27 1.62 -17.75
N ASN C 267 12.90 1.39 -16.60
CA ASN C 267 13.63 2.48 -15.97
C ASN C 267 14.96 2.78 -16.67
N PRO C 268 15.91 1.85 -16.78
CA PRO C 268 17.21 2.25 -17.36
C PRO C 268 17.14 2.43 -18.86
N ASP C 269 16.16 1.83 -19.53
CA ASP C 269 16.14 1.85 -20.99
C ASP C 269 15.89 3.24 -21.54
N VAL C 270 14.97 4.00 -20.93
CA VAL C 270 14.54 5.27 -21.53
C VAL C 270 15.66 6.30 -21.50
N TRP C 271 16.40 6.40 -20.40
CA TRP C 271 17.35 7.48 -20.23
C TRP C 271 18.79 7.02 -20.30
N ILE C 272 19.08 5.90 -20.96
CA ILE C 272 20.46 5.44 -21.04
C ILE C 272 21.30 6.22 -22.03
N PRO C 273 20.78 6.73 -23.17
CA PRO C 273 21.64 7.60 -23.98
C PRO C 273 22.03 8.88 -23.27
N ALA C 274 21.16 9.43 -22.44
CA ALA C 274 21.52 10.61 -21.65
C ALA C 274 22.62 10.30 -20.66
N TYR C 275 22.52 9.15 -20.00
CA TYR C 275 23.56 8.74 -19.05
C TYR C 275 24.88 8.50 -19.76
N LYS C 276 24.83 7.93 -20.96
CA LYS C 276 26.05 7.74 -21.73
C LYS C 276 26.67 9.08 -22.13
N SER C 277 25.83 10.05 -22.51
CA SER C 277 26.35 11.35 -22.91
C SER C 277 26.94 12.11 -21.73
N SER C 278 26.21 12.17 -20.61
CA SER C 278 26.69 12.85 -19.42
C SER C 278 26.04 12.24 -18.20
N ARG C 279 26.85 11.91 -17.19
CA ARG C 279 26.34 11.22 -16.01
C ARG C 279 25.35 12.08 -15.24
N TRP C 280 25.61 13.39 -15.16
CA TRP C 280 24.82 14.27 -14.31
C TRP C 280 23.33 14.25 -14.66
N SER C 281 22.99 14.00 -15.92
CA SER C 281 21.58 13.97 -16.31
C SER C 281 20.80 12.95 -15.48
N SER C 282 21.46 11.87 -15.06
CA SER C 282 20.80 10.85 -14.25
C SER C 282 20.12 11.46 -13.04
N VAL C 283 20.71 12.52 -12.47
CA VAL C 283 20.13 13.14 -11.29
C VAL C 283 18.69 13.54 -11.56
N PHE C 284 18.44 14.22 -12.69
CA PHE C 284 17.08 14.60 -13.01
C PHE C 284 16.15 13.40 -12.98
N PHE C 285 16.58 12.29 -13.59
CA PHE C 285 15.72 11.11 -13.64
C PHE C 285 15.54 10.52 -12.25
N VAL C 286 16.60 10.47 -11.45
CA VAL C 286 16.43 9.92 -10.11
C VAL C 286 15.67 10.92 -9.25
N LEU C 287 15.55 12.16 -9.72
CA LEU C 287 14.68 13.12 -9.05
C LEU C 287 13.23 12.90 -9.45
N TYR C 288 13.00 12.42 -10.67
CA TYR C 288 11.63 12.27 -11.15
C TYR C 288 10.97 11.03 -10.58
N VAL C 289 11.58 9.86 -10.82
CA VAL C 289 11.01 8.59 -10.36
C VAL C 289 10.76 8.64 -8.85
N LEU C 290 11.74 9.13 -8.10
CA LEU C 290 11.59 9.23 -6.66
C LEU C 290 10.34 10.02 -6.29
N ILE C 291 10.09 11.14 -6.96
CA ILE C 291 8.85 11.88 -6.71
C ILE C 291 7.67 11.12 -7.29
N GLY C 292 7.83 10.53 -8.47
CA GLY C 292 6.71 9.90 -9.14
C GLY C 292 6.20 8.68 -8.41
N VAL C 293 7.10 7.88 -7.85
CA VAL C 293 6.71 6.59 -7.31
C VAL C 293 6.39 6.70 -5.83
N TYR C 294 7.29 7.30 -5.05
CA TYR C 294 7.14 7.27 -3.60
C TYR C 294 6.12 8.29 -3.11
N PHE C 295 5.97 9.41 -3.81
CA PHE C 295 5.04 10.45 -3.38
C PHE C 295 3.68 10.34 -4.05
N VAL C 296 3.61 10.42 -5.37
CA VAL C 296 2.33 10.53 -6.04
C VAL C 296 1.55 9.21 -5.97
N THR C 297 2.23 8.10 -6.25
CA THR C 297 1.54 6.81 -6.29
C THR C 297 0.99 6.43 -4.92
N ASN C 298 1.77 6.67 -3.86
CA ASN C 298 1.31 6.37 -2.52
C ASN C 298 0.16 7.28 -2.11
N LEU C 299 0.19 8.54 -2.57
CA LEU C 299 -0.95 9.42 -2.30
C LEU C 299 -2.21 8.93 -3.00
N ILE C 300 -2.07 8.43 -4.22
CA ILE C 300 -3.22 7.86 -4.92
C ILE C 300 -3.75 6.64 -4.15
N LEU C 301 -2.84 5.80 -3.66
CA LEU C 301 -3.25 4.65 -2.88
C LEU C 301 -4.00 5.08 -1.61
N ALA C 302 -3.50 6.11 -0.94
CA ALA C 302 -4.16 6.59 0.28
C ALA C 302 -5.55 7.14 -0.02
N VAL C 303 -5.66 7.89 -1.13
CA VAL C 303 -6.97 8.44 -1.51
C VAL C 303 -7.96 7.32 -1.80
N VAL C 304 -7.52 6.30 -2.54
CA VAL C 304 -8.40 5.18 -2.85
C VAL C 304 -8.79 4.44 -1.58
N TYR C 305 -7.82 4.27 -0.66
CA TYR C 305 -8.11 3.65 0.63
C TYR C 305 -9.20 4.40 1.37
N ASP C 306 -9.08 5.72 1.47
CA ASP C 306 -10.07 6.51 2.20
C ASP C 306 -11.44 6.42 1.57
N SER C 307 -11.51 6.56 0.24
CA SER C 307 -12.80 6.48 -0.43
C SER C 307 -13.44 5.12 -0.22
N PHE C 308 -12.65 4.05 -0.34
CA PHE C 308 -13.17 2.71 -0.12
C PHE C 308 -13.67 2.53 1.30
N LYS C 309 -12.95 3.08 2.27
CA LYS C 309 -13.37 2.95 3.67
C LYS C 309 -14.71 3.64 3.89
N GLU C 310 -14.87 4.86 3.37
CA GLU C 310 -16.15 5.56 3.52
C GLU C 310 -17.29 4.79 2.87
N GLN C 311 -17.07 4.29 1.65
CA GLN C 311 -18.15 3.58 0.96
C GLN C 311 -18.49 2.27 1.66
N LEU C 312 -17.49 1.59 2.20
CA LEU C 312 -17.75 0.35 2.94
C LEU C 312 -18.55 0.63 4.20
N ALA C 313 -18.23 1.72 4.89
CA ALA C 313 -19.04 2.10 6.05
C ALA C 313 -20.48 2.38 5.64
N LYS C 314 -20.67 3.06 4.52
CA LYS C 314 -22.02 3.31 4.02
C LYS C 314 -22.78 2.02 3.77
N GLN C 315 -22.12 1.07 3.11
CA GLN C 315 -22.78 -0.20 2.78
C GLN C 315 -23.13 -0.99 4.04
N VAL C 316 -22.22 -1.04 5.01
CA VAL C 316 -22.50 -1.75 6.25
C VAL C 316 -23.66 -1.11 6.99
N SER C 317 -23.69 0.22 7.04
CA SER C 317 -24.80 0.90 7.70
C SER C 317 -26.13 0.59 7.02
N GLY C 318 -26.13 0.56 5.68
CA GLY C 318 -27.35 0.20 4.98
C GLY C 318 -27.82 -1.21 5.28
N MET C 319 -26.88 -2.17 5.31
CA MET C 319 -27.25 -3.56 5.62
C MET C 319 -27.82 -3.66 7.03
N ASP C 320 -27.18 -3.00 7.99
CA ASP C 320 -27.69 -3.06 9.37
C ASP C 320 -29.06 -2.40 9.46
N GLN C 321 -29.28 -1.31 8.72
CA GLN C 321 -30.58 -0.68 8.71
C GLN C 321 -31.66 -1.62 8.19
N MET C 322 -31.36 -2.34 7.10
CA MET C 322 -32.34 -3.28 6.57
C MET C 322 -32.65 -4.39 7.57
N LYS C 323 -31.61 -4.92 8.22
CA LYS C 323 -31.83 -5.96 9.22
C LYS C 323 -32.70 -5.44 10.37
N ARG C 324 -32.41 -4.25 10.86
CA ARG C 324 -33.21 -3.67 11.93
C ARG C 324 -34.66 -3.49 11.48
N ARG C 325 -34.86 -3.02 10.25
CA ARG C 325 -36.21 -2.81 9.75
C ARG C 325 -37.01 -4.10 9.73
N MET C 326 -36.42 -5.19 9.25
CA MET C 326 -37.22 -6.39 9.11
C MET C 326 -37.39 -7.11 10.46
N LEU C 327 -36.44 -6.94 11.38
CA LEU C 327 -36.70 -7.38 12.76
C LEU C 327 -37.85 -6.60 13.40
N GLU C 328 -37.91 -5.29 13.19
CA GLU C 328 -39.00 -4.52 13.78
C GLU C 328 -40.31 -4.86 13.11
N LYS C 329 -40.26 -5.26 11.83
CA LYS C 329 -41.46 -5.78 11.18
C LYS C 329 -41.92 -7.09 11.83
N ALA C 330 -40.97 -7.96 12.17
CA ALA C 330 -41.33 -9.19 12.89
C ALA C 330 -41.98 -8.87 14.24
N PHE C 331 -41.42 -7.89 14.96
CA PHE C 331 -42.00 -7.49 16.23
C PHE C 331 -43.41 -6.92 16.04
N GLY C 332 -43.62 -6.15 14.97
CA GLY C 332 -44.97 -5.72 14.66
C GLY C 332 -45.89 -6.88 14.35
N LEU C 333 -45.35 -7.93 13.73
CA LEU C 333 -46.14 -9.11 13.41
C LEU C 333 -46.60 -9.82 14.67
N ILE C 334 -45.71 -10.01 15.64
CA ILE C 334 -46.11 -10.72 16.86
C ILE C 334 -47.08 -9.89 17.68
N ASP C 335 -46.95 -8.57 17.62
CA ASP C 335 -47.86 -7.67 18.33
C ASP C 335 -49.17 -7.60 17.55
N SER C 336 -50.12 -8.47 17.92
CA SER C 336 -51.42 -8.46 17.27
C SER C 336 -52.21 -7.22 17.65
N ASP C 337 -52.03 -6.73 18.87
CA ASP C 337 -52.72 -5.52 19.30
C ASP C 337 -52.24 -4.30 18.53
N LYS C 338 -51.06 -4.41 17.90
CA LYS C 338 -50.41 -3.34 17.12
C LYS C 338 -50.41 -2.00 17.87
N ASN C 339 -50.39 -2.05 19.19
CA ASN C 339 -50.26 -0.87 20.03
C ASN C 339 -48.86 -0.72 20.62
N GLY C 340 -47.89 -1.47 20.11
CA GLY C 340 -46.54 -1.42 20.65
C GLY C 340 -46.43 -1.99 22.05
N GLU C 341 -47.13 -3.09 22.32
CA GLU C 341 -47.17 -3.69 23.64
C GLU C 341 -46.83 -5.16 23.55
N ILE C 342 -45.90 -5.61 24.40
CA ILE C 342 -45.54 -7.01 24.53
C ILE C 342 -45.57 -7.38 26.00
N ASP C 343 -46.26 -8.47 26.32
CA ASP C 343 -46.42 -8.92 27.70
C ASP C 343 -45.42 -10.02 28.02
N LYS C 344 -45.34 -10.38 29.30
CA LYS C 344 -44.37 -11.38 29.73
C LYS C 344 -44.68 -12.75 29.12
N ASN C 345 -45.96 -13.11 29.05
CA ASN C 345 -46.33 -14.41 28.48
C ASN C 345 -45.93 -14.49 27.02
N GLN C 346 -46.15 -13.43 26.25
CA GLN C 346 -45.70 -13.42 24.86
C GLN C 346 -44.19 -13.58 24.78
N CYS C 347 -43.47 -12.91 25.68
CA CYS C 347 -42.00 -13.01 25.68
C CYS C 347 -41.54 -14.44 25.97
N ILE C 348 -42.18 -15.11 26.94
CA ILE C 348 -41.75 -16.46 27.28
C ILE C 348 -42.11 -17.43 26.16
N LYS C 349 -43.26 -17.22 25.49
CA LYS C 349 -43.59 -18.07 24.35
C LYS C 349 -42.58 -17.91 23.22
N LEU C 350 -42.21 -16.65 22.91
CA LEU C 350 -41.21 -16.42 21.88
C LEU C 350 -39.87 -17.02 22.28
N PHE C 351 -39.51 -16.90 23.56
CA PHE C 351 -38.26 -17.49 24.03
C PHE C 351 -38.28 -19.00 23.88
N GLU C 352 -39.43 -19.62 24.17
CA GLU C 352 -39.56 -21.06 23.97
C GLU C 352 -39.39 -21.43 22.50
N GLN C 353 -39.97 -20.62 21.60
CA GLN C 353 -39.80 -20.90 20.17
C GLN C 353 -38.34 -20.81 19.75
N LEU C 354 -37.65 -19.74 20.15
CA LEU C 354 -36.25 -19.61 19.77
C LEU C 354 -35.38 -20.71 20.38
N THR C 355 -35.61 -21.05 21.66
CA THR C 355 -34.82 -22.14 22.23
C THR C 355 -35.18 -23.49 21.60
N ASN C 356 -36.38 -23.60 21.02
CA ASN C 356 -36.66 -24.74 20.16
C ASN C 356 -35.80 -24.68 18.90
N TYR C 357 -35.55 -23.48 18.39
CA TYR C 357 -34.63 -23.37 17.26
C TYR C 357 -33.17 -23.33 17.71
N ARG C 358 -32.80 -22.32 18.52
CA ARG C 358 -31.41 -22.09 18.90
C ARG C 358 -31.13 -22.70 20.27
N THR C 359 -29.86 -22.94 20.54
CA THR C 359 -29.47 -23.47 21.84
C THR C 359 -29.55 -22.38 22.90
N LEU C 360 -30.24 -22.68 23.99
CA LEU C 360 -30.47 -21.72 25.07
C LEU C 360 -30.57 -22.49 26.37
N PRO C 361 -30.24 -21.86 27.50
CA PRO C 361 -30.38 -22.54 28.79
C PRO C 361 -31.84 -22.88 29.07
N LYS C 362 -32.06 -24.02 29.72
CA LYS C 362 -33.41 -24.43 30.06
C LYS C 362 -34.02 -23.47 31.06
N ILE C 363 -35.30 -23.18 30.89
CA ILE C 363 -36.02 -22.22 31.73
C ILE C 363 -37.13 -22.95 32.46
N SER C 364 -37.26 -22.68 33.76
CA SER C 364 -38.35 -23.24 34.55
C SER C 364 -39.56 -22.32 34.50
N LYS C 365 -40.74 -22.91 34.75
CA LYS C 365 -41.96 -22.12 34.69
C LYS C 365 -41.97 -21.03 35.76
N GLU C 366 -41.51 -21.34 36.97
CA GLU C 366 -41.42 -20.32 38.00
C GLU C 366 -40.23 -19.40 37.76
N GLU C 367 -39.28 -19.85 36.95
CA GLU C 367 -38.01 -19.13 36.85
C GLU C 367 -38.17 -17.79 36.14
N PHE C 368 -38.92 -17.75 35.04
CA PHE C 368 -39.09 -16.48 34.35
C PHE C 368 -39.92 -15.50 35.17
N GLY C 369 -40.88 -16.02 35.94
CA GLY C 369 -41.61 -15.16 36.86
C GLY C 369 -40.71 -14.57 37.94
N LEU C 370 -39.82 -15.39 38.50
CA LEU C 370 -38.86 -14.88 39.47
C LEU C 370 -37.92 -13.86 38.85
N ILE C 371 -37.49 -14.11 37.61
CA ILE C 371 -36.61 -13.16 36.91
C ILE C 371 -37.32 -11.82 36.72
N PHE C 372 -38.58 -11.86 36.28
CA PHE C 372 -39.32 -10.62 36.11
C PHE C 372 -39.51 -9.89 37.44
N ASP C 373 -39.82 -10.65 38.51
CA ASP C 373 -40.05 -10.01 39.81
C ASP C 373 -38.78 -9.36 40.35
N GLU C 374 -37.65 -10.05 40.24
CA GLU C 374 -36.40 -9.49 40.75
C GLU C 374 -35.86 -8.40 39.83
N LEU C 375 -36.28 -8.42 38.56
CA LEU C 375 -35.77 -7.43 37.61
C LEU C 375 -36.19 -6.03 37.99
N ASP C 376 -37.48 -5.80 38.21
CA ASP C 376 -38.01 -4.49 38.55
C ASP C 376 -39.21 -4.67 39.47
N ASP C 377 -39.52 -3.62 40.22
CA ASP C 377 -40.72 -3.57 41.04
C ASP C 377 -41.94 -3.13 40.26
N THR C 378 -41.77 -2.74 38.99
CA THR C 378 -42.90 -2.34 38.17
C THR C 378 -43.80 -3.54 37.88
N ARG C 379 -45.10 -3.26 37.80
CA ARG C 379 -46.11 -4.29 37.55
C ARG C 379 -46.57 -4.19 36.11
N ASP C 380 -46.69 -5.33 35.45
CA ASP C 380 -47.09 -5.41 34.03
C ASP C 380 -46.16 -4.55 33.17
N PHE C 381 -44.85 -4.75 33.33
CA PHE C 381 -43.89 -3.99 32.57
C PHE C 381 -43.96 -4.35 31.08
N LYS C 382 -43.90 -3.34 30.23
CA LYS C 382 -44.03 -3.49 28.79
C LYS C 382 -42.66 -3.55 28.14
N ILE C 383 -42.40 -4.61 27.38
CA ILE C 383 -41.18 -4.68 26.58
C ILE C 383 -41.43 -4.00 25.25
N ASN C 384 -40.74 -2.89 25.02
CA ASN C 384 -41.05 -2.13 23.81
C ASN C 384 -40.17 -2.59 22.64
N LYS C 385 -40.36 -1.89 21.52
CA LYS C 385 -39.86 -2.35 20.23
C LYS C 385 -38.34 -2.37 20.17
N ASP C 386 -37.70 -1.26 20.52
CA ASP C 386 -36.26 -1.12 20.29
C ASP C 386 -35.44 -2.00 21.22
N GLU C 387 -35.85 -2.11 22.49
CA GLU C 387 -35.11 -2.98 23.39
C GLU C 387 -35.31 -4.44 23.00
N PHE C 388 -36.47 -4.77 22.44
CA PHE C 388 -36.66 -6.12 21.91
C PHE C 388 -35.67 -6.40 20.78
N ALA C 389 -35.53 -5.44 19.85
CA ALA C 389 -34.55 -5.62 18.79
C ALA C 389 -33.14 -5.81 19.36
N ASP C 390 -32.74 -4.93 20.27
CA ASP C 390 -31.38 -4.98 20.82
C ASP C 390 -31.15 -6.30 21.54
N LEU C 391 -32.12 -6.76 22.33
CA LEU C 391 -31.99 -8.04 23.01
C LEU C 391 -31.94 -9.18 22.00
N CYS C 392 -32.59 -9.03 20.86
CA CYS C 392 -32.48 -10.05 19.82
C CYS C 392 -31.07 -10.14 19.28
N GLN C 393 -30.43 -9.00 18.97
CA GLN C 393 -29.03 -9.10 18.53
C GLN C 393 -28.14 -9.63 19.64
N ALA C 394 -28.42 -9.26 20.89
CA ALA C 394 -27.61 -9.76 21.99
C ALA C 394 -27.69 -11.28 22.11
N ILE C 395 -28.90 -11.82 22.07
CA ILE C 395 -29.07 -13.28 22.20
C ILE C 395 -28.50 -13.97 20.97
N ALA C 396 -28.53 -13.31 19.82
CA ALA C 396 -27.95 -13.91 18.62
C ALA C 396 -26.43 -14.00 18.71
N LEU C 397 -25.78 -12.91 19.17
CA LEU C 397 -24.33 -12.88 19.17
C LEU C 397 -23.75 -13.70 20.32
N ARG C 398 -24.46 -13.76 21.45
CA ARG C 398 -23.92 -14.50 22.59
C ARG C 398 -24.04 -16.00 22.38
N PHE C 399 -25.13 -16.46 21.77
CA PHE C 399 -25.45 -17.88 21.68
C PHE C 399 -25.17 -18.39 20.27
N GLN C 400 -24.54 -19.56 20.18
CA GLN C 400 -24.24 -20.15 18.89
C GLN C 400 -25.49 -20.71 18.23
N LYS C 401 -25.42 -20.92 16.93
CA LYS C 401 -26.53 -21.50 16.20
C LYS C 401 -26.67 -22.99 16.53
N GLU C 402 -27.90 -23.49 16.42
CA GLU C 402 -28.21 -24.88 16.67
C GLU C 402 -28.42 -25.58 15.33
N GLU C 403 -27.78 -26.73 15.17
CA GLU C 403 -27.79 -27.42 13.89
C GLU C 403 -29.18 -27.94 13.56
N VAL C 404 -29.48 -28.01 12.27
CA VAL C 404 -30.69 -28.68 11.79
C VAL C 404 -30.66 -30.13 12.26
N PRO C 405 -31.77 -30.70 12.73
CA PRO C 405 -31.70 -32.07 13.29
C PRO C 405 -31.10 -33.09 12.33
N SER C 406 -31.70 -33.27 11.15
CA SER C 406 -31.16 -34.20 10.16
C SER C 406 -32.03 -34.16 8.92
N LEU C 407 -31.51 -34.76 7.84
CA LEU C 407 -32.26 -35.03 6.62
C LEU C 407 -32.48 -36.51 6.43
N PHE C 408 -31.65 -37.35 7.05
CA PHE C 408 -31.73 -38.79 6.94
C PHE C 408 -32.52 -39.41 8.10
N GLU C 409 -32.97 -38.59 9.05
CA GLU C 409 -33.63 -39.07 10.26
C GLU C 409 -35.07 -39.50 10.01
N HIS C 410 -35.46 -39.68 8.75
CA HIS C 410 -36.81 -40.19 8.47
C HIS C 410 -36.95 -41.63 8.94
N PHE C 411 -35.85 -42.29 9.26
CA PHE C 411 -35.88 -43.61 9.86
C PHE C 411 -35.22 -43.53 11.23
N PRO C 412 -35.94 -43.18 12.29
CA PRO C 412 -35.30 -42.98 13.60
C PRO C 412 -34.64 -44.23 14.16
N GLN C 413 -35.18 -45.40 13.86
CA GLN C 413 -34.63 -46.64 14.43
C GLN C 413 -33.18 -46.85 13.99
N ILE C 414 -32.88 -46.60 12.72
CA ILE C 414 -31.49 -46.65 12.27
C ILE C 414 -30.72 -45.46 12.84
N TYR C 415 -31.38 -44.30 12.94
CA TYR C 415 -30.74 -43.11 13.50
C TYR C 415 -30.33 -43.32 14.94
N HIS C 416 -31.18 -43.96 15.74
CA HIS C 416 -30.93 -44.15 17.16
C HIS C 416 -30.39 -45.53 17.48
N SER C 417 -29.94 -46.29 16.49
CA SER C 417 -29.40 -47.62 16.76
C SER C 417 -28.16 -47.50 17.64
N ALA C 418 -27.92 -48.54 18.45
CA ALA C 418 -26.84 -48.51 19.42
C ALA C 418 -25.49 -48.31 18.75
N LEU C 419 -25.20 -49.07 17.68
CA LEU C 419 -23.95 -48.89 16.96
C LEU C 419 -23.87 -47.50 16.34
N SER C 420 -24.99 -47.01 15.79
CA SER C 420 -25.00 -45.67 15.21
C SER C 420 -24.73 -44.62 16.27
N GLN C 421 -25.33 -44.77 17.45
CA GLN C 421 -25.10 -43.82 18.53
C GLN C 421 -23.64 -43.83 18.97
N GLN C 422 -23.05 -45.03 19.12
CA GLN C 422 -21.65 -45.12 19.51
C GLN C 422 -20.74 -44.47 18.47
N LEU C 423 -21.01 -44.74 17.19
CA LEU C 423 -20.22 -44.15 16.13
C LEU C 423 -20.34 -42.63 16.12
N ARG C 424 -21.56 -42.13 16.31
CA ARG C 424 -21.78 -40.68 16.31
C ARG C 424 -21.04 -40.03 17.47
N ALA C 425 -21.11 -40.65 18.66
CA ALA C 425 -20.39 -40.12 19.81
C ALA C 425 -18.89 -40.13 19.56
N PHE C 426 -18.39 -41.18 18.92
CA PHE C 426 -16.96 -41.24 18.64
C PHE C 426 -16.54 -40.14 17.66
N VAL C 427 -17.30 -39.96 16.57
CA VAL C 427 -16.88 -39.01 15.54
C VAL C 427 -17.03 -37.58 16.03
N ARG C 428 -17.99 -37.33 16.92
CA ARG C 428 -18.14 -35.98 17.47
C ARG C 428 -16.97 -35.63 18.38
N SER C 429 -16.35 -36.64 18.99
CA SER C 429 -15.22 -36.40 19.87
C SER C 429 -14.02 -35.92 19.07
N PRO C 430 -13.15 -35.10 19.68
CA PRO C 430 -11.96 -34.61 18.95
C PRO C 430 -10.98 -35.71 18.59
N ASN C 431 -11.08 -36.89 19.21
CA ASN C 431 -10.19 -37.99 18.86
C ASN C 431 -10.26 -38.31 17.38
N PHE C 432 -11.45 -38.21 16.78
CA PHE C 432 -11.58 -38.43 15.35
C PHE C 432 -10.78 -37.39 14.57
N GLY C 433 -10.81 -36.13 15.00
CA GLY C 433 -10.02 -35.12 14.34
C GLY C 433 -8.53 -35.38 14.46
N TYR C 434 -8.08 -35.83 15.63
CA TYR C 434 -6.67 -36.18 15.80
C TYR C 434 -6.28 -37.33 14.86
N ALA C 435 -7.16 -38.33 14.74
CA ALA C 435 -6.88 -39.44 13.84
C ALA C 435 -6.78 -38.97 12.39
N ILE C 436 -7.68 -38.05 11.99
CA ILE C 436 -7.61 -37.51 10.64
C ILE C 436 -6.30 -36.78 10.43
N SER C 437 -5.88 -35.98 11.41
CA SER C 437 -4.61 -35.26 11.29
C SER C 437 -3.44 -36.22 11.13
N PHE C 438 -3.43 -37.28 11.93
CA PHE C 438 -2.35 -38.27 11.82
C PHE C 438 -2.35 -38.94 10.45
N ILE C 439 -3.54 -39.31 9.96
CA ILE C 439 -3.64 -39.97 8.65
C ILE C 439 -3.12 -39.05 7.55
N LEU C 440 -3.50 -37.78 7.58
CA LEU C 440 -3.07 -36.87 6.53
C LEU C 440 -1.58 -36.52 6.64
N ILE C 441 -1.02 -36.55 7.85
CA ILE C 441 0.43 -36.36 7.96
C ILE C 441 1.16 -37.55 7.34
N ILE C 442 0.70 -38.77 7.62
CA ILE C 442 1.28 -39.94 6.97
C ILE C 442 1.13 -39.84 5.46
N ASN C 443 -0.01 -39.30 5.01
CA ASN C 443 -0.22 -39.09 3.59
C ASN C 443 0.82 -38.13 3.01
N PHE C 444 1.11 -37.04 3.72
CA PHE C 444 2.12 -36.11 3.24
C PHE C 444 3.48 -36.78 3.13
N ILE C 445 3.84 -37.59 4.13
CA ILE C 445 5.12 -38.28 4.06
C ILE C 445 5.17 -39.22 2.86
N ALA C 446 4.08 -39.95 2.61
CA ALA C 446 4.05 -40.86 1.47
C ALA C 446 4.15 -40.11 0.15
N VAL C 447 3.49 -38.96 0.05
CA VAL C 447 3.55 -38.17 -1.18
C VAL C 447 4.97 -37.66 -1.41
N VAL C 448 5.63 -37.19 -0.35
CA VAL C 448 7.01 -36.73 -0.49
C VAL C 448 7.90 -37.87 -0.97
N VAL C 449 7.74 -39.06 -0.38
CA VAL C 449 8.55 -40.20 -0.78
C VAL C 449 8.32 -40.54 -2.24
N GLU C 450 7.06 -40.57 -2.67
CA GLU C 450 6.75 -40.91 -4.05
C GLU C 450 7.33 -39.90 -5.02
N THR C 451 7.21 -38.60 -4.71
CA THR C 451 7.75 -37.57 -5.58
C THR C 451 9.27 -37.68 -5.65
N THR C 452 9.94 -37.92 -4.52
CA THR C 452 11.39 -38.05 -4.53
C THR C 452 11.82 -39.24 -5.36
N LEU C 453 11.09 -40.35 -5.27
CA LEU C 453 11.39 -41.50 -6.14
C LEU C 453 11.19 -41.13 -7.60
N ASP C 454 10.15 -40.36 -7.90
CA ASP C 454 9.92 -39.95 -9.28
C ASP C 454 11.08 -39.12 -9.80
N ILE C 455 11.63 -38.24 -8.96
CA ILE C 455 12.74 -37.39 -9.40
C ILE C 455 13.92 -38.24 -9.83
N GLU C 456 14.23 -39.30 -9.10
CA GLU C 456 15.36 -40.15 -9.41
C GLU C 456 15.03 -41.21 -10.46
N GLU C 457 13.84 -41.17 -11.04
CA GLU C 457 13.43 -42.12 -12.09
C GLU C 457 13.55 -43.56 -11.62
N SER C 458 13.19 -43.80 -10.36
CA SER C 458 13.22 -45.15 -9.83
C SER C 458 12.07 -45.97 -10.40
N SER C 459 12.24 -47.29 -10.40
CA SER C 459 11.25 -48.22 -10.91
C SER C 459 10.30 -48.73 -9.83
N ALA C 460 10.45 -48.27 -8.58
CA ALA C 460 9.59 -48.69 -7.48
C ALA C 460 8.47 -47.71 -7.20
N GLN C 461 7.96 -47.01 -8.22
CA GLN C 461 6.95 -45.99 -8.00
C GLN C 461 5.58 -46.59 -7.72
N LYS C 462 5.27 -47.73 -8.34
CA LYS C 462 3.90 -48.25 -8.32
C LYS C 462 3.36 -48.56 -6.92
N PRO C 463 4.10 -49.23 -6.02
CA PRO C 463 3.55 -49.43 -4.67
C PRO C 463 3.20 -48.15 -3.96
N TRP C 464 4.03 -47.12 -4.10
CA TRP C 464 3.72 -45.85 -3.48
C TRP C 464 2.51 -45.19 -4.14
N GLN C 465 2.36 -45.38 -5.45
CA GLN C 465 1.20 -44.80 -6.13
C GLN C 465 -0.09 -45.47 -5.68
N VAL C 466 -0.08 -46.79 -5.52
CA VAL C 466 -1.29 -47.47 -5.06
C VAL C 466 -1.59 -47.14 -3.59
N ALA C 467 -0.53 -46.94 -2.80
CA ALA C 467 -0.75 -46.43 -1.44
C ALA C 467 -1.39 -45.05 -1.48
N GLU C 468 -0.98 -44.22 -2.43
CA GLU C 468 -1.61 -42.92 -2.63
C GLU C 468 -3.10 -43.07 -2.94
N PHE C 469 -3.43 -44.01 -3.83
CA PHE C 469 -4.83 -44.24 -4.17
C PHE C 469 -5.64 -44.70 -2.96
N VAL C 470 -5.08 -45.61 -2.16
CA VAL C 470 -5.85 -46.08 -1.01
C VAL C 470 -5.99 -44.98 0.03
N PHE C 471 -5.02 -44.06 0.10
CA PHE C 471 -5.20 -42.88 0.93
C PHE C 471 -6.37 -42.03 0.43
N GLY C 472 -6.49 -41.87 -0.88
CA GLY C 472 -7.65 -41.19 -1.43
C GLY C 472 -8.96 -41.87 -1.05
N TRP C 473 -8.97 -43.20 -1.08
CA TRP C 473 -10.14 -43.95 -0.67
C TRP C 473 -10.47 -43.70 0.80
N ILE C 474 -9.45 -43.64 1.65
CA ILE C 474 -9.66 -43.32 3.06
C ILE C 474 -10.31 -41.95 3.20
N TYR C 475 -9.85 -40.97 2.40
CA TYR C 475 -10.45 -39.64 2.46
C TYR C 475 -11.92 -39.68 2.06
N VAL C 476 -12.25 -40.44 1.01
CA VAL C 476 -13.65 -40.57 0.61
C VAL C 476 -14.47 -41.19 1.74
N LEU C 477 -13.93 -42.23 2.38
CA LEU C 477 -14.66 -42.90 3.45
C LEU C 477 -14.93 -41.94 4.61
N GLU C 478 -13.93 -41.16 5.01
CA GLU C 478 -14.12 -40.26 6.15
C GLU C 478 -15.07 -39.13 5.79
N MET C 479 -15.04 -38.67 4.53
CA MET C 479 -16.03 -37.68 4.11
C MET C 479 -17.44 -38.23 4.22
N ALA C 480 -17.65 -39.47 3.76
CA ALA C 480 -18.97 -40.08 3.87
C ALA C 480 -19.39 -40.21 5.33
N LEU C 481 -18.46 -40.62 6.20
CA LEU C 481 -18.79 -40.78 7.61
C LEU C 481 -19.20 -39.45 8.23
N LYS C 482 -18.45 -38.38 7.94
CA LYS C 482 -18.77 -37.07 8.52
C LYS C 482 -20.11 -36.54 7.98
N ILE C 483 -20.34 -36.66 6.68
CA ILE C 483 -21.58 -36.14 6.12
C ILE C 483 -22.77 -36.95 6.63
N TYR C 484 -22.55 -38.22 6.99
CA TYR C 484 -23.61 -39.01 7.59
C TYR C 484 -23.89 -38.57 9.01
N THR C 485 -22.83 -38.35 9.80
CA THR C 485 -23.03 -38.08 11.23
C THR C 485 -23.56 -36.66 11.46
N TYR C 486 -23.15 -35.70 10.64
CA TYR C 486 -23.53 -34.31 10.92
C TYR C 486 -24.80 -33.91 10.20
N GLY C 487 -25.09 -34.52 9.06
CA GLY C 487 -26.20 -34.08 8.23
C GLY C 487 -25.73 -33.12 7.15
N PHE C 488 -26.39 -33.20 6.00
CA PHE C 488 -25.88 -32.51 4.82
C PHE C 488 -25.87 -31.00 5.00
N GLU C 489 -26.93 -30.43 5.58
CA GLU C 489 -26.97 -28.98 5.77
C GLU C 489 -25.92 -28.52 6.76
N ASN C 490 -25.81 -29.22 7.89
CA ASN C 490 -24.82 -28.83 8.91
C ASN C 490 -23.40 -29.07 8.40
N TYR C 491 -23.20 -30.11 7.60
CA TYR C 491 -21.92 -30.32 6.95
C TYR C 491 -21.60 -29.18 6.01
N TRP C 492 -22.58 -28.76 5.22
CA TRP C 492 -22.37 -27.76 4.18
C TRP C 492 -22.18 -26.37 4.78
N ARG C 493 -22.65 -26.20 6.03
CA ARG C 493 -22.58 -24.88 6.66
C ARG C 493 -21.15 -24.39 6.81
N GLU C 494 -20.24 -25.27 7.22
CA GLU C 494 -18.86 -24.86 7.45
C GLU C 494 -18.14 -24.63 6.13
N GLY C 495 -17.28 -23.61 6.10
CA GLY C 495 -16.59 -23.27 4.87
C GLY C 495 -15.58 -24.33 4.43
N ALA C 496 -14.79 -24.84 5.38
CA ALA C 496 -13.75 -25.80 5.01
C ALA C 496 -14.34 -27.13 4.57
N ASN C 497 -15.51 -27.48 5.11
CA ASN C 497 -16.16 -28.72 4.72
C ASN C 497 -16.53 -28.70 3.24
N ARG C 498 -16.95 -27.54 2.73
CA ARG C 498 -17.26 -27.45 1.31
C ARG C 498 -16.03 -27.72 0.45
N PHE C 499 -14.89 -27.14 0.82
CA PHE C 499 -13.67 -27.36 0.06
C PHE C 499 -13.25 -28.83 0.10
N ASP C 500 -13.31 -29.44 1.28
CA ASP C 500 -12.97 -30.86 1.39
C ASP C 500 -13.94 -31.72 0.58
N PHE C 501 -15.21 -31.35 0.57
CA PHE C 501 -16.21 -32.08 -0.21
C PHE C 501 -15.88 -32.05 -1.70
N LEU C 502 -15.61 -30.86 -2.24
CA LEU C 502 -15.26 -30.78 -3.66
C LEU C 502 -13.99 -31.56 -3.96
N VAL C 503 -12.99 -31.45 -3.08
CA VAL C 503 -11.72 -32.14 -3.33
C VAL C 503 -11.92 -33.65 -3.36
N THR C 504 -12.64 -34.19 -2.37
CA THR C 504 -12.80 -35.64 -2.33
C THR C 504 -13.68 -36.13 -3.48
N TRP C 505 -14.65 -35.31 -3.91
CA TRP C 505 -15.48 -35.73 -5.03
C TRP C 505 -14.69 -35.76 -6.32
N VAL C 506 -13.82 -34.77 -6.55
CA VAL C 506 -13.01 -34.83 -7.75
C VAL C 506 -12.02 -35.98 -7.68
N ILE C 507 -11.52 -36.29 -6.47
CA ILE C 507 -10.63 -37.45 -6.31
C ILE C 507 -11.35 -38.73 -6.72
N VAL C 508 -12.56 -38.95 -6.21
CA VAL C 508 -13.24 -40.20 -6.50
C VAL C 508 -13.64 -40.27 -7.97
N ILE C 509 -14.05 -39.13 -8.56
CA ILE C 509 -14.37 -39.13 -9.99
C ILE C 509 -13.16 -39.50 -10.81
N GLY C 510 -12.01 -38.89 -10.53
CA GLY C 510 -10.80 -39.23 -11.26
C GLY C 510 -10.39 -40.67 -11.07
N GLU C 511 -10.49 -41.18 -9.84
CA GLU C 511 -10.10 -42.55 -9.58
C GLU C 511 -10.97 -43.54 -10.34
N THR C 512 -12.29 -43.31 -10.34
CA THR C 512 -13.16 -44.24 -11.05
C THR C 512 -12.99 -44.12 -12.56
N ALA C 513 -12.68 -42.91 -13.05
CA ALA C 513 -12.38 -42.75 -14.47
C ALA C 513 -11.12 -43.53 -14.86
N THR C 514 -10.08 -43.45 -14.02
CA THR C 514 -8.87 -44.21 -14.29
C THR C 514 -9.12 -45.71 -14.22
N PHE C 515 -9.90 -46.16 -13.24
CA PHE C 515 -10.11 -47.59 -13.07
C PHE C 515 -10.96 -48.18 -14.19
N ILE C 516 -11.99 -47.46 -14.63
CA ILE C 516 -12.96 -48.04 -15.55
C ILE C 516 -12.31 -48.33 -16.90
N THR C 517 -11.38 -47.48 -17.34
CA THR C 517 -10.75 -47.64 -18.64
C THR C 517 -9.33 -48.13 -18.48
N PRO C 518 -9.04 -49.40 -18.74
CA PRO C 518 -7.64 -49.90 -18.68
C PRO C 518 -6.92 -49.71 -20.02
N ASP C 519 -6.72 -48.44 -20.39
CA ASP C 519 -6.08 -48.10 -21.66
C ASP C 519 -5.06 -46.99 -21.42
N GLU C 520 -4.36 -46.62 -22.50
CA GLU C 520 -3.29 -45.63 -22.43
C GLU C 520 -3.88 -44.24 -22.71
N ASN C 521 -4.59 -43.73 -21.72
CA ASN C 521 -5.18 -42.40 -21.82
C ASN C 521 -4.09 -41.33 -21.72
N THR C 522 -4.42 -40.12 -22.19
CA THR C 522 -3.44 -39.05 -22.22
C THR C 522 -3.09 -38.56 -20.82
N PHE C 523 -4.10 -38.39 -19.96
CA PHE C 523 -3.90 -37.74 -18.67
C PHE C 523 -4.07 -38.70 -17.49
N PHE C 524 -5.10 -39.53 -17.50
CA PHE C 524 -5.42 -40.33 -16.32
C PHE C 524 -4.47 -41.50 -16.16
N SER C 525 -3.93 -42.01 -17.27
CA SER C 525 -3.09 -43.22 -17.20
C SER C 525 -1.81 -42.97 -16.42
N ASN C 526 -1.29 -41.74 -16.46
CA ASN C 526 -0.06 -41.43 -15.74
C ASN C 526 -0.24 -41.60 -14.24
N GLY C 527 -1.36 -41.13 -13.69
CA GLY C 527 -1.63 -41.25 -12.28
C GLY C 527 -0.95 -40.24 -11.39
N GLU C 528 -0.14 -39.35 -11.96
CA GLU C 528 0.53 -38.34 -11.14
C GLU C 528 -0.46 -37.33 -10.58
N TRP C 529 -1.53 -37.03 -11.32
CA TRP C 529 -2.45 -35.96 -10.95
C TRP C 529 -2.92 -36.08 -9.51
N ILE C 530 -3.14 -37.31 -9.05
CA ILE C 530 -3.76 -37.52 -7.74
C ILE C 530 -2.97 -36.78 -6.66
N ARG C 531 -1.64 -36.73 -6.79
CA ARG C 531 -0.83 -36.14 -5.73
C ARG C 531 -1.26 -34.70 -5.47
N TYR C 532 -1.48 -33.93 -6.54
CA TYR C 532 -1.85 -32.53 -6.35
C TYR C 532 -3.13 -32.41 -5.55
N LEU C 533 -4.13 -33.24 -5.86
CA LEU C 533 -5.36 -33.21 -5.09
C LEU C 533 -5.10 -33.47 -3.62
N LEU C 534 -4.29 -34.49 -3.31
CA LEU C 534 -3.96 -34.75 -1.91
C LEU C 534 -3.23 -33.56 -1.30
N LEU C 535 -2.36 -32.91 -2.07
CA LEU C 535 -1.72 -31.71 -1.55
C LEU C 535 -2.77 -30.66 -1.21
N ALA C 536 -3.76 -30.48 -2.07
CA ALA C 536 -4.87 -29.61 -1.73
C ALA C 536 -5.57 -30.10 -0.48
N ARG C 537 -5.79 -31.42 -0.39
CA ARG C 537 -6.45 -31.98 0.78
C ARG C 537 -5.66 -31.70 2.05
N MET C 538 -4.36 -31.44 1.91
CA MET C 538 -3.54 -31.20 3.08
C MET C 538 -3.27 -29.72 3.32
N LEU C 539 -3.92 -28.82 2.57
CA LEU C 539 -3.80 -27.41 2.90
C LEU C 539 -4.29 -27.15 4.32
N ARG C 540 -5.16 -28.01 4.83
CA ARG C 540 -5.67 -27.85 6.19
C ARG C 540 -4.54 -27.85 7.22
N LEU C 541 -3.37 -28.41 6.88
CA LEU C 541 -2.25 -28.34 7.82
C LEU C 541 -2.00 -26.91 8.26
N ILE C 542 -2.07 -25.96 7.33
CA ILE C 542 -1.71 -24.59 7.66
C ILE C 542 -2.60 -24.05 8.77
N ARG C 543 -3.81 -24.59 8.91
CA ARG C 543 -4.71 -24.09 9.94
C ARG C 543 -4.16 -24.35 11.33
N LEU C 544 -3.41 -25.43 11.53
CA LEU C 544 -2.79 -25.68 12.83
C LEU C 544 -1.84 -24.56 13.23
N LEU C 545 -1.33 -23.79 12.26
CA LEU C 545 -0.41 -22.71 12.61
C LEU C 545 -1.13 -21.58 13.34
N MET C 546 -2.47 -21.62 13.41
CA MET C 546 -3.16 -20.67 14.26
C MET C 546 -2.85 -20.90 15.73
N ASN C 547 -2.36 -22.09 16.08
CA ASN C 547 -2.08 -22.39 17.48
C ASN C 547 -0.97 -21.49 18.03
N VAL C 548 0.11 -21.32 17.27
CA VAL C 548 1.22 -20.50 17.75
C VAL C 548 0.83 -19.04 17.71
N GLN C 549 1.32 -18.28 18.69
CA GLN C 549 0.89 -16.89 18.84
C GLN C 549 1.49 -16.00 17.75
N ARG C 550 2.68 -16.34 17.27
CA ARG C 550 3.37 -15.47 16.34
C ARG C 550 2.62 -15.34 15.02
N TYR C 551 2.10 -16.46 14.50
CA TYR C 551 1.53 -16.50 13.17
C TYR C 551 0.00 -16.52 13.16
N ARG C 552 -0.64 -16.23 14.29
CA ARG C 552 -2.10 -16.28 14.34
C ARG C 552 -2.73 -15.24 13.42
N ALA C 553 -2.25 -14.00 13.50
CA ALA C 553 -2.86 -12.91 12.74
C ALA C 553 -2.74 -13.13 11.24
N PHE C 554 -1.56 -13.53 10.79
CA PHE C 554 -1.33 -13.71 9.36
C PHE C 554 -2.25 -14.78 8.78
N ILE C 555 -2.27 -15.97 9.40
CA ILE C 555 -3.06 -17.07 8.89
C ILE C 555 -4.54 -16.76 8.98
N ALA C 556 -4.98 -16.20 10.10
CA ALA C 556 -6.40 -15.86 10.26
C ALA C 556 -6.84 -14.85 9.20
N THR C 557 -6.02 -13.83 8.98
CA THR C 557 -6.36 -12.82 7.97
C THR C 557 -6.40 -13.42 6.58
N PHE C 558 -5.45 -14.30 6.26
CA PHE C 558 -5.44 -14.94 4.94
C PHE C 558 -6.70 -15.76 4.72
N ILE C 559 -7.06 -16.60 5.69
CA ILE C 559 -8.22 -17.47 5.54
C ILE C 559 -9.50 -16.65 5.46
N THR C 560 -9.59 -15.60 6.28
CA THR C 560 -10.73 -14.70 6.19
C THR C 560 -10.76 -13.98 4.84
N LEU C 561 -9.57 -13.69 4.29
CA LEU C 561 -9.49 -12.91 3.06
C LEU C 561 -10.03 -13.67 1.86
N ILE C 562 -9.70 -14.97 1.77
CA ILE C 562 -10.03 -15.72 0.54
C ILE C 562 -11.50 -15.53 0.13
N PRO C 563 -12.49 -15.99 0.90
CA PRO C 563 -13.88 -15.81 0.43
C PRO C 563 -14.33 -14.36 0.45
N SER C 564 -13.77 -13.56 1.35
CA SER C 564 -14.14 -12.16 1.43
C SER C 564 -13.61 -11.37 0.25
N LEU C 565 -12.46 -11.77 -0.28
CA LEU C 565 -11.86 -11.10 -1.43
C LEU C 565 -12.27 -11.73 -2.76
N MET C 566 -13.02 -12.82 -2.75
CA MET C 566 -13.57 -13.33 -4.01
C MET C 566 -14.34 -12.31 -4.84
N PRO C 567 -15.25 -11.50 -4.29
CA PRO C 567 -16.06 -10.63 -5.17
C PRO C 567 -15.28 -9.55 -5.90
N TYR C 568 -14.29 -8.93 -5.24
CA TYR C 568 -13.50 -7.91 -5.93
C TYR C 568 -12.66 -8.53 -7.04
N LEU C 569 -12.12 -9.72 -6.80
CA LEU C 569 -11.43 -10.45 -7.85
C LEU C 569 -12.37 -10.78 -9.00
N GLY C 570 -13.62 -11.11 -8.69
CA GLY C 570 -14.59 -11.36 -9.74
C GLY C 570 -14.90 -10.12 -10.56
N THR C 571 -14.99 -8.97 -9.90
CA THR C 571 -15.19 -7.71 -10.64
C THR C 571 -14.02 -7.43 -11.57
N ILE C 572 -12.79 -7.62 -11.07
CA ILE C 572 -11.62 -7.46 -11.93
C ILE C 572 -11.67 -8.44 -13.10
N PHE C 573 -12.10 -9.67 -12.83
CA PHE C 573 -12.18 -10.68 -13.89
C PHE C 573 -13.17 -10.27 -14.96
N CYS C 574 -14.30 -9.68 -14.57
CA CYS C 574 -15.29 -9.28 -15.56
C CYS C 574 -14.81 -8.06 -16.35
N VAL C 575 -14.08 -7.15 -15.71
CA VAL C 575 -13.47 -6.05 -16.45
C VAL C 575 -12.48 -6.60 -17.48
N LEU C 576 -11.69 -7.59 -17.09
CA LEU C 576 -10.81 -8.26 -18.03
C LEU C 576 -11.58 -8.90 -19.17
N CYS C 577 -12.73 -9.49 -18.88
CA CYS C 577 -13.55 -10.10 -19.94
C CYS C 577 -14.00 -9.05 -20.94
N ILE C 578 -14.44 -7.89 -20.46
CA ILE C 578 -14.89 -6.83 -21.36
C ILE C 578 -13.74 -6.33 -22.22
N TYR C 579 -12.58 -6.06 -21.61
CA TYR C 579 -11.42 -5.63 -22.39
C TYR C 579 -10.97 -6.70 -23.37
N CYS C 580 -11.09 -7.97 -23.00
CA CYS C 580 -10.69 -9.03 -23.90
C CYS C 580 -11.61 -9.09 -25.11
N SER C 581 -12.91 -8.91 -24.90
CA SER C 581 -13.84 -8.85 -26.03
C SER C 581 -13.51 -7.67 -26.94
N ILE C 582 -13.24 -6.50 -26.36
CA ILE C 582 -12.90 -5.33 -27.17
C ILE C 582 -11.63 -5.59 -27.96
N GLY C 583 -10.62 -6.17 -27.31
CA GLY C 583 -9.36 -6.40 -27.99
C GLY C 583 -9.47 -7.44 -29.09
N VAL C 584 -10.25 -8.49 -28.87
CA VAL C 584 -10.45 -9.48 -29.92
C VAL C 584 -11.20 -8.86 -31.09
N GLN C 585 -12.14 -7.97 -30.79
CA GLN C 585 -12.88 -7.30 -31.86
C GLN C 585 -11.98 -6.38 -32.68
N VAL C 586 -11.07 -5.68 -32.02
CA VAL C 586 -10.28 -4.67 -32.73
C VAL C 586 -9.04 -5.28 -33.37
N PHE C 587 -8.20 -5.95 -32.58
CA PHE C 587 -6.92 -6.48 -33.03
C PHE C 587 -7.00 -7.95 -33.44
N GLY C 588 -8.12 -8.38 -34.02
CA GLY C 588 -8.37 -9.81 -34.18
C GLY C 588 -7.33 -10.52 -35.03
N GLY C 589 -7.02 -9.97 -36.21
CA GLY C 589 -6.17 -10.68 -37.14
C GLY C 589 -4.81 -10.10 -37.40
N LEU C 590 -4.34 -9.18 -36.55
CA LEU C 590 -3.11 -8.46 -36.83
C LEU C 590 -1.89 -9.38 -36.78
N VAL C 591 -1.84 -10.29 -35.81
CA VAL C 591 -0.68 -11.15 -35.63
C VAL C 591 -0.80 -12.34 -36.56
N ASN C 592 0.17 -12.49 -37.45
CA ASN C 592 0.19 -13.56 -38.44
C ASN C 592 1.60 -14.10 -38.56
N ALA C 593 1.71 -15.34 -39.03
CA ALA C 593 3.03 -15.89 -39.33
C ALA C 593 3.66 -15.18 -40.51
N GLY C 594 2.86 -14.80 -41.50
CA GLY C 594 3.32 -14.13 -42.70
C GLY C 594 3.34 -12.62 -42.65
N ASN C 595 3.05 -12.02 -41.50
CA ASN C 595 3.04 -10.56 -41.42
C ASN C 595 4.46 -10.03 -41.35
N LYS C 596 4.83 -9.19 -42.32
CA LYS C 596 6.20 -8.72 -42.41
C LYS C 596 6.54 -7.73 -41.30
N LYS C 597 5.60 -6.84 -40.96
CA LYS C 597 5.89 -5.82 -39.96
C LYS C 597 6.02 -6.43 -38.57
N LEU C 598 5.47 -7.62 -38.36
CA LEU C 598 5.47 -8.22 -37.04
C LEU C 598 6.87 -8.56 -36.57
N PHE C 599 7.70 -9.13 -37.46
CA PHE C 599 9.00 -9.64 -37.04
C PHE C 599 9.94 -8.51 -36.66
N GLU C 600 9.66 -7.29 -37.13
CA GLU C 600 10.50 -6.16 -36.74
C GLU C 600 10.11 -5.63 -35.36
N THR C 601 8.94 -6.01 -34.87
CA THR C 601 8.47 -5.51 -33.59
C THR C 601 9.16 -6.23 -32.43
N GLU C 602 8.84 -5.78 -31.22
CA GLU C 602 9.49 -6.32 -30.03
C GLU C 602 8.92 -7.68 -29.65
N LEU C 603 7.69 -7.98 -30.06
CA LEU C 603 7.09 -9.27 -29.73
C LEU C 603 7.92 -10.41 -30.30
N ALA C 604 8.35 -10.30 -31.56
CA ALA C 604 9.19 -11.34 -32.15
C ALA C 604 10.55 -11.41 -31.45
N GLU C 605 11.12 -10.26 -31.11
CA GLU C 605 12.44 -10.25 -30.48
C GLU C 605 12.41 -10.94 -29.12
N ASP C 606 11.36 -10.70 -28.34
CA ASP C 606 11.22 -11.35 -27.05
C ASP C 606 10.45 -12.67 -27.14
N ASP C 607 9.98 -13.04 -28.33
CA ASP C 607 9.21 -14.26 -28.55
C ASP C 607 7.97 -14.25 -27.64
N TYR C 608 7.05 -13.32 -27.92
CA TYR C 608 5.81 -13.20 -27.18
C TYR C 608 4.60 -13.47 -28.07
N LEU C 609 4.81 -14.12 -29.22
CA LEU C 609 3.74 -14.24 -30.21
C LEU C 609 2.55 -15.02 -29.67
N LEU C 610 2.79 -15.92 -28.72
CA LEU C 610 1.69 -16.72 -28.18
C LEU C 610 0.76 -15.90 -27.30
N PHE C 611 1.13 -14.68 -26.95
CA PHE C 611 0.29 -13.81 -26.13
C PHE C 611 -0.45 -12.76 -26.96
N ASN C 612 -0.87 -13.11 -28.18
CA ASN C 612 -1.56 -12.16 -29.03
C ASN C 612 -3.02 -12.03 -28.62
N PHE C 613 -3.77 -11.29 -29.42
CA PHE C 613 -5.20 -11.09 -29.22
C PHE C 613 -6.05 -11.82 -30.26
N ASN C 614 -5.51 -12.86 -30.89
CA ASN C 614 -6.21 -13.48 -32.02
C ASN C 614 -7.53 -14.10 -31.59
N ASP C 615 -7.55 -14.79 -30.45
CA ASP C 615 -8.78 -15.40 -29.96
C ASP C 615 -8.97 -15.05 -28.49
N TYR C 616 -10.16 -15.35 -28.00
CA TYR C 616 -10.56 -14.86 -26.69
C TYR C 616 -9.72 -15.43 -25.54
N PRO C 617 -9.45 -16.74 -25.46
CA PRO C 617 -8.58 -17.22 -24.37
C PRO C 617 -7.20 -16.61 -24.37
N ASN C 618 -6.59 -16.41 -25.55
CA ASN C 618 -5.30 -15.75 -25.61
C ASN C 618 -5.40 -14.30 -25.13
N GLY C 619 -6.50 -13.64 -25.48
CA GLY C 619 -6.73 -12.30 -24.97
C GLY C 619 -6.78 -12.26 -23.46
N MET C 620 -7.41 -13.27 -22.84
CA MET C 620 -7.46 -13.30 -21.38
C MET C 620 -6.06 -13.41 -20.78
N VAL C 621 -5.22 -14.28 -21.35
CA VAL C 621 -3.89 -14.47 -20.79
C VAL C 621 -3.03 -13.22 -20.98
N THR C 622 -3.11 -12.60 -22.16
CA THR C 622 -2.31 -11.40 -22.38
C THR C 622 -2.79 -10.24 -21.51
N LEU C 623 -4.10 -10.16 -21.27
CA LEU C 623 -4.61 -9.14 -20.35
C LEU C 623 -4.11 -9.41 -18.94
N PHE C 624 -4.06 -10.67 -18.53
CA PHE C 624 -3.49 -10.98 -17.21
C PHE C 624 -2.03 -10.57 -17.14
N ASN C 625 -1.28 -10.80 -18.22
CA ASN C 625 0.13 -10.38 -18.23
C ASN C 625 0.24 -8.87 -18.13
N LEU C 626 -0.66 -8.13 -18.79
CA LEU C 626 -0.70 -6.68 -18.62
C LEU C 626 -1.05 -6.30 -17.19
N LEU C 627 -1.81 -7.17 -16.50
CA LEU C 627 -2.29 -6.84 -15.17
C LEU C 627 -1.15 -6.78 -14.15
N VAL C 628 -0.15 -7.66 -14.30
CA VAL C 628 0.94 -7.69 -13.34
C VAL C 628 1.98 -6.60 -13.58
N MET C 629 1.81 -5.80 -14.64
CA MET C 629 2.74 -4.72 -14.97
C MET C 629 4.16 -5.26 -15.19
N GLY C 630 4.27 -6.47 -15.73
CA GLY C 630 5.57 -7.03 -16.03
C GLY C 630 5.86 -7.00 -17.52
N ASN C 631 6.75 -6.09 -17.93
CA ASN C 631 7.05 -5.88 -19.35
C ASN C 631 5.78 -5.58 -20.13
N TRP C 632 4.96 -4.67 -19.58
CA TRP C 632 3.65 -4.41 -20.17
C TRP C 632 3.74 -3.48 -21.38
N GLN C 633 4.84 -2.76 -21.53
CA GLN C 633 4.91 -1.76 -22.60
C GLN C 633 5.25 -2.40 -23.94
N VAL C 634 5.74 -3.64 -23.94
CA VAL C 634 6.08 -4.29 -25.19
C VAL C 634 4.83 -4.51 -26.03
N TRP C 635 3.72 -4.90 -25.39
CA TRP C 635 2.47 -5.07 -26.13
C TRP C 635 1.98 -3.75 -26.70
N MET C 636 2.02 -2.68 -25.90
CA MET C 636 1.61 -1.37 -26.40
C MET C 636 2.41 -0.97 -27.61
N GLU C 637 3.74 -1.01 -27.50
CA GLU C 637 4.59 -0.55 -28.59
C GLU C 637 4.41 -1.42 -29.83
N SER C 638 4.36 -2.75 -29.64
CA SER C 638 4.23 -3.65 -30.77
C SER C 638 2.92 -3.45 -31.49
N TYR C 639 1.81 -3.32 -30.75
CA TYR C 639 0.53 -3.17 -31.41
C TYR C 639 0.37 -1.78 -32.01
N LYS C 640 1.04 -0.78 -31.43
CA LYS C 640 1.04 0.54 -32.05
C LYS C 640 1.75 0.52 -33.38
N ASP C 641 2.88 -0.18 -33.48
CA ASP C 641 3.54 -0.34 -34.77
C ASP C 641 2.70 -1.17 -35.72
N LEU C 642 2.03 -2.20 -35.21
CA LEU C 642 1.33 -3.13 -36.08
C LEU C 642 0.08 -2.49 -36.68
N THR C 643 -0.71 -1.80 -35.86
CA THR C 643 -1.94 -1.18 -36.37
C THR C 643 -1.62 0.05 -37.21
N GLY C 644 -0.64 0.84 -36.81
CA GLY C 644 -0.25 2.01 -37.55
C GLY C 644 -0.86 3.31 -37.09
N THR C 645 -1.72 3.28 -36.08
CA THR C 645 -2.35 4.47 -35.54
C THR C 645 -2.03 4.60 -34.06
N TRP C 646 -1.74 5.82 -33.63
CA TRP C 646 -1.47 6.07 -32.21
C TRP C 646 -2.67 5.79 -31.33
N TRP C 647 -3.87 5.91 -31.87
CA TRP C 647 -5.08 5.73 -31.06
C TRP C 647 -5.12 4.38 -30.36
N SER C 648 -4.44 3.38 -30.92
CA SER C 648 -4.43 2.06 -30.31
C SER C 648 -3.94 2.13 -28.87
N ILE C 649 -2.90 2.94 -28.60
CA ILE C 649 -2.36 2.99 -27.25
C ILE C 649 -3.44 3.40 -26.27
N THR C 650 -4.41 4.20 -26.72
CA THR C 650 -5.56 4.54 -25.89
C THR C 650 -6.07 3.32 -25.15
N TYR C 651 -6.42 2.27 -25.89
CA TYR C 651 -6.91 1.04 -25.28
C TYR C 651 -6.02 0.64 -24.11
N PHE C 652 -4.74 0.40 -24.39
CA PHE C 652 -3.83 -0.06 -23.34
C PHE C 652 -3.76 0.96 -22.22
N VAL C 653 -3.65 2.25 -22.56
CA VAL C 653 -3.57 3.27 -21.52
C VAL C 653 -4.80 3.19 -20.63
N SER C 654 -5.98 3.05 -21.24
CA SER C 654 -7.20 2.94 -20.45
C SER C 654 -7.10 1.78 -19.48
N PHE C 655 -6.61 0.63 -19.95
CA PHE C 655 -6.52 -0.53 -19.08
C PHE C 655 -5.67 -0.24 -17.86
N TYR C 656 -4.64 0.59 -18.01
CA TYR C 656 -3.81 0.91 -16.87
C TYR C 656 -4.52 1.86 -15.92
N VAL C 657 -5.29 2.81 -16.48
CA VAL C 657 -5.90 3.85 -15.64
C VAL C 657 -7.03 3.26 -14.81
N ILE C 658 -7.90 2.47 -15.45
CA ILE C 658 -9.08 1.95 -14.76
C ILE C 658 -8.70 0.82 -13.80
N THR C 659 -7.87 -0.11 -14.26
CA THR C 659 -7.63 -1.32 -13.49
C THR C 659 -6.52 -1.14 -12.47
N ILE C 660 -5.32 -0.75 -12.92
CA ILE C 660 -4.15 -0.79 -12.06
C ILE C 660 -4.22 0.30 -10.99
N LEU C 661 -4.62 1.51 -11.39
CA LEU C 661 -4.62 2.61 -10.43
C LEU C 661 -5.77 2.49 -9.44
N LEU C 662 -6.92 1.98 -9.90
CA LEU C 662 -8.13 1.97 -9.09
C LEU C 662 -8.41 0.63 -8.44
N LEU C 663 -8.52 -0.44 -9.23
CA LEU C 663 -9.01 -1.71 -8.69
C LEU C 663 -7.97 -2.37 -7.80
N LEU C 664 -6.71 -2.41 -8.24
CA LEU C 664 -5.68 -3.07 -7.45
C LEU C 664 -5.41 -2.31 -6.16
N ASN C 665 -5.44 -0.98 -6.22
CA ASN C 665 -5.33 -0.20 -4.99
C ASN C 665 -6.50 -0.46 -4.06
N LEU C 666 -7.69 -0.68 -4.63
CA LEU C 666 -8.84 -1.06 -3.81
C LEU C 666 -8.61 -2.39 -3.13
N VAL C 667 -8.01 -3.35 -3.85
CA VAL C 667 -7.71 -4.65 -3.25
C VAL C 667 -6.70 -4.51 -2.12
N VAL C 668 -5.69 -3.67 -2.32
CA VAL C 668 -4.70 -3.43 -1.26
C VAL C 668 -5.37 -2.81 -0.05
N ALA C 669 -6.26 -1.84 -0.28
CA ALA C 669 -7.01 -1.24 0.82
C ALA C 669 -7.83 -2.27 1.57
N PHE C 670 -8.48 -3.16 0.83
CA PHE C 670 -9.31 -4.18 1.48
C PHE C 670 -8.46 -5.12 2.30
N VAL C 671 -7.27 -5.50 1.79
CA VAL C 671 -6.40 -6.39 2.55
C VAL C 671 -5.95 -5.72 3.85
N LEU C 672 -5.57 -4.44 3.77
CA LEU C 672 -5.17 -3.72 4.97
C LEU C 672 -6.30 -3.65 5.99
N GLU C 673 -7.50 -3.32 5.52
CA GLU C 673 -8.65 -3.21 6.42
C GLU C 673 -8.97 -4.55 7.07
N ALA C 674 -8.93 -5.63 6.30
CA ALA C 674 -9.18 -6.95 6.85
C ALA C 674 -8.15 -7.32 7.89
N PHE C 675 -6.87 -7.00 7.63
CA PHE C 675 -5.84 -7.30 8.61
C PHE C 675 -6.07 -6.54 9.91
N PHE C 676 -6.42 -5.25 9.82
CA PHE C 676 -6.64 -4.49 11.04
C PHE C 676 -7.85 -5.01 11.81
N THR C 677 -8.90 -5.40 11.08
CA THR C 677 -10.07 -5.97 11.74
C THR C 677 -9.73 -7.26 12.48
N GLU C 678 -8.97 -8.13 11.82
CA GLU C 678 -8.56 -9.36 12.49
C GLU C 678 -7.69 -9.05 13.71
N LEU C 679 -6.80 -8.08 13.58
CA LEU C 679 -5.88 -7.75 14.67
C LEU C 679 -6.63 -7.25 15.90
N ASP C 680 -7.52 -6.27 15.73
CA ASP C 680 -8.19 -5.74 16.93
C ASP C 680 -9.25 -6.71 17.43
N LEU C 681 -9.77 -7.59 16.56
CA LEU C 681 -10.60 -8.69 17.05
C LEU C 681 -9.80 -9.61 17.97
N GLU C 682 -8.58 -9.96 17.55
CA GLU C 682 -7.72 -10.79 18.39
C GLU C 682 -7.40 -10.09 19.71
N GLU C 683 -7.14 -8.78 19.66
CA GLU C 683 -6.88 -8.04 20.88
C GLU C 683 -8.10 -8.05 21.81
N GLU C 684 -9.30 -7.82 21.25
CA GLU C 684 -10.50 -7.82 22.05
C GLU C 684 -10.81 -9.20 22.62
N GLU C 685 -10.32 -10.25 21.95
CA GLU C 685 -10.50 -11.60 22.48
C GLU C 685 -9.82 -11.76 23.84
N LYS C 686 -8.64 -11.19 24.00
CA LYS C 686 -7.91 -11.24 25.27
C LYS C 686 -8.72 -10.59 26.38
N UNK D 1 -27.00 -14.33 32.30
CA UNK D 1 -27.71 -13.34 31.48
C UNK D 1 -28.42 -12.33 32.37
N UNK D 2 -28.27 -12.48 33.68
CA UNK D 2 -28.91 -11.56 34.61
C UNK D 2 -28.39 -10.14 34.44
N UNK D 3 -27.08 -9.99 34.25
CA UNK D 3 -26.51 -8.66 34.05
C UNK D 3 -27.01 -8.03 32.76
N UNK D 4 -27.08 -8.80 31.68
CA UNK D 4 -27.55 -8.26 30.41
C UNK D 4 -29.03 -7.88 30.50
N UNK D 5 -29.84 -8.71 31.16
CA UNK D 5 -31.25 -8.37 31.33
C UNK D 5 -31.42 -7.13 32.19
N UNK D 6 -30.60 -7.00 33.24
CA UNK D 6 -30.65 -5.80 34.06
C UNK D 6 -30.26 -4.56 33.26
N UNK D 7 -29.26 -4.68 32.39
CA UNK D 7 -28.87 -3.57 31.52
C UNK D 7 -30.00 -3.21 30.57
N UNK D 8 -30.67 -4.22 30.01
CA UNK D 8 -31.80 -3.96 29.12
C UNK D 8 -32.93 -3.26 29.85
N UNK D 9 -33.21 -3.68 31.09
CA UNK D 9 -34.24 -3.01 31.88
C UNK D 9 -33.85 -1.58 32.20
N UNK D 10 -32.57 -1.35 32.50
CA UNK D 10 -32.10 0.01 32.77
C UNK D 10 -32.24 0.89 31.53
N UNK D 11 -31.96 0.32 30.36
CA UNK D 11 -32.15 1.08 29.12
C UNK D 11 -33.62 1.46 28.91
N UNK D 12 -34.52 0.72 29.56
CA UNK D 12 -35.95 1.03 29.49
C UNK D 12 -36.32 2.07 30.54
#